data_4YXQ
#
_entry.id   4YXQ
#
_cell.length_a   74.620
_cell.length_b   122.040
_cell.length_c   198.330
_cell.angle_alpha   90.000
_cell.angle_beta   90.000
_cell.angle_gamma   90.000
#
_symmetry.space_group_name_H-M   'P 21 21 21'
#
loop_
_entity.id
_entity.type
_entity.pdbx_description
1 polymer 'Polyketide biosynthesis 3-hydroxy-3-methylglutaryl-ACP synthase PksG'
2 non-polymer DI(HYDROXYETHYL)ETHER
3 water water
#
_entity_poly.entity_id   1
_entity_poly.type   'polypeptide(L)'
_entity_poly.pdbx_seq_one_letter_code
;MVSAGIEAMNVFGGTAYLDVMELAKYRHLDTARFENLLMKEKAVALPYEDPVTFGVNAAKPIIDALSEAEKDRIELLITC
SESGIDFGKSLSTYIHEYLGLNRNCRLFEVKQACYSGTAGFQMAVNFILSQTSPGAKALVIASDISRFLIAEGGDALSED
WSYAEPSAGAGAVAVLVGENPEVFQIDPGANGYYGYEVMDTCRPIPDSEAGDSDLSLMSYLDCCEQTFLEYQKRVPGANY
QDTFQYLAYHTPFGGMVKGAHRTMMRKVAKVKTSGIETDFLTRVKPGLNYCQRVGNIMGAALFLALASTIDQGRFDTPKR
IGCFSYGSGCCSEFYSGITTPQGQERQRTFGIEKHLDRRYQLSMEEYELLFKGSGMVRFGTRNVKLDFEMIPGIMQSTQE
KPRLFLEEISEFHRKYRWIS
;
_entity_poly.pdbx_strand_id   A,B,C,D
#
loop_
_chem_comp.id
_chem_comp.type
_chem_comp.name
_chem_comp.formula
PEG non-polymer DI(HYDROXYETHYL)ETHER 'C4 H10 O3'
#
# COMPACT_ATOMS: atom_id res chain seq x y z
N VAL A 2 -15.59 29.13 -6.10
CA VAL A 2 -14.44 29.48 -7.03
C VAL A 2 -13.78 28.28 -7.75
N SER A 3 -13.63 28.36 -9.09
CA SER A 3 -13.03 27.29 -9.90
C SER A 3 -11.55 27.53 -10.06
N ALA A 4 -10.83 26.51 -10.48
CA ALA A 4 -9.39 26.63 -10.65
C ALA A 4 -8.84 25.67 -11.67
N GLY A 5 -7.82 26.11 -12.39
CA GLY A 5 -7.06 25.22 -13.25
C GLY A 5 -6.42 25.94 -14.41
N ILE A 6 -6.28 25.23 -15.51
CA ILE A 6 -5.52 25.72 -16.63
C ILE A 6 -6.39 26.63 -17.46
N GLU A 7 -5.95 27.87 -17.65
CA GLU A 7 -6.59 28.82 -18.53
C GLU A 7 -5.93 28.77 -19.87
N ALA A 8 -4.67 28.39 -19.90
CA ALA A 8 -3.94 28.22 -21.17
C ALA A 8 -2.66 27.45 -20.93
N MET A 9 -2.16 26.86 -21.99
CA MET A 9 -1.09 25.91 -21.90
C MET A 9 -0.39 25.82 -23.26
N ASN A 10 0.93 25.85 -23.25
CA ASN A 10 1.64 25.77 -24.49
C ASN A 10 2.95 25.05 -24.34
N VAL A 11 3.39 24.46 -25.45
CA VAL A 11 4.52 23.56 -25.52
C VAL A 11 5.62 24.20 -26.34
N PHE A 12 6.84 24.13 -25.87
CA PHE A 12 8.00 24.42 -26.69
C PHE A 12 8.81 23.15 -26.77
N GLY A 13 8.97 22.65 -27.99
CA GLY A 13 9.45 21.33 -28.25
C GLY A 13 10.77 21.41 -28.94
N GLY A 14 11.50 22.49 -28.71
CA GLY A 14 12.87 22.61 -29.22
C GLY A 14 12.94 23.41 -30.50
N THR A 15 14.16 23.79 -30.83
CA THR A 15 14.51 24.43 -32.06
C THR A 15 14.90 23.34 -33.06
N ALA A 16 15.50 22.27 -32.55
CA ALA A 16 16.04 21.21 -33.37
C ALA A 16 15.73 19.87 -32.76
N TYR A 17 15.68 18.86 -33.62
CA TYR A 17 15.32 17.49 -33.27
C TYR A 17 16.02 16.53 -34.19
N LEU A 18 16.08 15.27 -33.80
CA LEU A 18 16.59 14.24 -34.68
C LEU A 18 15.70 13.03 -34.66
N ASP A 19 15.98 12.14 -35.61
CA ASP A 19 15.22 10.92 -35.79
C ASP A 19 15.80 9.86 -34.87
N VAL A 20 14.99 9.32 -34.00
CA VAL A 20 15.51 8.47 -32.97
C VAL A 20 16.18 7.21 -33.51
N MET A 21 15.57 6.60 -34.51
CA MET A 21 16.08 5.32 -35.03
C MET A 21 17.43 5.54 -35.73
N GLU A 22 17.52 6.65 -36.45
CA GLU A 22 18.76 7.05 -37.12
C GLU A 22 19.90 7.16 -36.12
N LEU A 23 19.61 7.71 -34.95
CA LEU A 23 20.64 7.91 -33.94
C LEU A 23 21.05 6.62 -33.29
N ALA A 24 20.11 5.68 -33.14
CA ALA A 24 20.45 4.34 -32.67
C ALA A 24 21.42 3.63 -33.63
N LYS A 25 21.14 3.70 -34.94
CA LYS A 25 22.00 3.08 -35.95
C LYS A 25 23.38 3.69 -35.90
N TYR A 26 23.44 5.02 -36.01
CA TYR A 26 24.72 5.74 -36.02
C TYR A 26 25.57 5.50 -34.77
N ARG A 27 24.92 5.16 -33.66
CA ARG A 27 25.61 4.74 -32.44
C ARG A 27 25.86 3.23 -32.35
N HIS A 28 25.39 2.48 -33.36
CA HIS A 28 25.61 1.03 -33.45
C HIS A 28 24.97 0.34 -32.25
N LEU A 29 23.66 0.53 -32.09
CA LEU A 29 22.95 -0.10 -30.99
C LEU A 29 22.04 -1.21 -31.50
N ASP A 30 21.56 -2.05 -30.59
CA ASP A 30 20.62 -3.10 -30.94
C ASP A 30 19.25 -2.47 -31.30
N THR A 31 18.97 -2.36 -32.59
CA THR A 31 17.69 -1.83 -33.05
C THR A 31 16.47 -2.48 -32.43
N ALA A 32 16.55 -3.78 -32.14
CA ALA A 32 15.40 -4.53 -31.57
C ALA A 32 14.88 -3.91 -30.28
N ARG A 33 15.80 -3.58 -29.38
CA ARG A 33 15.43 -3.03 -28.10
C ARG A 33 14.70 -1.68 -28.26
N PHE A 34 14.57 -1.16 -29.50
CA PHE A 34 13.82 0.08 -29.80
C PHE A 34 12.44 -0.13 -30.47
N GLU A 35 12.22 -1.27 -31.09
CA GLU A 35 11.25 -1.32 -32.19
C GLU A 35 9.78 -1.18 -31.79
N ASN A 36 9.41 -1.55 -30.57
CA ASN A 36 8.01 -1.36 -30.21
C ASN A 36 7.68 -0.24 -29.24
N LEU A 37 8.63 0.66 -29.07
CA LEU A 37 8.55 1.65 -28.05
C LEU A 37 7.85 2.95 -28.43
N LEU A 38 7.30 3.07 -29.65
CA LEU A 38 6.53 4.23 -30.08
C LEU A 38 7.33 5.54 -30.12
N MET A 39 8.64 5.44 -30.30
CA MET A 39 9.51 6.60 -30.44
C MET A 39 9.73 6.93 -31.89
N LYS A 40 9.79 8.22 -32.20
CA LYS A 40 10.09 8.63 -33.56
C LYS A 40 11.15 9.74 -33.58
N GLU A 41 10.89 10.81 -32.84
CA GLU A 41 11.77 11.97 -32.86
C GLU A 41 12.16 12.32 -31.45
N LYS A 42 13.36 12.86 -31.29
CA LYS A 42 13.71 13.46 -30.03
C LYS A 42 14.21 14.87 -30.25
N ALA A 43 13.71 15.80 -29.43
CA ALA A 43 14.19 17.18 -29.44
C ALA A 43 15.53 17.23 -28.75
N VAL A 44 16.36 18.18 -29.15
CA VAL A 44 17.72 18.30 -28.64
C VAL A 44 18.02 19.78 -28.36
N ALA A 45 18.36 20.08 -27.13
CA ALA A 45 18.77 21.42 -26.80
C ALA A 45 20.12 21.73 -27.47
N LEU A 46 20.18 22.85 -28.19
CA LEU A 46 21.43 23.37 -28.68
C LEU A 46 22.23 23.99 -27.52
N PRO A 47 23.54 24.21 -27.71
CA PRO A 47 24.32 24.76 -26.63
C PRO A 47 23.93 26.19 -26.29
N TYR A 48 23.37 26.91 -27.25
CA TYR A 48 22.82 28.23 -26.98
C TYR A 48 21.35 28.17 -26.49
N GLU A 49 20.97 27.05 -25.88
CA GLU A 49 19.66 26.89 -25.31
C GLU A 49 19.82 26.30 -23.91
N ASP A 50 18.90 26.60 -23.01
CA ASP A 50 18.93 26.04 -21.67
C ASP A 50 17.49 26.00 -21.10
N PRO A 51 17.31 25.60 -19.83
CA PRO A 51 15.92 25.51 -19.36
C PRO A 51 15.20 26.83 -19.27
N VAL A 52 15.93 27.93 -19.20
CA VAL A 52 15.32 29.24 -19.23
C VAL A 52 14.78 29.50 -20.62
N THR A 53 15.63 29.27 -21.61
CA THR A 53 15.28 29.39 -23.04
C THR A 53 14.03 28.62 -23.36
N PHE A 54 14.03 27.35 -22.99
CA PHE A 54 12.88 26.50 -23.24
C PHE A 54 11.64 27.01 -22.49
N GLY A 55 11.82 27.42 -21.23
CA GLY A 55 10.68 27.87 -20.45
C GLY A 55 10.08 29.14 -21.01
N VAL A 56 10.95 30.09 -21.29
CA VAL A 56 10.51 31.38 -21.83
C VAL A 56 9.81 31.17 -23.19
N ASN A 57 10.40 30.38 -24.06
CA ASN A 57 9.79 30.14 -25.36
C ASN A 57 8.47 29.38 -25.23
N ALA A 58 8.34 28.48 -24.26
CA ALA A 58 7.01 27.88 -24.01
C ALA A 58 5.96 28.88 -23.59
N ALA A 59 6.33 29.77 -22.66
CA ALA A 59 5.38 30.70 -22.05
C ALA A 59 5.09 31.97 -22.83
N LYS A 60 6.00 32.36 -23.71
CA LYS A 60 5.84 33.63 -24.44
C LYS A 60 4.49 33.75 -25.16
N PRO A 61 4.10 32.72 -25.93
CA PRO A 61 2.83 32.91 -26.60
C PRO A 61 1.64 33.12 -25.65
N ILE A 62 1.69 32.56 -24.45
CA ILE A 62 0.61 32.71 -23.50
C ILE A 62 0.54 34.13 -23.03
N ILE A 63 1.70 34.66 -22.64
CA ILE A 63 1.82 36.04 -22.18
C ILE A 63 1.45 37.06 -23.29
N ASP A 64 1.95 36.88 -24.49
CA ASP A 64 1.51 37.67 -25.68
C ASP A 64 -0.01 37.80 -25.82
N ALA A 65 -0.74 36.72 -25.52
CA ALA A 65 -2.19 36.74 -25.74
C ALA A 65 -2.93 37.40 -24.59
N LEU A 66 -2.23 37.78 -23.53
CA LEU A 66 -2.90 38.39 -22.37
C LEU A 66 -2.89 39.90 -22.49
N SER A 67 -3.90 40.54 -21.92
CA SER A 67 -3.92 41.99 -21.79
C SER A 67 -2.86 42.39 -20.78
N GLU A 68 -2.56 43.68 -20.69
CA GLU A 68 -1.57 44.13 -19.73
C GLU A 68 -2.06 43.86 -18.33
N ALA A 69 -3.36 44.05 -18.14
CA ALA A 69 -3.94 43.89 -16.82
C ALA A 69 -3.94 42.40 -16.36
N GLU A 70 -4.25 41.49 -17.29
CA GLU A 70 -4.29 40.06 -16.98
C GLU A 70 -2.91 39.58 -16.60
N LYS A 71 -1.91 40.07 -17.29
CA LYS A 71 -0.50 39.67 -17.08
C LYS A 71 0.01 40.10 -15.70
N ASP A 72 -0.35 41.33 -15.32
CA ASP A 72 -0.02 41.86 -13.97
C ASP A 72 -0.70 41.10 -12.84
N ARG A 73 -1.72 40.29 -13.13
CA ARG A 73 -2.27 39.40 -12.11
C ARG A 73 -1.49 38.10 -11.92
N ILE A 74 -0.53 37.82 -12.80
CA ILE A 74 0.40 36.71 -12.55
C ILE A 74 1.27 37.04 -11.34
N GLU A 75 1.00 36.31 -10.25
CA GLU A 75 1.60 36.58 -8.94
C GLU A 75 2.37 35.38 -8.36
N LEU A 76 2.49 34.33 -9.15
CA LEU A 76 3.20 33.13 -8.73
C LEU A 76 3.79 32.51 -9.98
N LEU A 77 5.11 32.34 -9.97
CA LEU A 77 5.84 31.71 -11.07
C LEU A 77 6.68 30.61 -10.47
N ILE A 78 6.26 29.38 -10.70
CA ILE A 78 6.98 28.24 -10.28
C ILE A 78 7.56 27.57 -11.50
N THR A 79 8.87 27.32 -11.51
CA THR A 79 9.43 26.48 -12.59
C THR A 79 9.88 25.14 -12.04
N CYS A 80 9.61 24.11 -12.82
CA CYS A 80 9.69 22.70 -12.38
C CYS A 80 10.73 22.04 -13.26
N SER A 81 11.77 21.52 -12.63
CA SER A 81 12.91 21.02 -13.37
C SER A 81 13.76 20.05 -12.55
N GLU A 82 14.57 19.28 -13.26
CA GLU A 82 15.67 18.54 -12.72
C GLU A 82 16.89 18.86 -13.53
N SER A 83 16.86 20.01 -14.19
CA SER A 83 17.97 20.49 -15.01
C SER A 83 18.43 21.83 -14.48
N GLY A 84 18.44 21.99 -13.15
CA GLY A 84 18.84 23.21 -12.49
C GLY A 84 20.23 23.70 -12.87
N ILE A 85 20.41 25.03 -12.84
CA ILE A 85 21.66 25.68 -13.26
C ILE A 85 22.45 26.23 -12.08
N ASP A 86 21.92 26.08 -10.87
CA ASP A 86 22.49 26.68 -9.71
C ASP A 86 21.83 25.97 -8.52
N PHE A 87 22.54 25.89 -7.41
CA PHE A 87 21.97 25.24 -6.21
C PHE A 87 20.97 26.12 -5.45
N GLY A 88 21.01 27.44 -5.68
CA GLY A 88 20.12 28.38 -5.01
C GLY A 88 19.31 29.30 -5.90
N LYS A 89 19.88 29.80 -6.99
CA LYS A 89 19.18 30.68 -7.92
C LYS A 89 18.21 29.92 -8.79
N SER A 90 16.94 30.27 -8.68
CA SER A 90 15.92 29.55 -9.38
C SER A 90 15.91 29.98 -10.84
N LEU A 91 15.58 29.03 -11.71
CA LEU A 91 15.30 29.35 -13.11
C LEU A 91 14.22 30.43 -13.19
N SER A 92 13.30 30.47 -12.21
CA SER A 92 12.22 31.44 -12.25
C SER A 92 12.70 32.92 -12.29
N THR A 93 13.85 33.24 -11.68
CA THR A 93 14.38 34.59 -11.72
C THR A 93 14.59 35.06 -13.18
N TYR A 94 15.36 34.29 -13.95
CA TYR A 94 15.61 34.66 -15.33
C TYR A 94 14.32 34.65 -16.16
N ILE A 95 13.47 33.67 -15.92
CA ILE A 95 12.26 33.56 -16.71
C ILE A 95 11.35 34.74 -16.46
N HIS A 96 11.27 35.15 -15.20
CA HIS A 96 10.49 36.32 -14.77
C HIS A 96 10.93 37.58 -15.51
N GLU A 97 12.23 37.72 -15.66
CA GLU A 97 12.83 38.86 -16.36
C GLU A 97 12.44 38.95 -17.85
N TYR A 98 12.69 37.86 -18.56
CA TYR A 98 12.50 37.88 -20.02
C TYR A 98 11.04 37.75 -20.47
N LEU A 99 10.15 37.33 -19.59
CA LEU A 99 8.72 37.37 -19.87
C LEU A 99 8.11 38.71 -19.45
N GLY A 100 8.88 39.53 -18.77
CA GLY A 100 8.43 40.87 -18.36
C GLY A 100 7.34 40.91 -17.31
N LEU A 101 7.31 39.93 -16.40
CA LEU A 101 6.27 39.88 -15.38
C LEU A 101 6.38 40.96 -14.35
N ASN A 102 5.28 41.25 -13.66
CA ASN A 102 5.26 42.21 -12.56
C ASN A 102 6.07 41.72 -11.37
N ARG A 103 6.79 42.64 -10.75
CA ARG A 103 7.59 42.35 -9.58
C ARG A 103 6.81 41.88 -8.37
N ASN A 104 5.52 42.16 -8.32
CA ASN A 104 4.66 41.66 -7.24
C ASN A 104 4.28 40.21 -7.51
N CYS A 105 5.25 39.31 -7.30
CA CYS A 105 5.14 37.90 -7.75
C CYS A 105 6.07 37.03 -6.95
N ARG A 106 5.56 35.95 -6.36
CA ARG A 106 6.43 34.95 -5.78
C ARG A 106 7.10 34.20 -6.89
N LEU A 107 8.37 33.88 -6.72
CA LEU A 107 9.03 33.02 -7.70
C LEU A 107 9.99 32.03 -7.07
N PHE A 108 9.96 30.80 -7.59
CA PHE A 108 10.87 29.76 -7.13
C PHE A 108 10.83 28.54 -8.03
N GLU A 109 11.60 27.51 -7.66
CA GLU A 109 11.76 26.30 -8.45
C GLU A 109 11.37 25.11 -7.59
N VAL A 110 10.65 24.15 -8.16
CA VAL A 110 10.37 22.91 -7.43
C VAL A 110 11.07 21.73 -8.07
N LYS A 111 11.44 20.75 -7.23
CA LYS A 111 12.18 19.59 -7.71
C LYS A 111 11.84 18.27 -7.01
N GLN A 112 11.33 17.33 -7.78
CA GLN A 112 11.10 15.91 -7.36
C GLN A 112 11.12 15.03 -8.59
N ALA A 113 12.24 14.98 -9.29
CA ALA A 113 12.30 14.20 -10.53
C ALA A 113 11.23 14.67 -11.52
N CYS A 114 10.48 13.72 -12.10
CA CYS A 114 9.43 14.08 -13.05
C CYS A 114 8.10 14.49 -12.44
N TYR A 115 7.99 14.39 -11.11
CA TYR A 115 6.77 14.85 -10.38
C TYR A 115 6.78 16.37 -10.25
N SER A 116 7.89 17.00 -10.59
CA SER A 116 8.06 18.45 -10.35
C SER A 116 6.92 19.29 -10.90
N GLY A 117 6.49 18.97 -12.10
CA GLY A 117 5.48 19.75 -12.76
C GLY A 117 4.16 19.70 -12.04
N THR A 118 3.72 18.50 -11.75
CA THR A 118 2.46 18.30 -11.04
C THR A 118 2.52 18.94 -9.65
N ALA A 119 3.66 18.84 -8.97
CA ALA A 119 3.81 19.44 -7.66
C ALA A 119 3.60 20.93 -7.77
N GLY A 120 4.30 21.55 -8.74
CA GLY A 120 4.12 22.98 -9.04
C GLY A 120 2.69 23.34 -9.37
N PHE A 121 2.07 22.54 -10.23
CA PHE A 121 0.72 22.80 -10.66
C PHE A 121 -0.26 22.71 -9.50
N GLN A 122 -0.10 21.70 -8.65
CA GLN A 122 -0.99 21.57 -7.50
C GLN A 122 -0.81 22.69 -6.47
N MET A 123 0.42 23.15 -6.24
CA MET A 123 0.59 24.29 -5.36
C MET A 123 -0.11 25.52 -5.99
N ALA A 124 0.05 25.71 -7.31
CA ALA A 124 -0.60 26.84 -7.99
C ALA A 124 -2.13 26.82 -7.85
N VAL A 125 -2.72 25.65 -8.07
CA VAL A 125 -4.15 25.44 -7.88
C VAL A 125 -4.61 25.87 -6.47
N ASN A 126 -3.83 25.49 -5.47
CA ASN A 126 -4.16 25.85 -4.07
C ASN A 126 -4.02 27.35 -3.79
N PHE A 127 -3.13 28.01 -4.50
CA PHE A 127 -3.05 29.48 -4.43
C PHE A 127 -4.37 30.08 -4.89
N ILE A 128 -4.86 29.64 -6.04
CA ILE A 128 -6.14 30.09 -6.56
C ILE A 128 -7.29 29.74 -5.59
N LEU A 129 -7.41 28.48 -5.18
CA LEU A 129 -8.49 28.09 -4.28
C LEU A 129 -8.39 28.78 -2.92
N SER A 130 -7.17 29.06 -2.44
CA SER A 130 -7.02 29.77 -1.16
C SER A 130 -7.65 31.15 -1.16
N GLN A 131 -7.80 31.76 -2.34
CA GLN A 131 -8.29 33.15 -2.42
C GLN A 131 -7.55 34.08 -1.49
N THR A 132 -6.29 33.80 -1.24
CA THR A 132 -5.45 34.76 -0.56
C THR A 132 -5.17 36.00 -1.45
N SER A 133 -5.37 35.86 -2.77
CA SER A 133 -5.26 37.03 -3.68
C SER A 133 -6.29 36.90 -4.81
N PRO A 134 -7.55 37.27 -4.55
CA PRO A 134 -8.61 37.03 -5.48
C PRO A 134 -8.28 37.59 -6.83
N GLY A 135 -8.56 36.84 -7.88
CA GLY A 135 -8.30 37.28 -9.26
C GLY A 135 -6.88 37.03 -9.71
N ALA A 136 -6.00 36.60 -8.80
CA ALA A 136 -4.62 36.34 -9.16
C ALA A 136 -4.55 35.10 -10.04
N LYS A 137 -3.47 35.03 -10.81
CA LYS A 137 -3.14 33.91 -11.67
C LYS A 137 -1.78 33.41 -11.24
N ALA A 138 -1.43 32.20 -11.69
CA ALA A 138 -0.09 31.67 -11.52
C ALA A 138 0.35 31.06 -12.86
N LEU A 139 1.66 30.89 -13.01
CA LEU A 139 2.26 30.37 -14.18
C LEU A 139 3.24 29.29 -13.75
N VAL A 140 3.02 28.07 -14.20
CA VAL A 140 3.85 26.98 -13.78
C VAL A 140 4.51 26.48 -15.03
N ILE A 141 5.84 26.40 -14.99
CA ILE A 141 6.61 26.07 -16.18
C ILE A 141 7.48 24.87 -15.89
N ALA A 142 7.18 23.74 -16.53
CA ALA A 142 8.03 22.59 -16.43
C ALA A 142 9.02 22.61 -17.54
N SER A 143 10.32 22.59 -17.21
CA SER A 143 11.34 22.71 -18.23
C SER A 143 12.50 21.79 -17.94
N ASP A 144 12.79 20.90 -18.88
CA ASP A 144 13.93 19.99 -18.72
C ASP A 144 14.67 19.75 -20.03
N ILE A 145 15.97 19.52 -19.94
CA ILE A 145 16.77 19.20 -21.11
C ILE A 145 17.70 18.05 -20.75
N SER A 146 18.17 17.35 -21.75
CA SER A 146 19.11 16.26 -21.56
C SER A 146 20.39 16.64 -22.28
N ARG A 147 21.44 16.92 -21.52
CA ARG A 147 22.78 17.04 -22.09
C ARG A 147 23.60 15.78 -21.81
N PHE A 148 24.73 15.64 -22.52
CA PHE A 148 25.66 14.53 -22.29
C PHE A 148 27.12 14.95 -22.41
N TRP A 161 23.65 4.38 -19.79
CA TRP A 161 23.85 5.68 -20.44
C TRP A 161 23.40 5.56 -21.91
N SER A 162 23.97 4.59 -22.60
CA SER A 162 23.88 4.47 -24.07
C SER A 162 22.46 4.41 -24.61
N TYR A 163 21.63 3.57 -24.00
CA TYR A 163 20.25 3.36 -24.48
C TYR A 163 19.27 4.49 -24.08
N ALA A 164 19.73 5.41 -23.24
CA ALA A 164 18.97 6.61 -22.86
C ALA A 164 19.12 7.75 -23.86
N GLU A 165 20.25 7.83 -24.55
CA GLU A 165 20.53 8.91 -25.51
C GLU A 165 19.46 9.13 -26.60
N PRO A 166 19.04 8.07 -27.28
CA PRO A 166 18.02 8.29 -28.31
C PRO A 166 16.63 8.65 -27.76
N SER A 167 16.38 8.25 -26.53
CA SER A 167 15.07 8.41 -25.90
C SER A 167 14.91 9.77 -25.20
N ALA A 168 16.01 10.34 -24.72
CA ALA A 168 16.01 11.46 -23.78
C ALA A 168 15.91 12.82 -24.48
N GLY A 169 14.85 13.55 -24.17
CA GLY A 169 14.47 14.71 -24.92
C GLY A 169 14.72 16.01 -24.21
N ALA A 170 14.08 17.03 -24.75
CA ALA A 170 14.22 18.37 -24.21
C ALA A 170 12.98 19.07 -24.62
N GLY A 171 12.39 19.80 -23.71
CA GLY A 171 11.12 20.45 -23.94
C GLY A 171 10.63 21.18 -22.71
N ALA A 172 9.65 22.05 -22.91
CA ALA A 172 9.02 22.72 -21.80
C ALA A 172 7.54 22.92 -22.07
N VAL A 173 6.77 22.91 -21.00
CA VAL A 173 5.38 23.19 -21.10
C VAL A 173 5.03 24.21 -20.02
N ALA A 174 4.39 25.29 -20.44
CA ALA A 174 4.01 26.41 -19.60
C ALA A 174 2.53 26.35 -19.41
N VAL A 175 2.11 26.59 -18.18
CA VAL A 175 0.73 26.37 -17.83
C VAL A 175 0.27 27.55 -17.04
N LEU A 176 -0.67 28.28 -17.58
CA LEU A 176 -1.24 29.44 -16.88
C LEU A 176 -2.45 28.95 -16.12
N VAL A 177 -2.46 29.18 -14.81
CA VAL A 177 -3.47 28.67 -13.92
C VAL A 177 -4.26 29.86 -13.36
N GLY A 178 -5.56 29.71 -13.24
CA GLY A 178 -6.43 30.78 -12.78
C GLY A 178 -7.87 30.37 -12.56
N GLU A 179 -8.71 31.38 -12.39
CA GLU A 179 -10.10 31.22 -11.92
C GLU A 179 -11.15 30.92 -12.99
N ASN A 180 -10.78 31.01 -14.28
CA ASN A 180 -11.68 30.62 -15.42
C ASN A 180 -11.02 29.57 -16.31
N PRO A 181 -10.83 28.39 -15.75
CA PRO A 181 -10.05 27.42 -16.50
C PRO A 181 -10.86 26.65 -17.54
N GLU A 182 -11.04 27.23 -18.71
CA GLU A 182 -11.72 26.52 -19.78
C GLU A 182 -10.94 25.34 -20.32
N VAL A 183 -9.60 25.34 -20.21
CA VAL A 183 -8.87 24.22 -20.84
C VAL A 183 -8.68 22.99 -19.95
N PHE A 184 -8.66 23.19 -18.65
CA PHE A 184 -8.63 22.07 -17.72
C PHE A 184 -9.03 22.58 -16.33
N GLN A 185 -10.30 22.45 -16.01
CA GLN A 185 -10.82 22.85 -14.70
C GLN A 185 -10.64 21.66 -13.80
N ILE A 186 -9.85 21.80 -12.76
CA ILE A 186 -9.62 20.67 -11.90
C ILE A 186 -10.81 20.38 -11.01
N ASP A 187 -10.91 19.12 -10.60
CA ASP A 187 -11.91 18.64 -9.64
C ASP A 187 -11.31 18.78 -8.24
N PRO A 188 -11.77 19.78 -7.49
CA PRO A 188 -11.06 20.10 -6.23
C PRO A 188 -11.15 18.99 -5.22
N GLY A 189 -9.99 18.59 -4.69
CA GLY A 189 -9.92 17.53 -3.71
C GLY A 189 -9.88 16.12 -4.30
N ALA A 190 -10.07 16.01 -5.61
CA ALA A 190 -10.07 14.72 -6.27
C ALA A 190 -8.62 14.39 -6.59
N ASN A 191 -7.89 13.96 -5.56
CA ASN A 191 -6.44 13.81 -5.65
C ASN A 191 -5.95 12.60 -4.91
N GLY A 192 -5.20 11.75 -5.58
CA GLY A 192 -4.58 10.62 -4.92
C GLY A 192 -3.09 10.74 -5.05
N TYR A 193 -2.43 11.23 -4.00
CA TYR A 193 -0.98 11.31 -4.02
C TYR A 193 -0.38 10.25 -3.19
N TYR A 194 0.81 9.81 -3.60
CA TYR A 194 1.50 8.68 -2.97
C TYR A 194 2.99 8.79 -3.22
N GLY A 195 3.77 8.60 -2.17
CA GLY A 195 5.22 8.73 -2.24
C GLY A 195 5.89 7.95 -1.16
N TYR A 196 7.12 7.58 -1.43
CA TYR A 196 7.94 6.89 -0.47
C TYR A 196 9.33 6.82 -1.11
N GLU A 197 10.33 6.60 -0.27
CA GLU A 197 11.71 6.57 -0.71
C GLU A 197 11.97 5.30 -1.45
N VAL A 198 12.58 5.39 -2.64
CA VAL A 198 13.05 4.21 -3.37
C VAL A 198 14.40 4.45 -4.03
N MET A 199 15.27 3.44 -4.01
CA MET A 199 16.54 3.50 -4.69
C MET A 199 16.34 3.32 -6.19
N ASP A 200 16.55 4.38 -6.96
CA ASP A 200 16.10 4.41 -8.35
C ASP A 200 17.12 5.23 -9.14
N THR A 201 16.94 5.27 -10.46
CA THR A 201 17.68 6.20 -11.32
C THR A 201 17.48 7.63 -10.79
N CYS A 202 18.57 8.29 -10.45
CA CYS A 202 18.56 9.66 -9.95
C CYS A 202 19.56 10.53 -10.74
N ARG A 203 19.85 11.75 -10.27
CA ARG A 203 20.77 12.62 -10.99
C ARG A 203 21.82 13.22 -10.04
N PRO A 204 22.67 12.35 -9.44
CA PRO A 204 23.61 12.74 -8.40
C PRO A 204 24.91 13.44 -8.88
N ILE A 205 25.08 13.55 -10.20
CA ILE A 205 26.27 14.13 -10.82
C ILE A 205 25.79 15.29 -11.69
N PRO A 206 26.59 16.36 -11.78
CA PRO A 206 26.20 17.51 -12.59
C PRO A 206 25.48 17.24 -13.92
N ASP A 207 26.15 16.62 -14.88
CA ASP A 207 25.62 16.62 -16.25
C ASP A 207 25.20 15.25 -16.77
N SER A 208 24.75 14.40 -15.85
CA SER A 208 24.46 13.03 -16.20
C SER A 208 23.56 12.39 -15.17
N GLU A 209 23.21 11.13 -15.44
CA GLU A 209 22.41 10.32 -14.54
C GLU A 209 23.22 9.16 -13.97
N ALA A 210 22.61 8.47 -13.00
CA ALA A 210 23.15 7.24 -12.45
C ALA A 210 22.05 6.52 -11.67
N GLY A 211 22.35 5.34 -11.16
CA GLY A 211 21.34 4.52 -10.50
C GLY A 211 20.84 3.43 -11.43
N ASP A 212 19.59 3.00 -11.25
CA ASP A 212 19.15 1.77 -11.88
C ASP A 212 17.66 1.81 -12.23
N SER A 213 17.36 1.70 -13.52
CA SER A 213 15.96 1.64 -13.98
C SER A 213 15.42 0.20 -13.86
N ASP A 214 15.98 -0.52 -12.90
CA ASP A 214 15.65 -1.91 -12.67
C ASP A 214 14.32 -1.99 -11.89
N LEU A 215 14.15 -1.08 -10.94
CA LEU A 215 12.92 -0.98 -10.13
C LEU A 215 11.97 0.07 -10.68
N SER A 216 12.46 0.90 -11.59
CA SER A 216 11.69 2.03 -12.08
C SER A 216 10.29 1.68 -12.48
N LEU A 217 10.14 0.65 -13.33
CA LEU A 217 8.85 0.28 -13.88
C LEU A 217 7.91 -0.23 -12.80
N MET A 218 8.44 -1.11 -11.96
CA MET A 218 7.72 -1.68 -10.82
C MET A 218 7.14 -0.55 -9.93
N SER A 219 7.96 0.46 -9.67
CA SER A 219 7.52 1.57 -8.84
C SER A 219 6.47 2.45 -9.54
N TYR A 220 6.67 2.68 -10.84
CA TYR A 220 5.76 3.45 -11.66
C TYR A 220 4.39 2.76 -11.64
N LEU A 221 4.38 1.45 -11.81
CA LEU A 221 3.14 0.68 -11.74
C LEU A 221 2.54 0.59 -10.36
N ASP A 222 3.35 0.37 -9.34
CA ASP A 222 2.87 0.46 -7.95
C ASP A 222 2.17 1.81 -7.73
N CYS A 223 2.85 2.89 -8.10
CA CYS A 223 2.30 4.20 -7.85
C CYS A 223 1.05 4.44 -8.64
N CYS A 224 1.08 4.04 -9.90
CA CYS A 224 -0.08 4.20 -10.77
C CYS A 224 -1.34 3.58 -10.15
N GLU A 225 -1.21 2.39 -9.58
CA GLU A 225 -2.32 1.74 -8.85
C GLU A 225 -2.70 2.46 -7.56
N GLN A 226 -1.72 2.73 -6.70
CA GLN A 226 -2.01 3.31 -5.40
C GLN A 226 -2.57 4.71 -5.46
N THR A 227 -2.14 5.50 -6.45
CA THR A 227 -2.71 6.84 -6.61
C THR A 227 -4.16 6.78 -6.97
N PHE A 228 -4.53 5.91 -7.88
CA PHE A 228 -5.94 5.78 -8.21
C PHE A 228 -6.78 5.25 -7.04
N LEU A 229 -6.27 4.28 -6.29
CA LEU A 229 -7.01 3.79 -5.11
C LEU A 229 -7.21 4.89 -4.09
N GLU A 230 -6.22 5.78 -3.94
CA GLU A 230 -6.39 6.89 -3.03
C GLU A 230 -7.44 7.87 -3.57
N TYR A 231 -7.41 8.09 -4.87
CA TYR A 231 -8.39 8.94 -5.52
C TYR A 231 -9.78 8.37 -5.28
N GLN A 232 -9.97 7.07 -5.50
CA GLN A 232 -11.28 6.44 -5.21
C GLN A 232 -11.72 6.65 -3.78
N LYS A 233 -10.78 6.52 -2.86
CA LYS A 233 -11.09 6.65 -1.46
C LYS A 233 -11.68 8.03 -1.19
N ARG A 234 -11.19 9.05 -1.88
CA ARG A 234 -11.69 10.41 -1.67
C ARG A 234 -12.81 10.79 -2.62
N VAL A 235 -12.96 10.03 -3.69
CA VAL A 235 -14.00 10.31 -4.67
C VAL A 235 -14.86 9.06 -4.81
N PRO A 236 -15.84 8.90 -3.92
CA PRO A 236 -16.59 7.64 -3.94
C PRO A 236 -17.35 7.52 -5.25
N GLY A 237 -17.35 6.33 -5.82
CA GLY A 237 -18.02 6.10 -7.12
C GLY A 237 -17.11 6.26 -8.32
N ALA A 238 -15.92 6.82 -8.10
CA ALA A 238 -14.95 6.93 -9.19
C ALA A 238 -14.60 5.55 -9.70
N ASN A 239 -14.37 5.50 -11.00
CA ASN A 239 -14.19 4.26 -11.70
C ASN A 239 -13.23 4.51 -12.85
N TYR A 240 -12.25 3.64 -13.03
CA TYR A 240 -11.12 3.90 -13.94
C TYR A 240 -11.49 3.87 -15.43
N GLN A 241 -12.65 3.31 -15.72
CA GLN A 241 -13.08 3.04 -17.09
C GLN A 241 -14.11 4.08 -17.55
N ASP A 242 -15.13 4.32 -16.73
CA ASP A 242 -16.27 5.14 -17.12
C ASP A 242 -16.11 6.59 -16.73
N THR A 243 -15.40 6.86 -15.65
CA THR A 243 -15.30 8.22 -15.09
C THR A 243 -14.49 9.14 -16.01
N PHE A 244 -13.48 8.56 -16.70
CA PHE A 244 -12.51 9.28 -17.50
C PHE A 244 -12.68 8.99 -18.98
N GLN A 245 -12.95 10.04 -19.75
CA GLN A 245 -13.09 9.92 -21.18
C GLN A 245 -11.73 9.87 -21.85
N TYR A 246 -10.74 10.53 -21.28
CA TYR A 246 -9.33 10.27 -21.67
C TYR A 246 -8.48 10.11 -20.43
N LEU A 247 -7.29 9.55 -20.60
CA LEU A 247 -6.31 9.38 -19.55
C LEU A 247 -4.96 9.83 -20.05
N ALA A 248 -4.24 10.57 -19.20
CA ALA A 248 -2.88 11.04 -19.53
C ALA A 248 -1.96 10.56 -18.46
N TYR A 249 -0.76 10.19 -18.85
CA TYR A 249 0.22 9.65 -17.95
C TYR A 249 1.56 10.35 -18.12
N HIS A 250 2.40 10.33 -17.09
CA HIS A 250 3.81 10.64 -17.28
C HIS A 250 4.27 9.69 -18.36
N THR A 251 4.74 10.26 -19.47
CA THR A 251 5.15 9.40 -20.59
C THR A 251 6.55 9.72 -21.10
N PRO A 252 7.54 8.93 -20.66
CA PRO A 252 8.90 9.00 -21.14
C PRO A 252 8.97 8.52 -22.56
N PHE A 253 8.26 7.42 -22.84
CA PHE A 253 8.02 6.97 -24.21
C PHE A 253 6.68 6.24 -24.28
N GLY A 254 6.02 6.32 -25.44
CA GLY A 254 4.68 5.74 -25.60
C GLY A 254 4.55 4.28 -25.18
N GLY A 255 5.62 3.52 -25.45
CA GLY A 255 5.62 2.09 -25.23
C GLY A 255 5.31 1.68 -23.81
N MET A 256 5.93 2.33 -22.86
CA MET A 256 5.70 1.95 -21.50
C MET A 256 4.32 2.41 -20.97
N VAL A 257 3.80 3.50 -21.51
CA VAL A 257 2.46 3.93 -21.13
C VAL A 257 1.40 2.98 -21.71
N LYS A 258 1.66 2.46 -22.91
CA LYS A 258 0.78 1.46 -23.47
C LYS A 258 0.79 0.27 -22.54
N GLY A 259 1.97 -0.14 -22.13
CA GLY A 259 2.10 -1.23 -21.17
C GLY A 259 1.43 -0.94 -19.84
N ALA A 260 1.61 0.27 -19.33
CA ALA A 260 1.07 0.58 -18.03
C ALA A 260 -0.46 0.70 -18.05
N HIS A 261 -1.01 1.24 -19.11
CA HIS A 261 -2.46 1.22 -19.29
C HIS A 261 -3.02 -0.23 -19.28
N ARG A 262 -2.37 -1.11 -20.01
CA ARG A 262 -2.80 -2.51 -20.06
C ARG A 262 -2.83 -3.09 -18.66
N THR A 263 -1.72 -2.92 -17.95
CA THR A 263 -1.63 -3.40 -16.60
C THR A 263 -2.74 -2.81 -15.73
N MET A 264 -2.99 -1.51 -15.86
CA MET A 264 -4.05 -0.90 -15.06
C MET A 264 -5.42 -1.51 -15.36
N MET A 265 -5.70 -1.77 -16.62
CA MET A 265 -7.03 -2.27 -16.99
C MET A 265 -7.27 -3.67 -16.43
N ARG A 266 -6.21 -4.46 -16.35
CA ARG A 266 -6.26 -5.77 -15.70
C ARG A 266 -6.29 -5.67 -14.17
N LYS A 267 -5.30 -4.99 -13.60
CA LYS A 267 -5.17 -4.84 -12.16
C LYS A 267 -6.34 -4.10 -11.54
N VAL A 268 -6.66 -2.92 -12.05
CA VAL A 268 -7.59 -2.05 -11.36
C VAL A 268 -8.99 -2.09 -11.92
N ALA A 269 -9.12 -1.92 -13.24
CA ALA A 269 -10.46 -1.86 -13.83
C ALA A 269 -11.01 -3.27 -13.90
N LYS A 270 -10.11 -4.23 -14.01
CA LYS A 270 -10.46 -5.64 -14.05
C LYS A 270 -11.46 -5.89 -15.19
N VAL A 271 -11.03 -5.62 -16.42
CA VAL A 271 -11.83 -5.90 -17.60
C VAL A 271 -11.17 -7.01 -18.39
N LYS A 272 -11.86 -7.53 -19.38
CA LYS A 272 -11.34 -8.63 -20.18
C LYS A 272 -10.28 -8.14 -21.13
N THR A 273 -9.27 -8.98 -21.29
CA THR A 273 -8.14 -8.68 -22.14
C THR A 273 -8.52 -8.19 -23.55
N SER A 274 -9.59 -8.73 -24.13
CA SER A 274 -9.87 -8.48 -25.55
C SER A 274 -10.24 -7.01 -25.85
N GLY A 275 -10.82 -6.30 -24.88
CA GLY A 275 -11.26 -4.90 -25.10
C GLY A 275 -10.22 -3.78 -24.78
N ILE A 276 -9.07 -4.18 -24.26
CA ILE A 276 -8.06 -3.26 -23.78
C ILE A 276 -7.47 -2.43 -24.93
N GLU A 277 -7.08 -3.09 -26.00
CA GLU A 277 -6.49 -2.36 -27.14
C GLU A 277 -7.41 -1.25 -27.65
N THR A 278 -8.70 -1.53 -27.65
CA THR A 278 -9.69 -0.52 -28.05
C THR A 278 -9.68 0.65 -27.06
N ASP A 279 -9.79 0.35 -25.77
CA ASP A 279 -9.70 1.39 -24.72
C ASP A 279 -8.41 2.23 -24.84
N PHE A 280 -7.28 1.61 -25.10
CA PHE A 280 -6.01 2.35 -25.31
C PHE A 280 -6.08 3.31 -26.50
N LEU A 281 -6.58 2.83 -27.63
CA LEU A 281 -6.72 3.66 -28.80
C LEU A 281 -7.71 4.80 -28.63
N THR A 282 -8.80 4.61 -27.91
CA THR A 282 -9.74 5.71 -27.82
C THR A 282 -9.42 6.70 -26.67
N ARG A 283 -8.77 6.21 -25.61
CA ARG A 283 -8.57 7.02 -24.40
C ARG A 283 -7.13 7.49 -24.11
N VAL A 284 -6.15 6.80 -24.69
CA VAL A 284 -4.73 7.03 -24.34
C VAL A 284 -3.85 7.46 -25.52
N LYS A 285 -4.12 6.90 -26.69
CA LYS A 285 -3.36 7.18 -27.90
C LYS A 285 -3.31 8.66 -28.31
N PRO A 286 -4.42 9.39 -28.17
CA PRO A 286 -4.36 10.82 -28.42
C PRO A 286 -3.30 11.55 -27.60
N GLY A 287 -3.23 11.21 -26.30
CA GLY A 287 -2.27 11.82 -25.40
C GLY A 287 -0.83 11.50 -25.75
N LEU A 288 -0.60 10.48 -26.55
CA LEU A 288 0.75 10.06 -26.87
C LEU A 288 1.31 10.70 -28.15
N ASN A 289 0.51 11.45 -28.88
CA ASN A 289 0.99 11.99 -30.12
C ASN A 289 2.24 12.89 -29.95
N TYR A 290 2.18 13.87 -29.06
CA TYR A 290 3.27 14.84 -28.99
C TYR A 290 4.55 14.27 -28.39
N CYS A 291 4.43 13.27 -27.53
CA CYS A 291 5.61 12.66 -27.00
C CYS A 291 6.53 12.06 -28.06
N GLN A 292 5.94 11.53 -29.13
CA GLN A 292 6.72 10.91 -30.20
C GLN A 292 7.56 11.93 -30.96
N ARG A 293 7.14 13.19 -30.89
CA ARG A 293 7.75 14.28 -31.63
C ARG A 293 8.87 14.91 -30.84
N VAL A 294 8.97 14.58 -29.56
CA VAL A 294 9.84 15.34 -28.68
C VAL A 294 10.75 14.46 -27.80
N GLY A 295 10.28 13.29 -27.42
CA GLY A 295 11.02 12.39 -26.54
C GLY A 295 10.58 12.58 -25.10
N ASN A 296 11.28 11.92 -24.19
CA ASN A 296 11.06 12.07 -22.75
C ASN A 296 11.45 13.47 -22.27
N ILE A 297 10.49 14.31 -21.87
CA ILE A 297 10.80 15.63 -21.33
C ILE A 297 10.51 15.75 -19.85
N MET A 298 10.68 14.61 -19.19
CA MET A 298 10.78 14.53 -17.76
C MET A 298 9.62 15.21 -17.04
N GLY A 299 9.88 16.27 -16.30
CA GLY A 299 8.88 16.91 -15.49
C GLY A 299 7.75 17.54 -16.27
N ALA A 300 7.97 17.68 -17.58
CA ALA A 300 6.98 18.25 -18.46
C ALA A 300 6.17 17.16 -19.22
N ALA A 301 6.58 15.90 -19.08
CA ALA A 301 6.04 14.82 -19.90
C ALA A 301 4.54 14.67 -19.71
N LEU A 302 4.04 14.71 -18.50
CA LEU A 302 2.63 14.56 -18.30
C LEU A 302 1.86 15.74 -18.86
N PHE A 303 2.33 16.94 -18.63
CA PHE A 303 1.67 18.10 -19.21
C PHE A 303 1.67 18.01 -20.73
N LEU A 304 2.77 17.51 -21.31
CA LEU A 304 2.83 17.37 -22.76
C LEU A 304 1.71 16.44 -23.19
N ALA A 305 1.57 15.32 -22.49
CA ALA A 305 0.54 14.33 -22.82
C ALA A 305 -0.86 14.91 -22.61
N LEU A 306 -1.02 15.75 -21.59
CA LEU A 306 -2.29 16.39 -21.38
C LEU A 306 -2.59 17.29 -22.53
N ALA A 307 -1.58 18.01 -23.01
CA ALA A 307 -1.79 18.98 -24.08
C ALA A 307 -2.08 18.22 -25.39
N SER A 308 -1.35 17.14 -25.63
CA SER A 308 -1.61 16.25 -26.74
C SER A 308 -3.03 15.73 -26.70
N THR A 309 -3.47 15.31 -25.52
CA THR A 309 -4.81 14.81 -25.38
C THR A 309 -5.85 15.84 -25.81
N ILE A 310 -5.67 17.09 -25.38
CA ILE A 310 -6.66 18.14 -25.63
C ILE A 310 -6.67 18.56 -27.12
N ASP A 311 -5.50 18.60 -27.77
CA ASP A 311 -5.42 18.95 -29.19
C ASP A 311 -5.90 17.80 -30.09
N GLN A 312 -5.60 16.56 -29.71
CA GLN A 312 -5.88 15.43 -30.58
C GLN A 312 -7.20 14.72 -30.29
N GLY A 313 -7.81 14.96 -29.14
CA GLY A 313 -9.09 14.31 -28.80
C GLY A 313 -10.32 15.05 -29.27
N ARG A 314 -11.46 14.60 -28.77
CA ARG A 314 -12.75 15.11 -29.20
C ARG A 314 -13.50 15.69 -28.01
N PHE A 315 -13.88 16.96 -28.11
CA PHE A 315 -14.52 17.66 -27.02
C PHE A 315 -15.70 18.43 -27.54
N ASP A 316 -16.55 17.75 -28.31
CA ASP A 316 -17.84 18.29 -28.73
C ASP A 316 -18.63 18.70 -27.49
N THR A 317 -18.51 17.90 -26.45
CA THR A 317 -19.08 18.22 -25.14
C THR A 317 -17.96 18.08 -24.11
N PRO A 318 -18.13 18.66 -22.91
CA PRO A 318 -17.09 18.55 -21.88
C PRO A 318 -16.76 17.12 -21.51
N LYS A 319 -15.47 16.81 -21.49
CA LYS A 319 -14.98 15.49 -21.12
C LYS A 319 -14.11 15.60 -19.85
N ARG A 320 -14.12 14.56 -19.02
CA ARG A 320 -13.20 14.45 -17.90
C ARG A 320 -11.89 13.68 -18.26
N ILE A 321 -10.73 14.25 -17.91
CA ILE A 321 -9.46 13.60 -18.18
C ILE A 321 -8.83 13.28 -16.83
N GLY A 322 -8.28 12.08 -16.71
CA GLY A 322 -7.55 11.66 -15.52
C GLY A 322 -6.07 11.71 -15.81
N CYS A 323 -5.27 12.27 -14.89
CA CYS A 323 -3.84 12.44 -15.08
C CYS A 323 -3.04 11.77 -13.99
N PHE A 324 -2.04 11.00 -14.39
CA PHE A 324 -1.14 10.34 -13.49
C PHE A 324 0.24 10.88 -13.65
N SER A 325 0.78 11.35 -12.54
CA SER A 325 2.10 11.94 -12.49
C SER A 325 3.01 11.06 -11.64
N TYR A 326 4.23 10.80 -12.10
CA TYR A 326 5.19 10.01 -11.34
C TYR A 326 6.55 10.64 -11.44
N GLY A 327 7.31 10.58 -10.37
CA GLY A 327 8.71 10.97 -10.43
C GLY A 327 9.56 9.97 -9.65
N SER A 328 10.69 9.57 -10.20
CA SER A 328 11.58 8.64 -9.50
C SER A 328 11.96 9.13 -8.13
N GLY A 329 12.10 8.21 -7.19
CA GLY A 329 12.65 8.55 -5.89
C GLY A 329 11.88 8.36 -4.59
N CYS A 330 10.56 8.44 -4.54
CA CYS A 330 9.64 8.72 -5.65
C CYS A 330 8.44 9.50 -5.09
N CYS A 331 7.66 10.10 -5.96
CA CYS A 331 6.36 10.62 -5.56
C CYS A 331 5.46 10.57 -6.76
N SER A 332 4.17 10.63 -6.54
CA SER A 332 3.22 10.42 -7.62
C SER A 332 1.89 10.97 -7.22
N GLU A 333 1.04 11.24 -8.18
CA GLU A 333 -0.29 11.75 -7.92
C GLU A 333 -1.22 11.46 -9.08
N PHE A 334 -2.46 11.17 -8.76
CA PHE A 334 -3.50 11.00 -9.78
C PHE A 334 -4.56 12.05 -9.54
N TYR A 335 -4.90 12.78 -10.57
CA TYR A 335 -5.87 13.82 -10.44
C TYR A 335 -6.66 13.98 -11.74
N SER A 336 -7.72 14.77 -11.70
CA SER A 336 -8.61 14.88 -12.83
C SER A 336 -9.18 16.28 -13.01
N GLY A 337 -9.65 16.51 -14.23
CA GLY A 337 -10.29 17.78 -14.58
C GLY A 337 -11.21 17.65 -15.79
N ILE A 338 -11.98 18.71 -16.05
CA ILE A 338 -12.85 18.82 -17.20
C ILE A 338 -12.25 19.76 -18.24
N THR A 339 -12.30 19.39 -19.52
CA THR A 339 -11.98 20.35 -20.56
C THR A 339 -13.14 20.45 -21.52
N THR A 340 -13.42 21.69 -21.94
CA THR A 340 -14.63 22.03 -22.70
C THR A 340 -14.28 22.30 -24.14
N PRO A 341 -15.28 22.30 -25.02
CA PRO A 341 -15.05 22.66 -26.41
C PRO A 341 -14.32 23.99 -26.53
N GLN A 342 -14.64 24.94 -25.64
CA GLN A 342 -14.01 26.28 -25.69
C GLN A 342 -12.53 26.15 -25.33
N GLY A 343 -12.26 25.28 -24.36
CA GLY A 343 -10.90 24.99 -23.93
C GLY A 343 -10.04 24.49 -25.07
N GLN A 344 -10.52 23.46 -25.76
CA GLN A 344 -9.82 22.93 -26.91
C GLN A 344 -9.61 23.99 -28.01
N GLU A 345 -10.55 24.92 -28.17
CA GLU A 345 -10.43 26.05 -29.13
C GLU A 345 -9.28 26.96 -28.78
N ARG A 346 -9.29 27.41 -27.53
CA ARG A 346 -8.19 28.20 -26.94
C ARG A 346 -6.85 27.51 -27.19
N GLN A 347 -6.79 26.23 -26.88
CA GLN A 347 -5.56 25.47 -27.10
C GLN A 347 -5.13 25.40 -28.55
N ARG A 348 -6.08 25.44 -29.47
CA ARG A 348 -5.73 25.33 -30.88
C ARG A 348 -5.03 26.59 -31.35
N THR A 349 -5.39 27.75 -30.80
CA THR A 349 -4.76 29.01 -31.22
C THR A 349 -3.24 29.01 -31.05
N PHE A 350 -2.70 28.11 -30.21
CA PHE A 350 -1.27 28.08 -29.97
C PHE A 350 -0.53 27.33 -31.04
N GLY A 351 -1.25 26.53 -31.81
CA GLY A 351 -0.69 25.81 -32.97
C GLY A 351 0.48 24.94 -32.62
N ILE A 352 0.32 24.08 -31.62
CA ILE A 352 1.45 23.28 -31.11
C ILE A 352 2.00 22.36 -32.14
N GLU A 353 1.11 21.69 -32.85
CA GLU A 353 1.52 20.75 -33.89
C GLU A 353 2.30 21.46 -34.99
N LYS A 354 1.82 22.64 -35.38
CA LYS A 354 2.44 23.41 -36.41
C LYS A 354 3.86 23.78 -35.98
N HIS A 355 4.00 24.21 -34.73
CA HIS A 355 5.30 24.56 -34.20
C HIS A 355 6.25 23.35 -34.21
N LEU A 356 5.73 22.16 -33.91
CA LEU A 356 6.58 20.96 -33.95
C LEU A 356 7.02 20.65 -35.37
N ASP A 357 6.13 20.88 -36.33
CA ASP A 357 6.44 20.68 -37.76
C ASP A 357 7.54 21.61 -38.22
N ARG A 358 7.61 22.81 -37.67
CA ARG A 358 8.59 23.81 -38.14
C ARG A 358 10.01 23.68 -37.58
N ARG A 359 10.29 22.70 -36.73
CA ARG A 359 11.66 22.59 -36.17
C ARG A 359 12.68 22.08 -37.17
N TYR A 360 13.96 22.30 -36.87
CA TYR A 360 15.08 21.94 -37.76
C TYR A 360 15.53 20.51 -37.49
N GLN A 361 15.60 19.66 -38.51
CA GLN A 361 16.04 18.27 -38.34
C GLN A 361 17.55 18.17 -38.47
N LEU A 362 18.22 17.73 -37.43
CA LEU A 362 19.66 17.55 -37.44
C LEU A 362 20.01 16.31 -38.24
N SER A 363 21.14 16.39 -38.95
CA SER A 363 21.80 15.20 -39.48
C SER A 363 22.68 14.72 -38.38
N MET A 364 23.18 13.52 -38.51
CA MET A 364 24.13 12.98 -37.55
C MET A 364 25.44 13.76 -37.45
N GLU A 365 25.87 14.37 -38.55
CA GLU A 365 27.12 15.16 -38.56
C GLU A 365 26.90 16.44 -37.77
N GLU A 366 25.74 17.06 -38.01
CA GLU A 366 25.35 18.23 -37.25
C GLU A 366 25.17 17.86 -35.78
N TYR A 367 24.58 16.70 -35.52
CA TYR A 367 24.40 16.22 -34.14
C TYR A 367 25.73 16.04 -33.42
N GLU A 368 26.74 15.56 -34.13
CA GLU A 368 28.07 15.44 -33.54
C GLU A 368 28.68 16.81 -33.17
N LEU A 369 28.48 17.82 -34.00
CA LEU A 369 28.98 19.16 -33.71
C LEU A 369 28.33 19.72 -32.45
N LEU A 370 27.07 19.38 -32.26
CA LEU A 370 26.26 19.81 -31.14
C LEU A 370 26.73 19.13 -29.87
N PHE A 371 26.87 17.81 -29.96
CA PHE A 371 27.32 17.00 -28.85
C PHE A 371 28.69 17.46 -28.32
N LYS A 372 29.65 17.66 -29.22
CA LYS A 372 30.99 18.11 -28.84
C LYS A 372 30.96 19.55 -28.34
N GLY A 373 29.94 20.30 -28.77
CA GLY A 373 29.74 21.68 -28.31
C GLY A 373 29.00 21.81 -26.97
N SER A 374 28.21 20.80 -26.60
CA SER A 374 27.42 20.88 -25.37
C SER A 374 28.29 20.98 -24.14
N GLY A 375 29.56 20.59 -24.26
CA GLY A 375 30.51 20.69 -23.15
C GLY A 375 30.80 22.12 -22.73
N MET A 376 30.87 23.05 -23.68
CA MET A 376 31.18 24.44 -23.34
C MET A 376 30.13 25.10 -22.42
N VAL A 377 28.93 24.54 -22.37
CA VAL A 377 27.87 24.92 -21.44
C VAL A 377 27.55 23.70 -20.59
N ARG A 378 28.09 23.66 -19.39
CA ARG A 378 28.18 22.44 -18.62
C ARG A 378 28.05 22.97 -17.22
N PHE A 379 27.42 22.24 -16.32
CA PHE A 379 26.99 22.84 -15.06
C PHE A 379 27.93 23.83 -14.33
N GLY A 380 29.21 23.55 -14.29
CA GLY A 380 30.07 24.53 -13.58
C GLY A 380 30.51 25.78 -14.36
N THR A 381 30.06 25.91 -15.61
CA THR A 381 30.66 26.88 -16.51
C THR A 381 30.55 28.31 -16.01
N ARG A 382 31.71 28.96 -15.96
CA ARG A 382 31.84 30.30 -15.43
C ARG A 382 31.82 31.38 -16.52
N ASN A 383 32.64 31.19 -17.56
CA ASN A 383 32.68 32.11 -18.70
C ASN A 383 32.59 31.43 -20.04
N VAL A 384 31.61 31.83 -20.86
CA VAL A 384 31.53 31.35 -22.21
C VAL A 384 30.71 32.27 -23.10
N LYS A 385 31.14 32.37 -24.35
CA LYS A 385 30.44 33.10 -25.42
C LYS A 385 29.97 32.08 -26.44
N LEU A 386 28.69 32.16 -26.77
CA LEU A 386 28.11 31.21 -27.69
C LEU A 386 28.09 31.71 -29.11
N ASP A 387 28.26 30.77 -30.03
CA ASP A 387 28.16 31.02 -31.47
C ASP A 387 26.81 30.47 -31.99
N PHE A 388 25.92 31.37 -32.37
CA PHE A 388 24.63 30.98 -32.93
C PHE A 388 24.72 30.36 -34.33
N GLU A 389 25.88 30.52 -34.98
CA GLU A 389 26.14 29.94 -36.30
C GLU A 389 26.99 28.68 -36.22
N MET A 390 27.14 28.12 -35.03
CA MET A 390 27.98 26.94 -34.86
C MET A 390 27.47 25.75 -35.68
N ILE A 391 26.15 25.68 -35.86
CA ILE A 391 25.52 24.80 -36.85
C ILE A 391 24.84 25.73 -37.84
N PRO A 392 25.55 26.11 -38.90
CA PRO A 392 25.24 27.24 -39.77
C PRO A 392 23.76 27.45 -40.13
N GLY A 393 23.05 26.40 -40.48
CA GLY A 393 21.69 26.57 -41.03
C GLY A 393 20.55 27.00 -40.10
N ILE A 394 20.73 26.84 -38.79
CA ILE A 394 19.58 26.73 -37.90
C ILE A 394 18.84 28.03 -37.64
N MET A 395 19.56 29.09 -37.30
CA MET A 395 18.89 30.33 -36.88
C MET A 395 17.99 30.89 -37.99
N GLN A 396 18.64 31.34 -39.06
CA GLN A 396 17.97 31.95 -40.22
C GLN A 396 17.20 30.92 -41.07
N SER A 397 16.99 29.72 -40.51
CA SER A 397 16.15 28.72 -41.14
C SER A 397 14.65 29.00 -41.20
N THR A 398 13.98 28.95 -40.05
CA THR A 398 12.55 29.30 -39.95
C THR A 398 12.38 30.82 -39.79
N GLN A 399 11.18 31.33 -40.10
CA GLN A 399 10.84 32.74 -39.90
C GLN A 399 9.57 32.83 -39.02
N GLU A 400 9.76 32.91 -37.70
CA GLU A 400 8.68 32.82 -36.72
C GLU A 400 8.72 34.02 -35.73
N LYS A 401 7.84 34.04 -34.71
CA LYS A 401 7.92 35.06 -33.64
C LYS A 401 9.34 35.07 -33.01
N PRO A 402 9.69 36.13 -32.26
CA PRO A 402 11.03 36.20 -31.64
C PRO A 402 11.24 35.08 -30.65
N ARG A 403 12.46 34.57 -30.58
CA ARG A 403 12.79 33.47 -29.69
C ARG A 403 14.03 33.76 -28.87
N LEU A 404 14.03 33.26 -27.63
CA LEU A 404 15.10 33.55 -26.71
C LEU A 404 16.18 32.53 -26.82
N PHE A 405 17.43 32.98 -26.79
CA PHE A 405 18.59 32.09 -26.78
C PHE A 405 19.64 32.54 -25.76
N LEU A 406 20.47 31.61 -25.31
CA LEU A 406 21.55 31.92 -24.39
C LEU A 406 22.75 32.50 -25.15
N GLU A 407 23.09 33.76 -24.87
CA GLU A 407 24.17 34.47 -25.56
C GLU A 407 25.48 34.28 -24.89
N GLU A 408 25.50 34.39 -23.56
CA GLU A 408 26.76 34.20 -22.86
C GLU A 408 26.59 33.91 -21.37
N ILE A 409 27.61 33.28 -20.78
CA ILE A 409 27.75 33.22 -19.32
C ILE A 409 28.99 34.03 -18.94
N SER A 410 28.77 35.00 -18.07
CA SER A 410 29.80 35.90 -17.64
C SER A 410 29.84 35.86 -16.11
N GLU A 411 30.96 35.35 -15.57
CA GLU A 411 31.08 35.17 -14.14
C GLU A 411 29.84 34.49 -13.55
N PHE A 412 29.45 33.39 -14.19
CA PHE A 412 28.29 32.58 -13.82
C PHE A 412 26.92 33.20 -14.11
N HIS A 413 26.84 34.48 -14.43
CA HIS A 413 25.54 35.13 -14.72
C HIS A 413 25.20 34.94 -16.19
N ARG A 414 23.94 34.60 -16.47
CA ARG A 414 23.55 34.26 -17.84
C ARG A 414 22.90 35.43 -18.54
N LYS A 415 23.30 35.63 -19.79
CA LYS A 415 22.74 36.68 -20.64
C LYS A 415 22.05 36.02 -21.80
N TYR A 416 20.82 36.46 -22.04
CA TYR A 416 19.97 35.91 -23.06
C TYR A 416 19.63 36.99 -24.10
N ARG A 417 19.31 36.58 -25.32
CA ARG A 417 19.05 37.49 -26.45
C ARG A 417 17.82 37.02 -27.25
N TRP A 418 16.97 37.98 -27.61
CA TRP A 418 15.87 37.74 -28.52
C TRP A 418 16.33 37.73 -29.96
N ILE A 419 15.90 36.74 -30.72
CA ILE A 419 16.26 36.62 -32.12
C ILE A 419 15.01 36.47 -32.99
N SER A 420 14.84 37.44 -33.88
CA SER A 420 13.71 37.49 -34.81
C SER A 420 14.12 36.82 -36.12
N MET B 1 -13.45 31.52 8.29
CA MET B 1 -13.94 30.16 7.95
C MET B 1 -13.04 29.11 8.62
N VAL B 2 -11.77 29.06 8.17
CA VAL B 2 -10.77 28.06 8.56
C VAL B 2 -9.44 28.82 8.78
N SER B 3 -8.76 28.55 9.89
CA SER B 3 -7.49 29.19 10.21
C SER B 3 -6.35 28.35 9.64
N ALA B 4 -5.18 28.96 9.53
CA ALA B 4 -4.01 28.25 9.07
C ALA B 4 -2.71 28.80 9.65
N GLY B 5 -1.75 27.90 9.87
CA GLY B 5 -0.40 28.33 10.21
C GLY B 5 0.39 27.30 11.00
N ILE B 6 1.28 27.78 11.84
CA ILE B 6 2.20 26.92 12.52
C ILE B 6 1.51 26.33 13.75
N GLU B 7 1.45 25.00 13.83
CA GLU B 7 0.96 24.30 15.01
C GLU B 7 2.16 23.95 15.91
N ALA B 8 3.33 23.83 15.32
CA ALA B 8 4.54 23.56 16.07
C ALA B 8 5.74 23.79 15.21
N MET B 9 6.87 24.02 15.87
CA MET B 9 8.07 24.45 15.18
C MET B 9 9.27 24.10 16.02
N ASN B 10 10.32 23.55 15.41
CA ASN B 10 11.48 23.21 16.19
C ASN B 10 12.75 23.35 15.38
N VAL B 11 13.86 23.57 16.12
CA VAL B 11 15.13 23.97 15.58
C VAL B 11 16.14 22.93 15.87
N PHE B 12 16.91 22.54 14.85
CA PHE B 12 18.06 21.72 15.09
C PHE B 12 19.25 22.55 14.64
N GLY B 13 20.11 22.83 15.62
CA GLY B 13 21.16 23.83 15.50
C GLY B 13 22.51 23.17 15.53
N GLY B 14 22.57 21.92 15.10
CA GLY B 14 23.82 21.21 14.95
C GLY B 14 24.11 20.29 16.11
N THR B 15 25.07 19.41 15.90
CA THR B 15 25.64 18.58 16.90
C THR B 15 26.83 19.31 17.50
N ALA B 16 27.52 20.07 16.66
CA ALA B 16 28.75 20.72 17.06
C ALA B 16 28.77 22.17 16.55
N TYR B 17 29.52 23.01 17.26
CA TYR B 17 29.62 24.43 16.99
C TYR B 17 30.99 24.92 17.39
N LEU B 18 31.37 26.09 16.89
CA LEU B 18 32.57 26.74 17.38
C LEU B 18 32.33 28.20 17.70
N ASP B 19 33.30 28.77 18.37
CA ASP B 19 33.24 30.16 18.80
C ASP B 19 33.72 31.05 17.66
N VAL B 20 32.83 31.94 17.20
CA VAL B 20 33.09 32.72 15.99
C VAL B 20 34.36 33.56 16.03
N MET B 21 34.66 34.13 17.19
CA MET B 21 35.78 35.07 17.33
C MET B 21 37.10 34.31 17.37
N GLU B 22 37.08 33.17 18.06
CA GLU B 22 38.19 32.26 18.10
C GLU B 22 38.60 31.86 16.70
N LEU B 23 37.62 31.58 15.83
CA LEU B 23 37.93 31.11 14.48
C LEU B 23 38.50 32.23 13.62
N ALA B 24 38.06 33.46 13.87
CA ALA B 24 38.64 34.63 13.20
C ALA B 24 40.14 34.81 13.56
N LYS B 25 40.47 34.71 14.85
CA LYS B 25 41.88 34.81 15.31
C LYS B 25 42.73 33.73 14.70
N TYR B 26 42.32 32.48 14.88
CA TYR B 26 43.05 31.33 14.33
C TYR B 26 43.25 31.40 12.80
N ARG B 27 42.35 32.10 12.10
CA ARG B 27 42.49 32.39 10.67
C ARG B 27 43.17 33.76 10.50
N ARG B 33 39.54 41.46 12.85
CA ARG B 33 39.84 42.71 13.56
C ARG B 33 38.63 43.19 14.44
N PHE B 34 37.90 44.24 14.06
CA PHE B 34 36.77 44.74 14.89
C PHE B 34 35.36 44.79 14.25
N GLU B 35 35.13 43.92 13.27
CA GLU B 35 33.80 43.52 12.80
C GLU B 35 32.86 43.08 13.89
N ASN B 36 33.20 42.07 14.64
CA ASN B 36 32.40 41.78 15.79
C ASN B 36 30.99 42.26 15.57
N LEU B 37 30.18 41.48 14.85
CA LEU B 37 28.81 41.90 14.52
C LEU B 37 27.58 41.01 14.86
N LEU B 38 27.24 41.01 16.16
CA LEU B 38 26.32 40.10 16.84
C LEU B 38 26.51 38.66 16.48
N MET B 39 27.73 38.28 16.22
CA MET B 39 27.99 36.87 16.13
C MET B 39 28.69 36.39 17.40
N LYS B 40 28.35 35.18 17.85
CA LYS B 40 29.04 34.55 18.98
C LYS B 40 29.45 33.12 18.66
N GLU B 41 28.52 32.32 18.14
CA GLU B 41 28.77 30.93 17.79
C GLU B 41 28.31 30.59 16.37
N LYS B 42 28.96 29.63 15.74
CA LYS B 42 28.44 29.10 14.51
C LYS B 42 28.37 27.60 14.59
N ALA B 43 27.24 27.05 14.17
CA ALA B 43 27.09 25.59 14.05
C ALA B 43 27.83 25.09 12.81
N VAL B 44 28.32 23.85 12.89
CA VAL B 44 29.14 23.25 11.84
C VAL B 44 28.71 21.80 11.55
N ALA B 45 28.32 21.52 10.30
CA ALA B 45 27.91 20.16 9.95
C ALA B 45 29.12 19.29 9.94
N LEU B 46 29.04 18.17 10.66
CA LEU B 46 30.07 17.15 10.64
C LEU B 46 29.92 16.38 9.33
N PRO B 47 30.93 15.61 8.96
CA PRO B 47 30.84 14.87 7.69
C PRO B 47 29.80 13.75 7.69
N TYR B 48 29.50 13.24 8.87
CA TYR B 48 28.42 12.30 8.99
C TYR B 48 27.04 12.96 9.16
N GLU B 49 26.91 14.19 8.67
CA GLU B 49 25.66 14.97 8.78
C GLU B 49 25.39 15.60 7.44
N ASP B 50 24.14 15.76 7.08
CA ASP B 50 23.78 16.39 5.82
C ASP B 50 22.40 17.05 5.96
N PRO B 51 21.85 17.63 4.86
CA PRO B 51 20.58 18.31 5.08
C PRO B 51 19.42 17.38 5.44
N VAL B 52 19.54 16.09 5.14
CA VAL B 52 18.54 15.13 5.63
C VAL B 52 18.64 14.96 7.14
N THR B 53 19.85 14.77 7.61
CA THR B 53 20.17 14.66 9.03
C THR B 53 19.61 15.83 9.81
N PHE B 54 19.93 17.01 9.36
CA PHE B 54 19.50 18.22 10.01
C PHE B 54 17.99 18.33 9.97
N GLY B 55 17.39 18.04 8.82
CA GLY B 55 15.95 18.15 8.68
C GLY B 55 15.22 17.16 9.55
N VAL B 56 15.66 15.90 9.51
CA VAL B 56 15.06 14.86 10.33
C VAL B 56 15.20 15.21 11.81
N ASN B 57 16.40 15.58 12.24
CA ASN B 57 16.59 15.91 13.65
C ASN B 57 15.78 17.15 14.08
N ALA B 58 15.58 18.13 13.20
CA ALA B 58 14.67 19.24 13.50
C ALA B 58 13.24 18.80 13.69
N ALA B 59 12.76 17.91 12.82
CA ALA B 59 11.36 17.51 12.81
C ALA B 59 10.99 16.38 13.78
N LYS B 60 11.95 15.58 14.20
CA LYS B 60 11.64 14.40 15.03
C LYS B 60 10.87 14.77 16.31
N PRO B 61 11.33 15.77 17.07
CA PRO B 61 10.55 16.06 18.27
C PRO B 61 9.13 16.48 18.01
N ILE B 62 8.85 17.06 16.86
CA ILE B 62 7.47 17.43 16.53
C ILE B 62 6.63 16.17 16.30
N ILE B 63 7.14 15.28 15.48
CA ILE B 63 6.47 14.04 15.14
C ILE B 63 6.27 13.17 16.41
N ASP B 64 7.31 13.01 17.23
CA ASP B 64 7.20 12.30 18.52
C ASP B 64 6.01 12.75 19.35
N ALA B 65 5.71 14.05 19.31
CA ALA B 65 4.65 14.59 20.17
C ALA B 65 3.29 14.43 19.56
N LEU B 66 3.20 13.93 18.34
CA LEU B 66 1.91 13.75 17.70
C LEU B 66 1.37 12.35 17.95
N SER B 67 0.05 12.24 17.99
CA SER B 67 -0.61 10.94 18.05
C SER B 67 -0.37 10.25 16.72
N GLU B 68 -0.69 8.96 16.65
CA GLU B 68 -0.57 8.24 15.37
C GLU B 68 -1.52 8.84 14.33
N ALA B 69 -2.69 9.23 14.76
CA ALA B 69 -3.69 9.75 13.85
C ALA B 69 -3.32 11.14 13.31
N GLU B 70 -2.77 12.00 14.17
CA GLU B 70 -2.36 13.35 13.77
C GLU B 70 -1.24 13.28 12.75
N LYS B 71 -0.32 12.34 12.94
CA LYS B 71 0.84 12.17 12.07
C LYS B 71 0.43 11.73 10.68
N ASP B 72 -0.51 10.80 10.64
CA ASP B 72 -1.05 10.31 9.36
C ASP B 72 -1.79 11.38 8.58
N ARG B 73 -2.14 12.50 9.21
CA ARG B 73 -2.73 13.62 8.47
C ARG B 73 -1.67 14.49 7.80
N ILE B 74 -0.39 14.27 8.09
CA ILE B 74 0.67 14.95 7.34
C ILE B 74 0.69 14.43 5.91
N GLU B 75 0.29 15.30 4.99
CA GLU B 75 0.02 14.97 3.59
C GLU B 75 0.81 15.84 2.62
N LEU B 76 1.69 16.66 3.16
CA LEU B 76 2.56 17.50 2.33
C LEU B 76 3.86 17.69 3.09
N LEU B 77 4.96 17.33 2.47
CA LEU B 77 6.27 17.51 3.05
C LEU B 77 7.15 18.24 2.04
N ILE B 78 7.41 19.49 2.30
CA ILE B 78 8.24 20.31 1.44
C ILE B 78 9.53 20.58 2.19
N THR B 79 10.68 20.25 1.60
CA THR B 79 11.92 20.68 2.20
C THR B 79 12.54 21.80 1.35
N CYS B 80 13.06 22.79 2.06
CA CYS B 80 13.49 24.05 1.50
C CYS B 80 15.00 24.20 1.71
N SER B 81 15.74 24.33 0.63
CA SER B 81 17.20 24.19 0.71
C SER B 81 17.89 24.76 -0.51
N GLU B 82 19.17 25.05 -0.32
CA GLU B 82 20.10 25.37 -1.39
C GLU B 82 21.30 24.47 -1.24
N SER B 83 21.12 23.39 -0.47
CA SER B 83 22.18 22.46 -0.20
C SER B 83 21.78 21.09 -0.76
N GLY B 84 21.10 21.08 -1.91
CA GLY B 84 20.63 19.88 -2.54
C GLY B 84 21.71 18.84 -2.79
N ILE B 85 21.32 17.58 -2.74
CA ILE B 85 22.24 16.45 -2.89
C ILE B 85 22.11 15.73 -4.23
N ASP B 86 21.19 16.19 -5.06
CA ASP B 86 20.85 15.52 -6.28
C ASP B 86 20.10 16.54 -7.09
N PHE B 87 20.20 16.43 -8.42
CA PHE B 87 19.48 17.33 -9.29
C PHE B 87 18.00 16.99 -9.43
N GLY B 88 17.63 15.75 -9.14
CA GLY B 88 16.22 15.29 -9.28
C GLY B 88 15.57 14.71 -8.01
N LYS B 89 16.33 13.96 -7.22
CA LYS B 89 15.82 13.39 -5.99
C LYS B 89 15.74 14.42 -4.88
N SER B 90 14.54 14.63 -4.37
CA SER B 90 14.36 15.61 -3.33
C SER B 90 14.86 15.08 -1.99
N LEU B 91 15.38 15.98 -1.16
CA LEU B 91 15.67 15.67 0.22
C LEU B 91 14.42 15.08 0.91
N SER B 92 13.23 15.51 0.48
CA SER B 92 11.99 15.04 1.10
C SER B 92 11.78 13.50 1.05
N THR B 93 12.32 12.82 0.04
CA THR B 93 12.21 11.37 -0.01
C THR B 93 12.85 10.69 1.18
N TYR B 94 14.11 11.02 1.44
CA TYR B 94 14.79 10.45 2.61
C TYR B 94 14.12 10.88 3.91
N ILE B 95 13.77 12.15 4.01
CA ILE B 95 13.22 12.65 5.25
C ILE B 95 11.92 11.93 5.56
N HIS B 96 11.11 11.73 4.53
CA HIS B 96 9.81 11.04 4.63
C HIS B 96 10.00 9.63 5.23
N GLU B 97 11.03 8.94 4.77
CA GLU B 97 11.37 7.60 5.23
C GLU B 97 11.73 7.54 6.73
N TYR B 98 12.70 8.37 7.14
CA TYR B 98 13.22 8.31 8.50
C TYR B 98 12.31 8.96 9.56
N LEU B 99 11.37 9.80 9.14
CA LEU B 99 10.34 10.31 10.04
C LEU B 99 9.13 9.37 10.10
N GLY B 100 9.10 8.37 9.22
CA GLY B 100 8.05 7.37 9.23
C GLY B 100 6.70 7.89 8.84
N LEU B 101 6.65 8.88 7.94
CA LEU B 101 5.35 9.44 7.50
C LEU B 101 4.52 8.47 6.68
N ASN B 102 3.22 8.73 6.61
CA ASN B 102 2.31 7.99 5.73
C ASN B 102 2.62 8.25 4.26
N ARG B 103 2.51 7.20 3.46
CA ARG B 103 2.73 7.26 2.01
C ARG B 103 1.76 8.13 1.26
N ASN B 104 0.61 8.42 1.84
CA ASN B 104 -0.37 9.31 1.22
C ASN B 104 0.03 10.76 1.45
N CYS B 105 1.06 11.20 0.73
CA CYS B 105 1.74 12.47 1.03
C CYS B 105 2.45 12.97 -0.20
N ARG B 106 2.20 14.20 -0.62
CA ARG B 106 3.03 14.85 -1.61
C ARG B 106 4.39 15.18 -1.00
N LEU B 107 5.46 14.95 -1.74
CA LEU B 107 6.76 15.37 -1.28
C LEU B 107 7.66 15.95 -2.37
N PHE B 108 8.36 17.02 -2.02
CA PHE B 108 9.26 17.67 -2.97
C PHE B 108 10.14 18.70 -2.27
N GLU B 109 10.99 19.35 -3.05
CA GLU B 109 11.96 20.31 -2.57
C GLU B 109 11.75 21.65 -3.27
N VAL B 110 11.78 22.76 -2.52
CA VAL B 110 11.72 24.09 -3.17
C VAL B 110 13.05 24.82 -3.06
N LYS B 111 13.36 25.64 -4.07
CA LYS B 111 14.63 26.34 -4.12
C LYS B 111 14.56 27.76 -4.74
N GLN B 112 14.93 28.74 -3.92
CA GLN B 112 15.09 30.15 -4.34
C GLN B 112 16.00 30.81 -3.29
N ALA B 113 17.23 30.32 -3.16
CA ALA B 113 18.16 30.89 -2.18
C ALA B 113 17.59 30.81 -0.76
N CYS B 114 17.61 31.94 -0.03
CA CYS B 114 17.09 31.94 1.34
C CYS B 114 15.58 32.20 1.45
N TYR B 115 14.92 32.49 0.34
CA TYR B 115 13.44 32.58 0.28
C TYR B 115 12.77 31.18 0.33
N SER B 116 13.56 30.12 0.16
CA SER B 116 13.02 28.77 0.01
C SER B 116 12.02 28.39 1.08
N GLY B 117 12.37 28.70 2.33
CA GLY B 117 11.54 28.35 3.46
C GLY B 117 10.18 29.00 3.41
N THR B 118 10.16 30.31 3.21
CA THR B 118 8.93 31.08 3.17
C THR B 118 8.09 30.63 1.98
N ALA B 119 8.73 30.33 0.87
CA ALA B 119 8.00 29.84 -0.31
C ALA B 119 7.31 28.53 0.03
N GLY B 120 8.06 27.60 0.63
CA GLY B 120 7.48 26.36 1.13
C GLY B 120 6.36 26.55 2.12
N PHE B 121 6.57 27.46 3.06
CA PHE B 121 5.57 27.70 4.08
C PHE B 121 4.29 28.28 3.49
N GLN B 122 4.43 29.21 2.57
CA GLN B 122 3.24 29.82 1.96
C GLN B 122 2.47 28.84 1.12
N MET B 123 3.16 27.94 0.42
CA MET B 123 2.45 26.92 -0.32
C MET B 123 1.72 26.01 0.68
N ALA B 124 2.37 25.64 1.77
CA ALA B 124 1.72 24.79 2.79
C ALA B 124 0.45 25.45 3.39
N VAL B 125 0.55 26.73 3.73
CA VAL B 125 -0.58 27.50 4.18
C VAL B 125 -1.76 27.45 3.19
N ASN B 126 -1.46 27.63 1.90
CA ASN B 126 -2.51 27.56 0.88
C ASN B 126 -3.13 26.15 0.74
N PHE B 127 -2.35 25.11 0.99
CA PHE B 127 -2.90 23.76 1.04
C PHE B 127 -3.98 23.71 2.11
N ILE B 128 -3.66 24.20 3.29
CA ILE B 128 -4.64 24.24 4.37
C ILE B 128 -5.88 25.08 3.99
N LEU B 129 -5.64 26.34 3.59
CA LEU B 129 -6.77 27.23 3.25
C LEU B 129 -7.57 26.73 2.07
N SER B 130 -6.93 26.02 1.14
CA SER B 130 -7.66 25.44 0.00
C SER B 130 -8.70 24.40 0.42
N GLN B 131 -8.54 23.78 1.58
CA GLN B 131 -9.43 22.71 2.02
C GLN B 131 -9.62 21.64 0.98
N THR B 132 -8.59 21.41 0.18
CA THR B 132 -8.64 20.29 -0.73
C THR B 132 -8.47 18.97 0.02
N SER B 133 -8.01 19.04 1.27
CA SER B 133 -7.98 17.87 2.14
C SER B 133 -8.25 18.28 3.58
N PRO B 134 -9.53 18.45 3.95
CA PRO B 134 -9.88 19.01 5.26
C PRO B 134 -9.26 18.21 6.39
N GLY B 135 -8.70 18.88 7.38
CA GLY B 135 -7.99 18.26 8.49
C GLY B 135 -6.54 17.90 8.23
N ALA B 136 -6.09 18.05 6.98
CA ALA B 136 -4.72 17.68 6.66
C ALA B 136 -3.76 18.66 7.27
N LYS B 137 -2.53 18.20 7.45
CA LYS B 137 -1.42 19.01 7.92
C LYS B 137 -0.33 18.98 6.86
N ALA B 138 0.63 19.89 6.99
CA ALA B 138 1.81 19.87 6.19
C ALA B 138 3.00 20.09 7.07
N LEU B 139 4.16 19.68 6.57
CA LEU B 139 5.43 19.80 7.28
C LEU B 139 6.43 20.45 6.33
N VAL B 140 6.94 21.59 6.71
CA VAL B 140 7.84 22.31 5.86
C VAL B 140 9.13 22.34 6.62
N ILE B 141 10.21 21.92 5.97
CA ILE B 141 11.51 21.79 6.62
C ILE B 141 12.56 22.55 5.83
N ALA B 142 13.06 23.64 6.41
CA ALA B 142 14.13 24.37 5.82
C ALA B 142 15.44 23.87 6.38
N SER B 143 16.34 23.46 5.49
CA SER B 143 17.55 22.80 5.93
C SER B 143 18.70 23.18 5.03
N ASP B 144 19.73 23.78 5.63
CA ASP B 144 20.93 24.20 4.88
C ASP B 144 22.20 24.03 5.69
N ILE B 145 23.29 23.74 4.99
CA ILE B 145 24.60 23.59 5.64
C ILE B 145 25.62 24.33 4.79
N SER B 146 26.73 24.72 5.40
CA SER B 146 27.86 25.35 4.70
C SER B 146 29.05 24.40 4.79
N ARG B 147 29.43 23.81 3.67
CA ARG B 147 30.69 23.07 3.59
C ARG B 147 31.72 23.93 2.83
N PHE B 148 33.00 23.54 2.92
CA PHE B 148 34.07 24.27 2.21
C PHE B 148 35.11 23.33 1.65
N SER B 162 36.77 34.15 2.58
CA SER B 162 37.44 34.17 3.87
C SER B 162 36.58 34.72 5.01
N TYR B 163 35.98 35.89 4.80
CA TYR B 163 35.16 36.54 5.84
C TYR B 163 33.75 35.91 6.00
N ALA B 164 33.39 34.98 5.10
CA ALA B 164 32.16 34.19 5.19
C ALA B 164 32.28 32.97 6.12
N GLU B 165 33.48 32.39 6.24
CA GLU B 165 33.70 31.16 7.03
C GLU B 165 33.23 31.26 8.51
N PRO B 166 33.62 32.33 9.24
CA PRO B 166 33.17 32.43 10.65
C PRO B 166 31.66 32.70 10.80
N SER B 167 31.06 33.25 9.76
CA SER B 167 29.64 33.63 9.75
C SER B 167 28.67 32.52 9.29
N ALA B 168 29.14 31.64 8.43
CA ALA B 168 28.31 30.69 7.70
C ALA B 168 28.02 29.39 8.49
N GLY B 169 26.74 29.17 8.76
CA GLY B 169 26.33 28.17 9.70
C GLY B 169 25.67 26.97 9.06
N ALA B 170 24.97 26.23 9.91
CA ALA B 170 24.30 25.02 9.48
C ALA B 170 23.20 24.82 10.49
N GLY B 171 22.02 24.47 10.01
CA GLY B 171 20.87 24.36 10.84
C GLY B 171 19.63 24.01 10.04
N ALA B 172 18.59 23.58 10.75
CA ALA B 172 17.32 23.34 10.13
C ALA B 172 16.17 23.69 11.04
N VAL B 173 15.07 24.12 10.44
CA VAL B 173 13.91 24.42 11.21
C VAL B 173 12.76 23.71 10.54
N ALA B 174 12.03 22.94 11.33
CA ALA B 174 10.86 22.19 10.87
C ALA B 174 9.62 22.85 11.37
N VAL B 175 8.61 22.92 10.53
CA VAL B 175 7.45 23.72 10.80
C VAL B 175 6.25 22.94 10.45
N LEU B 176 5.44 22.58 11.44
CA LEU B 176 4.23 21.81 11.18
C LEU B 176 3.13 22.81 11.01
N VAL B 177 2.44 22.70 9.89
CA VAL B 177 1.41 23.65 9.52
C VAL B 177 0.06 22.94 9.49
N GLY B 178 -0.97 23.63 9.97
CA GLY B 178 -2.30 23.05 10.07
C GLY B 178 -3.39 24.03 10.53
N GLU B 179 -4.54 23.45 10.89
CA GLU B 179 -5.81 24.21 11.07
C GLU B 179 -6.02 24.79 12.46
N ASN B 180 -5.16 24.45 13.41
CA ASN B 180 -5.18 25.02 14.78
C ASN B 180 -3.82 25.62 15.15
N PRO B 181 -3.46 26.70 14.50
CA PRO B 181 -2.11 27.18 14.66
C PRO B 181 -1.96 28.09 15.85
N GLU B 182 -1.82 27.51 17.03
CA GLU B 182 -1.63 28.32 18.21
C GLU B 182 -0.29 29.02 18.20
N VAL B 183 0.72 28.51 17.50
CA VAL B 183 2.04 29.15 17.64
C VAL B 183 2.25 30.31 16.63
N PHE B 184 1.60 30.25 15.48
CA PHE B 184 1.66 31.36 14.54
C PHE B 184 0.51 31.24 13.54
N GLN B 185 -0.60 31.91 13.81
CA GLN B 185 -1.79 31.86 12.94
C GLN B 185 -1.61 32.95 11.94
N ILE B 186 -1.50 32.61 10.67
CA ILE B 186 -1.25 33.64 9.70
C ILE B 186 -2.51 34.47 9.43
N ASP B 187 -2.26 35.71 9.03
CA ASP B 187 -3.28 36.64 8.59
C ASP B 187 -3.49 36.43 7.09
N PRO B 188 -4.59 35.78 6.72
CA PRO B 188 -4.69 35.36 5.36
C PRO B 188 -4.73 36.55 4.42
N GLY B 189 -3.93 36.50 3.37
CA GLY B 189 -3.93 37.50 2.32
C GLY B 189 -3.05 38.70 2.65
N ALA B 190 -2.56 38.74 3.90
CA ALA B 190 -1.75 39.83 4.35
C ALA B 190 -0.34 39.51 3.94
N ASN B 191 -0.07 39.71 2.65
CA ASN B 191 1.19 39.28 2.05
C ASN B 191 1.74 40.31 1.05
N GLY B 192 2.98 40.73 1.21
CA GLY B 192 3.62 41.60 0.25
C GLY B 192 4.79 40.87 -0.33
N TYR B 193 4.64 40.26 -1.50
CA TYR B 193 5.75 39.57 -2.13
C TYR B 193 6.31 40.36 -3.29
N TYR B 194 7.62 40.26 -3.49
CA TYR B 194 8.33 41.07 -4.44
C TYR B 194 9.54 40.33 -4.90
N GLY B 195 9.75 40.33 -6.22
CA GLY B 195 10.87 39.62 -6.80
C GLY B 195 11.24 40.18 -8.14
N TYR B 196 12.49 39.96 -8.52
CA TYR B 196 13.02 40.38 -9.79
C TYR B 196 14.43 39.81 -9.87
N GLU B 197 14.95 39.73 -11.09
CA GLU B 197 16.23 39.12 -11.33
C GLU B 197 17.31 40.09 -10.95
N VAL B 198 18.29 39.64 -10.17
CA VAL B 198 19.46 40.46 -9.86
C VAL B 198 20.72 39.60 -9.86
N MET B 199 21.80 40.17 -10.37
CA MET B 199 23.11 39.53 -10.36
C MET B 199 23.71 39.60 -8.96
N ASP B 200 23.79 38.47 -8.28
CA ASP B 200 24.03 38.46 -6.83
C ASP B 200 24.85 37.19 -6.49
N THR B 201 25.31 37.11 -5.24
CA THR B 201 25.93 35.87 -4.72
C THR B 201 24.98 34.69 -4.92
N CYS B 202 25.44 33.67 -5.64
CA CYS B 202 24.65 32.49 -5.94
C CYS B 202 25.46 31.23 -5.61
N ARG B 203 25.00 30.05 -6.04
CA ARG B 203 25.72 28.83 -5.75
C ARG B 203 25.87 27.94 -7.01
N PRO B 204 26.65 28.41 -7.99
CA PRO B 204 26.71 27.78 -9.30
C PRO B 204 27.65 26.59 -9.38
N ILE B 205 28.38 26.32 -8.31
CA ILE B 205 29.41 25.30 -8.28
C ILE B 205 29.00 24.36 -7.16
N PRO B 206 29.24 23.04 -7.33
CA PRO B 206 28.83 22.07 -6.32
C PRO B 206 29.00 22.49 -4.84
N ASP B 207 30.24 22.67 -4.36
CA ASP B 207 30.47 22.75 -2.91
C ASP B 207 30.92 24.11 -2.40
N SER B 208 30.45 25.16 -3.08
CA SER B 208 30.94 26.49 -2.81
C SER B 208 29.99 27.53 -3.36
N GLU B 209 30.32 28.80 -3.12
CA GLU B 209 29.57 29.93 -3.62
C GLU B 209 30.40 30.73 -4.62
N ALA B 210 29.75 31.69 -5.25
CA ALA B 210 30.40 32.65 -6.13
C ALA B 210 29.43 33.81 -6.36
N GLY B 211 29.90 34.83 -7.07
CA GLY B 211 29.12 36.04 -7.28
C GLY B 211 29.59 37.13 -6.33
N ASP B 212 28.69 38.02 -5.96
CA ASP B 212 29.10 39.27 -5.32
C ASP B 212 28.07 39.78 -4.32
N SER B 213 28.46 39.85 -3.04
CA SER B 213 27.57 40.40 -2.00
C SER B 213 27.67 41.94 -2.00
N ASP B 214 27.98 42.50 -3.15
CA ASP B 214 28.19 43.91 -3.27
C ASP B 214 26.83 44.63 -3.41
N LEU B 215 25.90 43.97 -4.11
CA LEU B 215 24.54 44.46 -4.28
C LEU B 215 23.59 43.85 -3.26
N SER B 216 24.05 42.79 -2.58
CA SER B 216 23.21 42.03 -1.68
C SER B 216 22.43 42.90 -0.73
N LEU B 217 23.12 43.79 -0.04
CA LEU B 217 22.50 44.61 1.01
C LEU B 217 21.49 45.58 0.44
N MET B 218 21.89 46.25 -0.64
CA MET B 218 21.00 47.16 -1.39
C MET B 218 19.67 46.47 -1.81
N SER B 219 19.79 45.24 -2.30
CA SER B 219 18.60 44.52 -2.73
C SER B 219 17.75 44.06 -1.53
N TYR B 220 18.42 43.64 -0.47
CA TYR B 220 17.75 43.22 0.77
C TYR B 220 16.93 44.40 1.29
N LEU B 221 17.54 45.57 1.30
CA LEU B 221 16.84 46.79 1.78
C LEU B 221 15.77 47.26 0.84
N ASP B 222 16.04 47.24 -0.46
CA ASP B 222 14.99 47.50 -1.43
C ASP B 222 13.79 46.58 -1.17
N CYS B 223 14.06 45.28 -1.07
CA CYS B 223 12.98 44.32 -0.91
C CYS B 223 12.26 44.51 0.38
N CYS B 224 13.03 44.75 1.42
CA CYS B 224 12.43 44.97 2.74
C CYS B 224 11.38 46.08 2.71
N GLU B 225 11.71 47.19 2.04
CA GLU B 225 10.78 48.31 1.89
C GLU B 225 9.60 47.96 0.99
N GLN B 226 9.89 47.42 -0.20
CA GLN B 226 8.84 47.15 -1.16
C GLN B 226 7.87 46.07 -0.71
N THR B 227 8.34 45.08 0.04
CA THR B 227 7.42 44.05 0.58
C THR B 227 6.44 44.66 1.55
N PHE B 228 6.92 45.52 2.42
CA PHE B 228 6.00 46.17 3.33
C PHE B 228 5.01 47.09 2.64
N LEU B 229 5.45 47.87 1.65
CA LEU B 229 4.54 48.72 0.91
C LEU B 229 3.48 47.92 0.17
N GLU B 230 3.84 46.75 -0.33
CA GLU B 230 2.84 45.87 -0.95
C GLU B 230 1.86 45.32 0.11
N TYR B 231 2.40 44.99 1.29
CA TYR B 231 1.57 44.55 2.39
C TYR B 231 0.57 45.65 2.78
N GLN B 232 1.04 46.89 2.95
CA GLN B 232 0.14 48.02 3.21
C GLN B 232 -0.95 48.16 2.16
N LYS B 233 -0.56 48.00 0.91
CA LYS B 233 -1.52 48.14 -0.18
C LYS B 233 -2.66 47.15 -0.02
N ARG B 234 -2.38 45.93 0.43
CA ARG B 234 -3.42 44.91 0.59
C ARG B 234 -4.01 44.89 1.97
N VAL B 235 -3.33 45.51 2.93
CA VAL B 235 -3.83 45.58 4.30
C VAL B 235 -3.98 47.03 4.71
N PRO B 236 -5.14 47.64 4.38
CA PRO B 236 -5.23 49.07 4.64
C PRO B 236 -5.16 49.35 6.16
N GLY B 237 -4.44 50.40 6.56
CA GLY B 237 -4.27 50.74 7.98
C GLY B 237 -3.03 50.13 8.60
N ALA B 238 -2.40 49.19 7.91
CA ALA B 238 -1.17 48.60 8.43
C ALA B 238 -0.12 49.65 8.61
N ASN B 239 0.69 49.46 9.64
CA ASN B 239 1.64 50.44 10.09
C ASN B 239 2.85 49.72 10.69
N TYR B 240 4.06 50.10 10.31
CA TYR B 240 5.27 49.33 10.63
C TYR B 240 5.68 49.36 12.09
N GLN B 241 5.13 50.30 12.84
CA GLN B 241 5.50 50.54 14.23
C GLN B 241 4.45 49.94 15.21
N ASP B 242 3.19 50.23 14.99
CA ASP B 242 2.12 49.86 15.92
C ASP B 242 1.49 48.52 15.64
N THR B 243 1.47 48.11 14.35
CA THR B 243 0.75 46.91 13.95
C THR B 243 1.43 45.64 14.47
N PHE B 244 2.76 45.70 14.56
CA PHE B 244 3.61 44.57 14.89
C PHE B 244 4.25 44.75 16.25
N GLN B 245 3.96 43.80 17.15
CA GLN B 245 4.53 43.82 18.48
C GLN B 245 5.93 43.22 18.45
N TYR B 246 6.21 42.27 17.58
CA TYR B 246 7.62 41.92 17.26
C TYR B 246 7.79 41.82 15.73
N LEU B 247 9.06 41.84 15.29
CA LEU B 247 9.43 41.74 13.88
C LEU B 247 10.57 40.77 13.72
N ALA B 248 10.46 39.91 12.70
CA ALA B 248 11.48 38.90 12.42
C ALA B 248 11.89 39.03 11.00
N TYR B 249 13.19 38.82 10.75
CA TYR B 249 13.79 39.10 9.45
C TYR B 249 14.65 37.94 9.07
N HIS B 250 14.84 37.72 7.78
CA HIS B 250 15.92 36.86 7.33
C HIS B 250 17.16 37.41 7.98
N THR B 251 17.82 36.59 8.78
CA THR B 251 18.97 37.08 9.51
C THR B 251 20.19 36.17 9.32
N PRO B 252 21.08 36.55 8.41
CA PRO B 252 22.38 35.91 8.23
C PRO B 252 23.29 36.18 9.42
N PHE B 253 23.28 37.43 9.88
CA PHE B 253 23.89 37.78 11.17
C PHE B 253 23.13 38.96 11.79
N GLY B 254 23.10 39.02 13.12
CA GLY B 254 22.36 40.06 13.83
C GLY B 254 22.66 41.47 13.36
N GLY B 255 23.93 41.74 13.05
CA GLY B 255 24.39 43.07 12.71
C GLY B 255 23.65 43.70 11.56
N MET B 256 23.45 42.96 10.50
CA MET B 256 22.78 43.54 9.34
C MET B 256 21.28 43.72 9.55
N VAL B 257 20.68 42.88 10.38
CA VAL B 257 19.27 43.08 10.72
C VAL B 257 19.10 44.31 11.62
N LYS B 258 20.06 44.54 12.51
CA LYS B 258 20.00 45.73 13.31
C LYS B 258 20.08 46.93 12.37
N GLY B 259 21.00 46.87 11.42
CA GLY B 259 21.12 47.90 10.41
C GLY B 259 19.86 48.06 9.59
N ALA B 260 19.26 46.94 9.18
CA ALA B 260 18.10 47.02 8.32
C ALA B 260 16.88 47.53 9.05
N HIS B 261 16.73 47.16 10.31
CA HIS B 261 15.65 47.70 11.12
C HIS B 261 15.78 49.22 11.24
N ARG B 262 16.99 49.70 11.48
CA ARG B 262 17.24 51.11 11.62
C ARG B 262 16.78 51.78 10.35
N THR B 263 17.26 51.24 9.23
CA THR B 263 16.92 51.80 7.93
C THR B 263 15.42 51.81 7.71
N MET B 264 14.74 50.74 8.06
CA MET B 264 13.28 50.70 7.93
C MET B 264 12.58 51.76 8.78
N MET B 265 13.04 51.97 10.01
CA MET B 265 12.38 52.93 10.89
C MET B 265 12.54 54.36 10.36
N ARG B 266 13.67 54.65 9.73
CA ARG B 266 13.91 55.96 9.07
C ARG B 266 13.16 56.07 7.73
N LYS B 267 13.39 55.11 6.85
CA LYS B 267 12.75 55.07 5.54
C LYS B 267 11.23 54.96 5.61
N VAL B 268 10.71 53.96 6.31
CA VAL B 268 9.28 53.63 6.21
C VAL B 268 8.46 54.17 7.36
N ALA B 269 8.90 53.94 8.59
CA ALA B 269 8.11 54.36 9.76
C ALA B 269 8.33 55.84 10.01
N LYS B 270 9.50 56.32 9.59
CA LYS B 270 9.82 57.74 9.63
C LYS B 270 9.67 58.26 11.03
N VAL B 271 10.45 57.69 11.93
CA VAL B 271 10.45 58.10 13.33
C VAL B 271 11.80 58.72 13.63
N LYS B 272 11.89 59.37 14.79
CA LYS B 272 13.10 60.06 15.16
C LYS B 272 14.19 59.08 15.52
N THR B 273 15.40 59.43 15.13
CA THR B 273 16.57 58.60 15.38
C THR B 273 16.72 58.15 16.83
N SER B 274 16.35 59.01 17.78
CA SER B 274 16.63 58.72 19.19
C SER B 274 15.86 57.50 19.76
N GLY B 275 14.68 57.19 19.21
CA GLY B 275 13.84 56.10 19.73
C GLY B 275 14.03 54.74 19.06
N ILE B 276 14.88 54.68 18.04
CA ILE B 276 15.10 53.48 17.25
C ILE B 276 15.76 52.34 18.05
N GLU B 277 16.84 52.66 18.77
CA GLU B 277 17.51 51.66 19.59
C GLU B 277 16.56 50.97 20.55
N THR B 278 15.65 51.74 21.14
CA THR B 278 14.63 51.17 22.01
C THR B 278 13.73 50.21 21.25
N ASP B 279 13.15 50.68 20.13
CA ASP B 279 12.33 49.83 19.29
C ASP B 279 13.06 48.52 18.90
N PHE B 280 14.32 48.60 18.54
CA PHE B 280 15.10 47.41 18.21
C PHE B 280 15.19 46.43 19.37
N LEU B 281 15.51 46.95 20.55
CA LEU B 281 15.61 46.11 21.71
C LEU B 281 14.28 45.48 22.10
N THR B 282 13.18 46.17 21.93
CA THR B 282 11.92 45.56 22.40
C THR B 282 11.25 44.68 21.36
N ARG B 283 11.49 44.95 20.06
CA ARG B 283 10.74 44.27 18.97
C ARG B 283 11.57 43.32 18.11
N VAL B 284 12.88 43.46 18.10
CA VAL B 284 13.75 42.73 17.18
C VAL B 284 14.81 41.86 17.87
N LYS B 285 15.36 42.35 18.99
CA LYS B 285 16.45 41.67 19.74
C LYS B 285 16.06 40.26 20.21
N PRO B 286 14.83 40.07 20.65
CA PRO B 286 14.41 38.73 20.99
C PRO B 286 14.57 37.74 19.83
N GLY B 287 14.18 38.17 18.63
CA GLY B 287 14.29 37.33 17.44
C GLY B 287 15.71 36.98 17.07
N LEU B 288 16.68 37.73 17.60
CA LEU B 288 18.06 37.55 17.20
C LEU B 288 18.82 36.64 18.13
N ASN B 289 18.21 36.19 19.21
CA ASN B 289 18.96 35.41 20.15
C ASN B 289 19.52 34.13 19.53
N TYR B 290 18.68 33.34 18.85
CA TYR B 290 19.16 32.03 18.36
C TYR B 290 20.13 32.11 17.20
N CYS B 291 20.02 33.16 16.39
CA CYS B 291 20.90 33.40 15.25
C CYS B 291 22.38 33.53 15.72
N GLN B 292 22.62 34.07 16.91
CA GLN B 292 23.98 34.15 17.47
C GLN B 292 24.58 32.82 17.90
N ARG B 293 23.71 31.86 18.15
CA ARG B 293 24.12 30.55 18.63
C ARG B 293 24.44 29.62 17.47
N VAL B 294 24.07 30.02 16.25
CA VAL B 294 24.03 29.07 15.16
C VAL B 294 24.69 29.57 13.88
N GLY B 295 24.59 30.87 13.62
CA GLY B 295 25.14 31.46 12.41
C GLY B 295 24.05 31.60 11.36
N ASN B 296 24.46 32.00 10.16
CA ASN B 296 23.58 32.10 9.00
C ASN B 296 23.15 30.72 8.55
N ILE B 297 21.87 30.39 8.71
CA ILE B 297 21.35 29.10 8.20
C ILE B 297 20.42 29.24 7.01
N MET B 298 20.68 30.29 6.27
CA MET B 298 20.16 30.48 4.92
C MET B 298 18.61 30.43 4.86
N GLY B 299 18.06 29.42 4.18
CA GLY B 299 16.63 29.31 4.01
C GLY B 299 15.85 29.09 5.27
N ALA B 300 16.56 28.77 6.35
CA ALA B 300 15.94 28.55 7.67
C ALA B 300 16.10 29.78 8.60
N ALA B 301 16.91 30.76 8.18
CA ALA B 301 17.24 31.88 9.05
C ALA B 301 16.01 32.63 9.55
N LEU B 302 15.05 32.90 8.70
CA LEU B 302 13.87 33.65 9.15
C LEU B 302 13.05 32.84 10.13
N PHE B 303 12.88 31.56 9.85
CA PHE B 303 12.14 30.70 10.77
C PHE B 303 12.86 30.65 12.10
N LEU B 304 14.19 30.61 12.07
CA LEU B 304 14.94 30.56 13.30
C LEU B 304 14.63 31.80 14.10
N ALA B 305 14.62 32.95 13.43
CA ALA B 305 14.37 34.19 14.11
C ALA B 305 12.95 34.24 14.60
N LEU B 306 12.02 33.68 13.83
CA LEU B 306 10.64 33.62 14.31
C LEU B 306 10.60 32.79 15.58
N ALA B 307 11.33 31.70 15.61
CA ALA B 307 11.24 30.77 16.73
C ALA B 307 11.90 31.42 17.94
N SER B 308 13.01 32.10 17.71
CA SER B 308 13.68 32.89 18.76
C SER B 308 12.74 33.91 19.33
N THR B 309 12.00 34.56 18.45
CA THR B 309 11.06 35.60 18.88
C THR B 309 10.04 35.02 19.82
N ILE B 310 9.51 33.86 19.48
CA ILE B 310 8.41 33.27 20.24
C ILE B 310 8.89 32.72 21.60
N ASP B 311 10.10 32.15 21.65
CA ASP B 311 10.65 31.66 22.93
C ASP B 311 11.15 32.79 23.81
N GLN B 312 11.71 33.86 23.23
CA GLN B 312 12.36 34.93 24.03
C GLN B 312 11.47 36.16 24.28
N GLY B 313 10.36 36.30 23.57
CA GLY B 313 9.44 37.41 23.80
C GLY B 313 8.37 37.16 24.85
N ARG B 314 7.40 38.06 24.88
CA ARG B 314 6.35 38.07 25.89
C ARG B 314 4.98 37.96 25.21
N PHE B 315 4.23 36.92 25.60
CA PHE B 315 2.93 36.67 24.99
C PHE B 315 1.90 36.38 26.07
N ASP B 316 1.88 37.24 27.09
CA ASP B 316 0.82 37.19 28.10
C ASP B 316 -0.52 37.26 27.38
N THR B 317 -0.58 38.07 26.34
CA THR B 317 -1.77 38.16 25.49
C THR B 317 -1.30 37.95 24.05
N PRO B 318 -2.24 37.65 23.12
CA PRO B 318 -1.83 37.42 21.73
C PRO B 318 -1.15 38.62 21.08
N LYS B 319 0.01 38.41 20.48
CA LYS B 319 0.79 39.46 19.82
C LYS B 319 0.90 39.16 18.31
N ARG B 320 0.91 40.21 17.49
CA ARG B 320 1.16 40.08 16.04
C ARG B 320 2.66 40.21 15.69
N ILE B 321 3.20 39.27 14.92
CA ILE B 321 4.59 39.34 14.51
C ILE B 321 4.62 39.52 13.00
N GLY B 322 5.49 40.40 12.51
CA GLY B 322 5.69 40.63 11.08
C GLY B 322 6.99 39.99 10.65
N CYS B 323 6.98 39.29 9.52
CA CYS B 323 8.12 38.51 9.05
C CYS B 323 8.51 38.92 7.66
N PHE B 324 9.80 39.17 7.49
CA PHE B 324 10.36 39.50 6.21
C PHE B 324 11.32 38.43 5.78
N SER B 325 11.05 37.90 4.59
CA SER B 325 11.85 36.87 3.98
C SER B 325 12.53 37.38 2.73
N TYR B 326 13.81 37.05 2.55
CA TYR B 326 14.54 37.49 1.38
C TYR B 326 15.44 36.38 0.90
N GLY B 327 15.59 36.26 -0.40
CA GLY B 327 16.53 35.33 -0.95
C GLY B 327 17.23 35.99 -2.10
N SER B 328 18.54 35.84 -2.17
CA SER B 328 19.29 36.38 -3.30
C SER B 328 18.75 35.94 -4.65
N GLY B 329 18.77 36.83 -5.62
CA GLY B 329 18.51 36.41 -6.99
C GLY B 329 17.39 37.03 -7.82
N CYS B 330 16.29 37.50 -7.24
CA CYS B 330 15.96 37.49 -5.80
C CYS B 330 14.47 37.32 -5.67
N CYS B 331 14.01 36.99 -4.49
CA CYS B 331 12.56 37.08 -4.20
C CYS B 331 12.41 37.35 -2.74
N SER B 332 11.27 37.88 -2.34
CA SER B 332 11.09 38.33 -0.97
C SER B 332 9.63 38.40 -0.66
N GLU B 333 9.30 38.34 0.62
CA GLU B 333 7.95 38.45 1.05
C GLU B 333 7.86 38.98 2.47
N PHE B 334 6.82 39.77 2.73
CA PHE B 334 6.54 40.21 4.08
C PHE B 334 5.17 39.71 4.45
N TYR B 335 5.07 39.11 5.62
CA TYR B 335 3.80 38.54 6.05
C TYR B 335 3.74 38.54 7.59
N SER B 336 2.55 38.27 8.11
CA SER B 336 2.30 38.43 9.51
C SER B 336 1.33 37.38 10.07
N GLY B 337 1.42 37.21 11.38
CA GLY B 337 0.61 36.24 12.11
C GLY B 337 0.52 36.56 13.59
N ILE B 338 -0.43 35.89 14.26
CA ILE B 338 -0.66 36.03 15.70
C ILE B 338 -0.08 34.82 16.42
N THR B 339 0.64 35.03 17.52
CA THR B 339 0.99 33.93 18.41
C THR B 339 0.42 34.17 19.79
N THR B 340 -0.11 33.12 20.40
CA THR B 340 -0.85 33.19 21.66
C THR B 340 -0.02 32.66 22.81
N PRO B 341 -0.43 32.96 24.07
CA PRO B 341 0.24 32.37 25.23
C PRO B 341 0.37 30.85 25.14
N GLN B 342 -0.67 30.20 24.60
CA GLN B 342 -0.67 28.74 24.45
C GLN B 342 0.38 28.30 23.43
N GLY B 343 0.50 29.08 22.36
CA GLY B 343 1.52 28.87 21.36
C GLY B 343 2.91 28.87 21.94
N GLN B 344 3.25 29.94 22.65
CA GLN B 344 4.54 30.03 23.29
C GLN B 344 4.81 28.86 24.26
N GLU B 345 3.76 28.38 24.94
CA GLU B 345 3.86 27.20 25.84
C GLU B 345 4.26 25.91 25.11
N ARG B 346 3.50 25.62 24.07
CA ARG B 346 3.80 24.56 23.15
C ARG B 346 5.25 24.64 22.67
N GLN B 347 5.65 25.81 22.23
CA GLN B 347 7.03 26.01 21.80
C GLN B 347 8.08 25.76 22.89
N ARG B 348 7.74 26.01 24.14
CA ARG B 348 8.71 25.83 25.21
C ARG B 348 8.99 24.36 25.45
N THR B 349 8.01 23.50 25.24
CA THR B 349 8.20 22.07 25.44
C THR B 349 9.32 21.49 24.60
N PHE B 350 9.68 22.16 23.50
CA PHE B 350 10.72 21.65 22.61
C PHE B 350 12.12 21.90 23.17
N GLY B 351 12.22 22.85 24.11
CA GLY B 351 13.46 23.15 24.77
C GLY B 351 14.59 23.50 23.82
N ILE B 352 14.34 24.46 22.92
CA ILE B 352 15.31 24.80 21.89
C ILE B 352 16.62 25.31 22.49
N GLU B 353 16.47 26.18 23.48
CA GLU B 353 17.63 26.79 24.12
C GLU B 353 18.46 25.73 24.81
N LYS B 354 17.80 24.81 25.48
CA LYS B 354 18.46 23.72 26.19
C LYS B 354 19.25 22.84 25.20
N HIS B 355 18.63 22.51 24.07
CA HIS B 355 19.34 21.77 23.01
C HIS B 355 20.53 22.55 22.45
N LEU B 356 20.42 23.85 22.29
CA LEU B 356 21.60 24.65 21.89
C LEU B 356 22.72 24.61 22.92
N ASP B 357 22.35 24.65 24.19
CA ASP B 357 23.33 24.59 25.29
C ASP B 357 24.07 23.27 25.32
N ARG B 358 23.41 22.20 24.91
CA ARG B 358 24.04 20.87 24.97
C ARG B 358 24.99 20.49 23.82
N ARG B 359 25.21 21.34 22.83
CA ARG B 359 26.01 20.95 21.68
C ARG B 359 27.48 20.89 22.05
N TYR B 360 28.25 20.19 21.22
CA TYR B 360 29.67 19.96 21.46
C TYR B 360 30.50 21.11 20.90
N GLN B 361 31.35 21.70 21.71
CA GLN B 361 32.19 22.81 21.24
C GLN B 361 33.47 22.28 20.65
N LEU B 362 33.70 22.57 19.38
CA LEU B 362 34.93 22.20 18.70
C LEU B 362 36.07 23.09 19.17
N SER B 363 37.24 22.52 19.29
CA SER B 363 38.48 23.28 19.35
C SER B 363 38.88 23.52 17.92
N MET B 364 39.81 24.43 17.70
CA MET B 364 40.35 24.69 16.37
C MET B 364 41.04 23.46 15.72
N GLU B 365 41.60 22.58 16.54
CA GLU B 365 42.30 21.41 16.02
C GLU B 365 41.26 20.44 15.51
N GLU B 366 40.20 20.28 16.31
CA GLU B 366 39.08 19.44 15.94
C GLU B 366 38.45 20.01 14.69
N TYR B 367 38.32 21.34 14.64
CA TYR B 367 37.73 22.01 13.49
C TYR B 367 38.52 21.72 12.22
N GLU B 368 39.84 21.67 12.34
CA GLU B 368 40.67 21.33 11.18
C GLU B 368 40.47 19.90 10.68
N LEU B 369 40.27 18.95 11.60
CA LEU B 369 39.99 17.53 11.25
C LEU B 369 38.68 17.39 10.50
N LEU B 370 37.73 18.22 10.87
CA LEU B 370 36.40 18.27 10.29
C LEU B 370 36.45 18.85 8.89
N PHE B 371 37.11 20.00 8.78
CA PHE B 371 37.30 20.69 7.51
C PHE B 371 37.99 19.77 6.45
N LYS B 372 39.09 19.12 6.83
CA LYS B 372 39.78 18.18 5.94
C LYS B 372 38.96 16.92 5.64
N GLY B 373 38.06 16.56 6.55
CA GLY B 373 37.15 15.42 6.37
C GLY B 373 35.89 15.69 5.55
N SER B 374 35.48 16.97 5.50
CA SER B 374 34.27 17.33 4.76
C SER B 374 34.36 16.99 3.28
N GLY B 375 35.58 16.82 2.77
CA GLY B 375 35.78 16.45 1.37
C GLY B 375 35.22 15.08 1.02
N MET B 376 35.33 14.12 1.94
CA MET B 376 34.88 12.73 1.63
C MET B 376 33.37 12.64 1.34
N VAL B 377 32.62 13.66 1.79
CA VAL B 377 31.20 13.83 1.47
C VAL B 377 30.90 15.13 0.71
N ARG B 378 31.00 15.04 -0.58
CA ARG B 378 31.20 16.19 -1.41
C ARG B 378 30.24 15.89 -2.52
N PHE B 379 29.63 16.90 -3.10
CA PHE B 379 28.46 16.66 -3.95
C PHE B 379 28.47 15.45 -4.89
N GLY B 380 29.56 15.18 -5.55
CA GLY B 380 29.51 14.00 -6.45
C GLY B 380 29.68 12.62 -5.85
N THR B 381 29.82 12.53 -4.53
CA THR B 381 30.36 11.34 -3.94
C THR B 381 29.49 10.13 -4.19
N ARG B 382 30.11 9.07 -4.67
CA ARG B 382 29.44 7.85 -5.07
C ARG B 382 29.48 6.78 -3.99
N ASN B 383 30.68 6.51 -3.44
CA ASN B 383 30.84 5.53 -2.37
C ASN B 383 31.66 6.05 -1.21
N VAL B 384 31.11 5.99 -0.02
CA VAL B 384 31.89 6.37 1.15
C VAL B 384 31.28 5.79 2.41
N LYS B 385 32.16 5.40 3.33
CA LYS B 385 31.80 4.93 4.66
C LYS B 385 32.28 5.93 5.68
N LEU B 386 31.39 6.37 6.55
CA LEU B 386 31.71 7.39 7.52
C LEU B 386 32.15 6.80 8.87
N ASP B 387 33.09 7.51 9.49
CA ASP B 387 33.58 7.20 10.82
C ASP B 387 32.95 8.19 11.79
N PHE B 388 32.07 7.69 12.65
CA PHE B 388 31.46 8.51 13.69
C PHE B 388 32.43 8.90 14.81
N GLU B 389 33.58 8.23 14.86
CA GLU B 389 34.62 8.50 15.85
C GLU B 389 35.76 9.30 15.27
N MET B 390 35.55 9.89 14.11
CA MET B 390 36.61 10.66 13.47
C MET B 390 37.05 11.85 14.32
N ILE B 391 36.12 12.40 15.07
CA ILE B 391 36.42 13.35 16.14
C ILE B 391 35.95 12.68 17.43
N PRO B 392 36.85 11.95 18.08
CA PRO B 392 36.52 10.93 19.10
C PRO B 392 35.42 11.28 20.10
N GLY B 393 35.43 12.49 20.62
CA GLY B 393 34.54 12.78 21.76
C GLY B 393 33.04 12.93 21.50
N ILE B 394 32.64 13.15 20.25
CA ILE B 394 31.39 13.85 19.97
C ILE B 394 30.14 13.01 20.17
N MET B 395 30.14 11.80 19.65
CA MET B 395 28.94 10.97 19.72
C MET B 395 28.51 10.68 21.17
N GLN B 396 29.33 9.88 21.86
CA GLN B 396 29.11 9.47 23.26
C GLN B 396 29.28 10.63 24.26
N SER B 397 29.34 11.87 23.75
CA SER B 397 29.34 13.05 24.60
C SER B 397 28.11 13.53 25.36
N THR B 398 27.02 13.82 24.64
CA THR B 398 25.70 14.07 25.24
C THR B 398 24.90 12.77 25.35
N GLN B 399 23.90 12.76 26.24
CA GLN B 399 22.98 11.61 26.39
C GLN B 399 21.52 12.08 26.26
N GLU B 400 20.98 12.05 25.04
CA GLU B 400 19.63 12.59 24.75
C GLU B 400 18.83 11.66 23.84
N LYS B 401 17.69 12.13 23.33
CA LYS B 401 16.88 11.34 22.39
C LYS B 401 17.71 10.85 21.20
N PRO B 402 17.23 9.82 20.47
CA PRO B 402 17.98 9.32 19.30
C PRO B 402 18.14 10.34 18.20
N ARG B 403 19.28 10.32 17.53
CA ARG B 403 19.57 11.27 16.47
C ARG B 403 20.05 10.60 15.21
N LEU B 404 19.68 11.17 14.07
CA LEU B 404 20.02 10.57 12.79
C LEU B 404 21.33 11.08 12.26
N PHE B 405 22.14 10.17 11.73
CA PHE B 405 23.41 10.51 11.12
C PHE B 405 23.61 9.77 9.80
N LEU B 406 24.44 10.33 8.93
CA LEU B 406 24.74 9.70 7.67
C LEU B 406 25.80 8.63 7.89
N GLU B 407 25.43 7.37 7.63
CA GLU B 407 26.34 6.22 7.81
C GLU B 407 27.16 5.94 6.56
N GLU B 408 26.51 5.93 5.40
CA GLU B 408 27.24 5.63 4.18
C GLU B 408 26.54 6.09 2.90
N ILE B 409 27.32 6.29 1.85
CA ILE B 409 26.77 6.45 0.51
C ILE B 409 27.25 5.27 -0.32
N SER B 410 26.29 4.56 -0.90
CA SER B 410 26.56 3.35 -1.66
C SER B 410 25.93 3.45 -3.03
N GLU B 411 26.76 3.53 -4.07
CA GLU B 411 26.28 3.85 -5.41
C GLU B 411 25.31 5.04 -5.41
N PHE B 412 25.71 6.12 -4.74
CA PHE B 412 24.95 7.36 -4.66
C PHE B 412 23.74 7.33 -3.75
N HIS B 413 23.32 6.15 -3.28
CA HIS B 413 22.17 6.07 -2.36
C HIS B 413 22.63 6.23 -0.92
N ARG B 414 21.90 7.01 -0.14
CA ARG B 414 22.37 7.36 1.20
C ARG B 414 21.73 6.48 2.26
N LYS B 415 22.55 6.01 3.20
CA LYS B 415 22.08 5.21 4.32
C LYS B 415 22.33 5.99 5.57
N TYR B 416 21.29 6.09 6.38
CA TYR B 416 21.31 6.82 7.62
C TYR B 416 21.10 5.88 8.79
N ARG B 417 21.55 6.28 9.96
CA ARG B 417 21.42 5.45 11.18
C ARG B 417 21.00 6.28 12.38
N TRP B 418 20.12 5.69 13.20
CA TRP B 418 19.79 6.27 14.47
C TRP B 418 20.87 5.94 15.53
N ILE B 419 21.25 6.96 16.31
CA ILE B 419 22.20 6.80 17.41
C ILE B 419 21.69 7.36 18.74
N SER B 420 21.58 6.48 19.73
CA SER B 420 21.03 6.80 21.06
C SER B 420 22.02 7.26 22.10
N VAL C 2 3.71 -18.23 27.88
CA VAL C 2 3.54 -19.46 27.04
C VAL C 2 4.09 -19.34 25.59
N SER C 3 4.90 -20.31 25.15
CA SER C 3 5.48 -20.32 23.81
C SER C 3 4.57 -21.06 22.86
N ALA C 4 4.78 -20.90 21.55
CA ALA C 4 3.99 -21.62 20.57
C ALA C 4 4.72 -21.85 19.28
N GLY C 5 4.43 -22.97 18.63
CA GLY C 5 4.92 -23.17 17.26
C GLY C 5 5.09 -24.61 16.93
N ILE C 6 6.03 -24.87 16.04
CA ILE C 6 6.18 -26.18 15.48
C ILE C 6 6.96 -27.04 16.44
N GLU C 7 6.39 -28.15 16.86
CA GLU C 7 7.11 -29.13 17.68
C GLU C 7 7.68 -30.20 16.78
N ALA C 8 7.07 -30.41 15.62
CA ALA C 8 7.56 -31.38 14.63
C ALA C 8 6.89 -31.16 13.30
N MET C 9 7.56 -31.61 12.25
CA MET C 9 7.16 -31.29 10.89
C MET C 9 7.71 -32.32 9.95
N ASN C 10 6.90 -32.80 9.02
CA ASN C 10 7.37 -33.80 8.12
C ASN C 10 6.71 -33.67 6.76
N VAL C 11 7.42 -34.18 5.75
CA VAL C 11 7.09 -33.99 4.37
C VAL C 11 6.80 -35.33 3.77
N PHE C 12 5.73 -35.41 2.98
CA PHE C 12 5.51 -36.58 2.13
C PHE C 12 5.51 -36.06 0.72
N GLY C 13 6.46 -36.55 -0.06
CA GLY C 13 6.81 -35.97 -1.34
C GLY C 13 6.49 -36.94 -2.44
N GLY C 14 5.51 -37.80 -2.19
CA GLY C 14 4.99 -38.70 -3.22
C GLY C 14 5.56 -40.08 -3.11
N THR C 15 4.92 -40.98 -3.83
CA THR C 15 5.37 -42.33 -4.03
C THR C 15 6.24 -42.37 -5.28
N ALA C 16 5.88 -41.53 -6.26
CA ALA C 16 6.49 -41.54 -7.56
C ALA C 16 6.74 -40.14 -8.03
N TYR C 17 7.74 -39.99 -8.89
CA TYR C 17 8.19 -38.71 -9.41
C TYR C 17 8.75 -38.91 -10.80
N LEU C 18 8.87 -37.82 -11.54
CA LEU C 18 9.55 -37.88 -12.83
C LEU C 18 10.49 -36.72 -13.00
N ASP C 19 11.32 -36.83 -14.02
CA ASP C 19 12.40 -35.90 -14.30
C ASP C 19 11.80 -34.81 -15.15
N VAL C 20 11.86 -33.59 -14.66
CA VAL C 20 11.12 -32.53 -15.29
C VAL C 20 11.56 -32.31 -16.73
N MET C 21 12.86 -32.38 -16.98
CA MET C 21 13.41 -32.03 -18.30
C MET C 21 13.02 -33.08 -19.32
N GLU C 22 13.05 -34.32 -18.88
CA GLU C 22 12.60 -35.45 -19.68
C GLU C 22 11.16 -35.27 -20.12
N LEU C 23 10.32 -34.77 -19.21
CA LEU C 23 8.90 -34.61 -19.54
C LEU C 23 8.68 -33.46 -20.50
N ALA C 24 9.51 -32.43 -20.40
CA ALA C 24 9.45 -31.34 -21.38
C ALA C 24 9.77 -31.82 -22.80
N LYS C 25 10.84 -32.62 -22.93
CA LYS C 25 11.23 -33.17 -24.23
C LYS C 25 10.15 -34.01 -24.81
N TYR C 26 9.70 -35.00 -24.03
CA TYR C 26 8.66 -35.92 -24.47
C TYR C 26 7.36 -35.22 -24.87
N ARG C 27 7.10 -34.05 -24.31
CA ARG C 27 5.97 -33.20 -24.71
C ARG C 27 6.34 -32.20 -25.83
N HIS C 28 7.59 -32.20 -26.27
CA HIS C 28 8.06 -31.34 -27.38
C HIS C 28 7.91 -29.87 -27.03
N LEU C 29 8.54 -29.44 -25.94
CA LEU C 29 8.44 -28.06 -25.48
C LEU C 29 9.75 -27.31 -25.61
N ASP C 30 9.69 -25.99 -25.53
CA ASP C 30 10.87 -25.15 -25.59
C ASP C 30 11.68 -25.34 -24.29
N THR C 31 12.72 -26.16 -24.36
CA THR C 31 13.54 -26.46 -23.20
C THR C 31 14.22 -25.23 -22.56
N ALA C 32 14.39 -24.13 -23.30
CA ALA C 32 14.87 -22.86 -22.69
C ALA C 32 13.95 -22.41 -21.55
N ARG C 33 12.65 -22.47 -21.80
CA ARG C 33 11.64 -22.04 -20.82
C ARG C 33 11.64 -22.91 -19.53
N PHE C 34 12.22 -24.12 -19.58
CA PHE C 34 12.45 -24.99 -18.40
C PHE C 34 13.91 -25.17 -18.06
N GLU C 35 14.59 -24.12 -17.67
CA GLU C 35 16.04 -24.15 -17.60
C GLU C 35 16.43 -22.92 -16.85
N ASN C 36 17.27 -23.12 -15.85
CA ASN C 36 17.64 -22.03 -14.97
C ASN C 36 16.44 -21.59 -14.09
N LEU C 37 15.32 -22.30 -14.23
CA LEU C 37 14.23 -22.24 -13.28
C LEU C 37 14.45 -23.12 -12.06
N LEU C 38 15.62 -23.79 -11.94
CA LEU C 38 16.00 -24.59 -10.76
C LEU C 38 15.08 -25.77 -10.49
N MET C 39 14.47 -26.30 -11.55
CA MET C 39 13.64 -27.47 -11.45
C MET C 39 14.43 -28.71 -11.81
N LYS C 40 14.16 -29.82 -11.13
CA LYS C 40 14.77 -31.09 -11.50
C LYS C 40 13.76 -32.23 -11.53
N GLU C 41 13.02 -32.37 -10.45
CA GLU C 41 12.04 -33.47 -10.34
C GLU C 41 10.67 -32.92 -10.01
N LYS C 42 9.63 -33.61 -10.44
CA LYS C 42 8.32 -33.33 -9.92
C LYS C 42 7.66 -34.61 -9.43
N ALA C 43 7.05 -34.54 -8.25
CA ALA C 43 6.27 -35.64 -7.71
C ALA C 43 4.92 -35.69 -8.44
N VAL C 44 4.36 -36.90 -8.54
CA VAL C 44 3.13 -37.14 -9.28
C VAL C 44 2.22 -38.06 -8.48
N ALA C 45 1.03 -37.58 -8.15
CA ALA C 45 0.09 -38.43 -7.46
C ALA C 45 -0.37 -39.55 -8.40
N LEU C 46 -0.28 -40.78 -7.94
CA LEU C 46 -0.87 -41.91 -8.63
C LEU C 46 -2.41 -41.87 -8.46
N PRO C 47 -3.15 -42.62 -9.29
CA PRO C 47 -4.62 -42.58 -9.17
C PRO C 47 -5.11 -43.20 -7.89
N TYR C 48 -4.32 -44.10 -7.30
CA TYR C 48 -4.61 -44.62 -5.98
C TYR C 48 -4.07 -43.75 -4.85
N GLU C 49 -3.89 -42.46 -5.11
CA GLU C 49 -3.45 -41.50 -4.10
C GLU C 49 -4.32 -40.28 -4.19
N ASP C 50 -4.50 -39.56 -3.09
CA ASP C 50 -5.26 -38.31 -3.10
C ASP C 50 -4.76 -37.40 -1.95
N PRO C 51 -5.42 -36.24 -1.72
CA PRO C 51 -4.89 -35.40 -0.65
C PRO C 51 -5.00 -36.01 0.76
N VAL C 52 -5.88 -36.99 0.96
CA VAL C 52 -5.95 -37.68 2.25
C VAL C 52 -4.73 -38.58 2.39
N THR C 53 -4.46 -39.34 1.35
CA THR C 53 -3.27 -40.19 1.26
C THR C 53 -2.00 -39.43 1.58
N PHE C 54 -1.82 -38.32 0.86
CA PHE C 54 -0.65 -37.49 1.05
C PHE C 54 -0.61 -36.93 2.46
N GLY C 55 -1.75 -36.47 2.97
CA GLY C 55 -1.77 -35.85 4.29
C GLY C 55 -1.48 -36.85 5.40
N VAL C 56 -2.15 -37.99 5.31
CA VAL C 56 -1.91 -39.07 6.26
C VAL C 56 -0.45 -39.53 6.22
N ASN C 57 0.08 -39.78 5.04
CA ASN C 57 1.44 -40.25 4.94
C ASN C 57 2.45 -39.18 5.42
N ALA C 58 2.16 -37.89 5.22
CA ALA C 58 2.99 -36.86 5.83
C ALA C 58 2.97 -36.89 7.35
N ALA C 59 1.79 -37.05 7.94
CA ALA C 59 1.62 -36.93 9.38
C ALA C 59 1.90 -38.20 10.20
N LYS C 60 1.84 -39.37 9.55
CA LYS C 60 2.01 -40.62 10.27
C LYS C 60 3.33 -40.67 11.06
N PRO C 61 4.45 -40.31 10.46
CA PRO C 61 5.65 -40.44 11.27
C PRO C 61 5.65 -39.55 12.50
N ILE C 62 4.95 -38.42 12.45
CA ILE C 62 4.88 -37.53 13.60
C ILE C 62 4.08 -38.19 14.72
N ILE C 63 2.91 -38.71 14.35
CA ILE C 63 2.03 -39.39 15.30
C ILE C 63 2.72 -40.65 15.91
N ASP C 64 3.35 -41.48 15.06
CA ASP C 64 4.15 -42.65 15.53
C ASP C 64 5.12 -42.29 16.64
N ALA C 65 5.71 -41.11 16.56
CA ALA C 65 6.74 -40.73 17.53
C ALA C 65 6.16 -40.17 18.81
N LEU C 66 4.85 -39.99 18.87
CA LEU C 66 4.21 -39.44 20.07
C LEU C 66 3.76 -40.54 21.01
N SER C 67 3.76 -40.26 22.31
CA SER C 67 3.19 -41.16 23.31
C SER C 67 1.68 -41.15 23.12
N GLU C 68 1.00 -42.08 23.76
CA GLU C 68 -0.45 -42.13 23.62
C GLU C 68 -1.03 -40.86 24.21
N ALA C 69 -0.44 -40.38 25.30
CA ALA C 69 -0.95 -39.23 25.99
C ALA C 69 -0.76 -37.94 25.18
N GLU C 70 0.41 -37.81 24.54
CA GLU C 70 0.70 -36.63 23.74
C GLU C 70 -0.25 -36.54 22.55
N LYS C 71 -0.54 -37.68 21.93
CA LYS C 71 -1.42 -37.74 20.77
C LYS C 71 -2.84 -37.32 21.11
N ASP C 72 -3.33 -37.78 22.26
CA ASP C 72 -4.66 -37.44 22.74
C ASP C 72 -4.79 -35.97 23.04
N ARG C 73 -3.70 -35.24 23.11
CA ARG C 73 -3.79 -33.79 23.27
C ARG C 73 -3.95 -33.06 21.94
N ILE C 74 -3.84 -33.78 20.83
CA ILE C 74 -4.18 -33.18 19.55
C ILE C 74 -5.69 -32.93 19.47
N GLU C 75 -6.05 -31.66 19.49
CA GLU C 75 -7.44 -31.20 19.64
C GLU C 75 -7.88 -30.26 18.51
N LEU C 76 -7.02 -30.08 17.51
CA LEU C 76 -7.33 -29.28 16.37
C LEU C 76 -6.61 -29.86 15.19
N LEU C 77 -7.36 -30.18 14.14
CA LEU C 77 -6.80 -30.72 12.93
C LEU C 77 -7.34 -29.90 11.79
N ILE C 78 -6.47 -29.09 11.22
CA ILE C 78 -6.82 -28.29 10.09
C ILE C 78 -6.09 -28.83 8.89
N THR C 79 -6.80 -29.12 7.79
CA THR C 79 -6.10 -29.43 6.55
C THR C 79 -6.30 -28.33 5.52
N CYS C 80 -5.21 -28.02 4.82
CA CYS C 80 -5.08 -26.82 4.00
C CYS C 80 -4.87 -27.28 2.59
N SER C 81 -5.76 -26.88 1.68
CA SER C 81 -5.76 -27.45 0.35
C SER C 81 -6.51 -26.59 -0.63
N GLU C 82 -6.23 -26.84 -1.89
CA GLU C 82 -7.03 -26.34 -2.99
C GLU C 82 -7.33 -27.52 -3.89
N SER C 83 -7.22 -28.72 -3.33
CA SER C 83 -7.49 -29.95 -4.05
C SER C 83 -8.64 -30.69 -3.39
N GLY C 84 -9.63 -29.94 -2.89
CA GLY C 84 -10.77 -30.48 -2.16
C GLY C 84 -11.54 -31.54 -2.91
N ILE C 85 -12.10 -32.50 -2.16
CA ILE C 85 -12.78 -33.65 -2.75
C ILE C 85 -14.29 -33.59 -2.58
N ASP C 86 -14.77 -32.54 -1.93
CA ASP C 86 -16.18 -32.42 -1.63
C ASP C 86 -16.40 -30.94 -1.30
N PHE C 87 -17.61 -30.44 -1.54
CA PHE C 87 -17.89 -29.06 -1.23
C PHE C 87 -18.14 -28.82 0.25
N GLY C 88 -18.48 -29.88 0.99
CA GLY C 88 -18.77 -29.76 2.42
C GLY C 88 -17.92 -30.64 3.33
N LYS C 89 -17.67 -31.88 2.93
CA LYS C 89 -16.88 -32.78 3.74
C LYS C 89 -15.39 -32.44 3.67
N SER C 90 -14.80 -32.18 4.83
CA SER C 90 -13.41 -31.79 4.88
C SER C 90 -12.53 -33.01 4.73
N LEU C 91 -11.37 -32.82 4.10
CA LEU C 91 -10.32 -33.81 4.11
C LEU C 91 -9.99 -34.21 5.54
N SER C 92 -10.13 -33.29 6.49
CA SER C 92 -9.78 -33.60 7.87
C SER C 92 -10.56 -34.81 8.48
N THR C 93 -11.78 -35.04 8.03
CA THR C 93 -12.54 -36.15 8.55
C THR C 93 -11.81 -37.46 8.29
N TYR C 94 -11.46 -37.71 7.03
CA TYR C 94 -10.78 -38.95 6.69
C TYR C 94 -9.43 -39.00 7.36
N ILE C 95 -8.73 -37.89 7.36
CA ILE C 95 -7.39 -37.88 7.94
C ILE C 95 -7.43 -38.22 9.42
N HIS C 96 -8.44 -37.68 10.09
CA HIS C 96 -8.66 -37.90 11.51
C HIS C 96 -8.82 -39.40 11.81
N GLU C 97 -9.56 -40.08 10.95
CA GLU C 97 -9.81 -41.50 11.07
C GLU C 97 -8.53 -42.35 10.95
N TYR C 98 -7.80 -42.16 9.85
CA TYR C 98 -6.69 -43.04 9.56
C TYR C 98 -5.43 -42.73 10.37
N LEU C 99 -5.34 -41.56 10.97
CA LEU C 99 -4.30 -41.26 11.95
C LEU C 99 -4.67 -41.69 13.35
N GLY C 100 -5.93 -42.07 13.54
CA GLY C 100 -6.41 -42.58 14.83
C GLY C 100 -6.48 -41.54 15.94
N LEU C 101 -6.79 -40.28 15.60
CA LEU C 101 -6.85 -39.21 16.61
C LEU C 101 -8.02 -39.35 17.52
N ASN C 102 -7.91 -38.75 18.71
CA ASN C 102 -9.02 -38.68 19.65
C ASN C 102 -10.17 -37.88 19.10
N ARG C 103 -11.38 -38.36 19.39
CA ARG C 103 -12.62 -37.69 18.96
C ARG C 103 -12.85 -36.30 19.57
N ASN C 104 -12.20 -36.00 20.68
CA ASN C 104 -12.27 -34.68 21.26
C ASN C 104 -11.32 -33.72 20.49
N CYS C 105 -11.75 -33.30 19.30
CA CYS C 105 -10.93 -32.58 18.36
C CYS C 105 -11.78 -31.80 17.40
N ARG C 106 -11.51 -30.50 17.24
CA ARG C 106 -12.07 -29.75 16.12
C ARG C 106 -11.42 -30.18 14.84
N LEU C 107 -12.20 -30.31 13.78
CA LEU C 107 -11.59 -30.59 12.48
C LEU C 107 -12.28 -29.85 11.33
N PHE C 108 -11.47 -29.33 10.41
CA PHE C 108 -11.99 -28.65 9.24
C PHE C 108 -10.89 -28.39 8.23
N GLU C 109 -11.26 -27.74 7.12
CA GLU C 109 -10.40 -27.49 6.00
C GLU C 109 -10.34 -25.96 5.75
N VAL C 110 -9.14 -25.42 5.49
CA VAL C 110 -9.07 -24.02 5.10
C VAL C 110 -8.64 -23.87 3.65
N LYS C 111 -9.12 -22.80 3.00
CA LYS C 111 -8.84 -22.57 1.58
C LYS C 111 -8.67 -21.10 1.19
N GLN C 112 -7.49 -20.78 0.68
CA GLN C 112 -7.15 -19.47 0.08
C GLN C 112 -5.99 -19.64 -0.88
N ALA C 113 -6.14 -20.50 -1.87
CA ALA C 113 -5.02 -20.78 -2.77
C ALA C 113 -3.81 -21.36 -2.03
N CYS C 114 -2.62 -20.82 -2.27
CA CYS C 114 -1.42 -21.31 -1.59
C CYS C 114 -1.19 -20.69 -0.20
N TYR C 115 -2.04 -19.73 0.20
CA TYR C 115 -1.99 -19.16 1.56
C TYR C 115 -2.63 -20.12 2.59
N SER C 116 -3.29 -21.15 2.10
CA SER C 116 -4.04 -22.04 2.98
C SER C 116 -3.25 -22.55 4.16
N GLY C 117 -2.02 -22.97 3.91
CA GLY C 117 -1.19 -23.57 4.95
C GLY C 117 -0.91 -22.60 6.07
N THR C 118 -0.43 -21.43 5.68
CA THR C 118 -0.08 -20.39 6.66
C THR C 118 -1.30 -19.94 7.44
N ALA C 119 -2.44 -19.84 6.75
CA ALA C 119 -3.69 -19.50 7.42
C ALA C 119 -4.03 -20.51 8.50
N GLY C 120 -3.96 -21.79 8.12
CA GLY C 120 -4.12 -22.89 9.08
C GLY C 120 -3.15 -22.84 10.23
N PHE C 121 -1.88 -22.62 9.90
CA PHE C 121 -0.85 -22.62 10.92
C PHE C 121 -1.05 -21.46 11.88
N GLN C 122 -1.40 -20.29 11.37
CA GLN C 122 -1.63 -19.15 12.26
C GLN C 122 -2.83 -19.32 13.17
N MET C 123 -3.91 -19.92 12.66
CA MET C 123 -5.04 -20.21 13.53
C MET C 123 -4.62 -21.23 14.62
N ALA C 124 -3.85 -22.25 14.25
CA ALA C 124 -3.36 -23.21 15.23
C ALA C 124 -2.49 -22.57 16.33
N VAL C 125 -1.54 -21.72 15.92
CA VAL C 125 -0.76 -20.92 16.86
C VAL C 125 -1.63 -20.12 17.89
N ASN C 126 -2.68 -19.49 17.41
CA ASN C 126 -3.58 -18.72 18.26
C ASN C 126 -4.40 -19.62 19.22
N PHE C 127 -4.69 -20.85 18.81
CA PHE C 127 -5.28 -21.84 19.71
C PHE C 127 -4.34 -22.07 20.90
N ILE C 128 -3.07 -22.32 20.62
CA ILE C 128 -2.11 -22.50 21.66
C ILE C 128 -1.97 -21.26 22.54
N LEU C 129 -1.73 -20.11 21.93
CA LEU C 129 -1.54 -18.87 22.73
C LEU C 129 -2.81 -18.49 23.48
N SER C 130 -3.98 -18.81 22.94
CA SER C 130 -5.21 -18.52 23.66
C SER C 130 -5.32 -19.23 25.01
N GLN C 131 -4.62 -20.35 25.16
CA GLN C 131 -4.76 -21.18 26.35
C GLN C 131 -6.21 -21.48 26.69
N THR C 132 -7.04 -21.60 25.68
CA THR C 132 -8.41 -22.11 25.91
C THR C 132 -8.40 -23.61 26.23
N SER C 133 -7.29 -24.29 25.93
CA SER C 133 -7.10 -25.69 26.34
C SER C 133 -5.65 -25.95 26.66
N PRO C 134 -5.20 -25.55 27.87
CA PRO C 134 -3.79 -25.64 28.24
C PRO C 134 -3.21 -27.02 28.04
N GLY C 135 -2.02 -27.09 27.43
CA GLY C 135 -1.37 -28.35 27.06
C GLY C 135 -1.81 -28.96 25.74
N ALA C 136 -2.84 -28.40 25.10
CA ALA C 136 -3.33 -28.97 23.85
C ALA C 136 -2.31 -28.75 22.76
N LYS C 137 -2.38 -29.59 21.74
CA LYS C 137 -1.62 -29.48 20.51
C LYS C 137 -2.59 -29.36 19.32
N ALA C 138 -2.07 -28.95 18.17
CA ALA C 138 -2.81 -28.94 16.93
C ALA C 138 -1.94 -29.53 15.86
N LEU C 139 -2.59 -29.98 14.79
CA LEU C 139 -1.94 -30.58 13.65
C LEU C 139 -2.47 -29.91 12.40
N VAL C 140 -1.59 -29.28 11.64
CA VAL C 140 -2.01 -28.58 10.49
C VAL C 140 -1.37 -29.30 9.35
N ILE C 141 -2.16 -29.68 8.35
CA ILE C 141 -1.66 -30.45 7.23
C ILE C 141 -1.98 -29.75 5.96
N ALA C 142 -0.95 -29.30 5.23
CA ALA C 142 -1.14 -28.75 3.91
C ALA C 142 -0.94 -29.83 2.87
N SER C 143 -1.95 -30.07 2.04
CA SER C 143 -1.93 -31.18 1.11
C SER C 143 -2.53 -30.79 -0.22
N ASP C 144 -1.73 -30.88 -1.27
CA ASP C 144 -2.19 -30.56 -2.62
C ASP C 144 -1.63 -31.50 -3.67
N ILE C 145 -2.40 -31.75 -4.73
CA ILE C 145 -1.93 -32.56 -5.84
C ILE C 145 -2.35 -31.86 -7.11
N SER C 146 -1.67 -32.19 -8.19
CA SER C 146 -2.00 -31.67 -9.52
C SER C 146 -2.41 -32.85 -10.39
N ARG C 147 -3.67 -32.92 -10.74
CA ARG C 147 -4.13 -33.86 -11.76
C ARG C 147 -4.40 -33.10 -13.08
N PHE C 148 -4.56 -33.86 -14.18
CA PHE C 148 -4.86 -33.28 -15.49
C PHE C 148 -5.86 -34.13 -16.27
N TRP C 161 -1.74 -24.19 -19.92
CA TRP C 161 -1.84 -25.58 -19.47
C TRP C 161 -0.49 -26.29 -19.63
N SER C 162 0.02 -26.27 -20.87
CA SER C 162 1.18 -27.08 -21.29
C SER C 162 2.45 -26.86 -20.47
N TYR C 163 2.80 -25.61 -20.24
CA TYR C 163 4.04 -25.27 -19.52
C TYR C 163 3.95 -25.43 -17.98
N ALA C 164 2.73 -25.67 -17.49
CA ALA C 164 2.50 -25.96 -16.06
C ALA C 164 2.73 -27.42 -15.71
N GLU C 165 2.52 -28.33 -16.68
CA GLU C 165 2.61 -29.78 -16.43
C GLU C 165 3.96 -30.26 -15.85
N PRO C 166 5.09 -29.88 -16.46
CA PRO C 166 6.38 -30.28 -15.86
C PRO C 166 6.71 -29.66 -14.49
N SER C 167 6.12 -28.51 -14.21
CA SER C 167 6.37 -27.76 -12.98
C SER C 167 5.49 -28.19 -11.79
N ALA C 168 4.28 -28.67 -12.08
CA ALA C 168 3.21 -28.80 -11.07
C ALA C 168 3.27 -30.13 -10.35
N GLY C 169 3.42 -30.05 -9.04
CA GLY C 169 3.77 -31.21 -8.25
C GLY C 169 2.66 -31.73 -7.39
N ALA C 170 3.05 -32.53 -6.42
CA ALA C 170 2.11 -33.11 -5.48
C ALA C 170 2.90 -33.42 -4.24
N GLY C 171 2.34 -33.10 -3.09
CA GLY C 171 3.06 -33.22 -1.83
C GLY C 171 2.23 -32.74 -0.67
N ALA C 172 2.66 -33.12 0.52
CA ALA C 172 2.02 -32.64 1.71
C ALA C 172 3.04 -32.43 2.81
N VAL C 173 2.78 -31.44 3.65
CA VAL C 173 3.58 -31.22 4.80
C VAL C 173 2.65 -31.13 6.01
N ALA C 174 2.95 -31.90 7.04
CA ALA C 174 2.23 -31.97 8.29
C ALA C 174 3.01 -31.27 9.36
N VAL C 175 2.33 -30.52 10.20
CA VAL C 175 2.98 -29.64 11.12
C VAL C 175 2.29 -29.78 12.43
N LEU C 176 2.99 -30.29 13.43
CA LEU C 176 2.44 -30.42 14.75
C LEU C 176 2.80 -29.16 15.50
N VAL C 177 1.79 -28.49 16.04
CA VAL C 177 1.94 -27.22 16.72
C VAL C 177 1.62 -27.38 18.21
N GLY C 178 2.38 -26.71 19.06
CA GLY C 178 2.22 -26.87 20.50
C GLY C 178 3.10 -25.94 21.33
N GLU C 179 3.16 -26.25 22.63
CA GLU C 179 3.71 -25.33 23.63
C GLU C 179 5.23 -25.43 23.87
N ASN C 180 5.89 -26.43 23.27
CA ASN C 180 7.37 -26.61 23.33
C ASN C 180 7.97 -26.69 21.94
N PRO C 181 7.85 -25.62 21.19
CA PRO C 181 8.25 -25.71 19.81
C PRO C 181 9.75 -25.55 19.58
N GLU C 182 10.50 -26.63 19.74
CA GLU C 182 11.94 -26.58 19.45
C GLU C 182 12.25 -26.40 17.97
N VAL C 183 11.36 -26.81 17.05
CA VAL C 183 11.77 -26.71 15.64
C VAL C 183 11.44 -25.37 14.97
N PHE C 184 10.44 -24.66 15.47
CA PHE C 184 10.15 -23.32 15.00
C PHE C 184 9.25 -22.63 16.03
N GLN C 185 9.85 -21.90 16.95
CA GLN C 185 9.10 -21.15 17.97
C GLN C 185 8.75 -19.81 17.37
N ILE C 186 7.48 -19.53 17.20
CA ILE C 186 7.12 -18.29 16.53
C ILE C 186 7.33 -17.11 17.46
N ASP C 187 7.56 -15.97 16.83
CA ASP C 187 7.65 -14.66 17.51
C ASP C 187 6.26 -14.08 17.56
N PRO C 188 5.64 -14.14 18.75
CA PRO C 188 4.19 -13.80 18.80
C PRO C 188 3.93 -12.36 18.42
N GLY C 189 2.99 -12.16 17.50
CA GLY C 189 2.59 -10.83 17.07
C GLY C 189 3.47 -10.27 15.97
N ALA C 190 4.54 -10.96 15.64
CA ALA C 190 5.46 -10.49 14.63
C ALA C 190 4.94 -10.98 13.31
N ASN C 191 3.91 -10.31 12.83
CA ASN C 191 3.15 -10.77 11.67
C ASN C 191 2.79 -9.61 10.75
N GLY C 192 3.11 -9.72 9.48
CA GLY C 192 2.65 -8.76 8.51
C GLY C 192 1.76 -9.44 7.51
N TYR C 193 0.44 -9.33 7.67
CA TYR C 193 -0.46 -9.93 6.70
C TYR C 193 -1.07 -8.88 5.81
N TYR C 194 -1.28 -9.25 4.55
CA TYR C 194 -1.75 -8.34 3.54
C TYR C 194 -2.56 -9.12 2.50
N GLY C 195 -3.72 -8.57 2.14
CA GLY C 195 -4.60 -9.20 1.18
C GLY C 195 -5.50 -8.21 0.51
N TYR C 196 -5.94 -8.58 -0.67
CA TYR C 196 -6.88 -7.79 -1.43
C TYR C 196 -7.28 -8.65 -2.63
N GLU C 197 -8.41 -8.32 -3.22
CA GLU C 197 -8.94 -9.05 -4.36
C GLU C 197 -8.17 -8.73 -5.62
N VAL C 198 -7.70 -9.76 -6.32
CA VAL C 198 -7.05 -9.57 -7.60
C VAL C 198 -7.55 -10.63 -8.58
N MET C 199 -7.74 -10.23 -9.83
CA MET C 199 -8.04 -11.16 -10.92
C MET C 199 -6.78 -11.96 -11.33
N ASP C 200 -6.73 -13.25 -11.00
CA ASP C 200 -5.50 -14.03 -11.07
C ASP C 200 -5.81 -15.47 -11.48
N THR C 201 -4.77 -16.28 -11.71
CA THR C 201 -4.93 -17.73 -11.90
C THR C 201 -5.67 -18.30 -10.68
N CYS C 202 -6.80 -18.93 -10.93
CA CYS C 202 -7.62 -19.54 -9.89
C CYS C 202 -7.97 -21.01 -10.26
N ARG C 203 -8.91 -21.63 -9.55
CA ARG C 203 -9.27 -23.00 -9.84
C ARG C 203 -10.79 -23.16 -9.92
N PRO C 204 -11.42 -22.55 -10.92
CA PRO C 204 -12.90 -22.49 -11.03
C PRO C 204 -13.58 -23.71 -11.63
N ILE C 205 -12.79 -24.66 -12.10
CA ILE C 205 -13.27 -25.87 -12.76
C ILE C 205 -12.77 -27.05 -11.93
N PRO C 206 -13.56 -28.13 -11.83
CA PRO C 206 -13.15 -29.29 -11.02
C PRO C 206 -11.66 -29.69 -11.07
N ASP C 207 -11.15 -30.13 -12.22
CA ASP C 207 -9.85 -30.82 -12.25
C ASP C 207 -8.74 -30.08 -12.98
N SER C 208 -8.82 -28.75 -12.95
CA SER C 208 -7.93 -27.95 -13.74
C SER C 208 -7.87 -26.53 -13.21
N GLU C 209 -7.05 -25.71 -13.86
CA GLU C 209 -6.93 -24.29 -13.54
C GLU C 209 -7.42 -23.42 -14.69
N ALA C 210 -7.51 -22.12 -14.42
CA ALA C 210 -7.82 -21.12 -15.43
C ALA C 210 -7.44 -19.75 -14.88
N GLY C 211 -7.58 -18.72 -15.70
CA GLY C 211 -7.16 -17.38 -15.31
C GLY C 211 -5.82 -17.06 -15.96
N ASP C 212 -5.04 -16.22 -15.30
CA ASP C 212 -3.88 -15.62 -15.95
C ASP C 212 -2.73 -15.34 -14.97
N SER C 213 -1.58 -15.99 -15.18
CA SER C 213 -0.40 -15.74 -14.38
C SER C 213 0.35 -14.49 -14.88
N ASP C 214 -0.41 -13.57 -15.46
CA ASP C 214 0.11 -12.37 -16.08
C ASP C 214 0.40 -11.35 -14.98
N LEU C 215 -0.48 -11.29 -13.99
CA LEU C 215 -0.35 -10.41 -12.83
C LEU C 215 0.28 -11.12 -11.65
N SER C 216 0.34 -12.45 -11.72
CA SER C 216 0.74 -13.26 -10.57
C SER C 216 2.00 -12.78 -9.93
N LEU C 217 3.03 -12.56 -10.74
CA LEU C 217 4.36 -12.21 -10.23
C LEU C 217 4.37 -10.83 -9.60
N MET C 218 3.77 -9.89 -10.30
CA MET C 218 3.58 -8.52 -9.80
C MET C 218 2.90 -8.50 -8.42
N SER C 219 1.87 -9.31 -8.27
CA SER C 219 1.16 -9.37 -6.98
C SER C 219 1.99 -10.05 -5.90
N TYR C 220 2.69 -11.12 -6.27
CA TYR C 220 3.57 -11.84 -5.36
C TYR C 220 4.61 -10.85 -4.82
N LEU C 221 5.19 -10.05 -5.72
CA LEU C 221 6.20 -9.09 -5.32
C LEU C 221 5.63 -7.94 -4.53
N ASP C 222 4.48 -7.41 -4.94
CA ASP C 222 3.76 -6.40 -4.15
C ASP C 222 3.55 -6.94 -2.73
N CYS C 223 3.03 -8.17 -2.63
CA CYS C 223 2.73 -8.72 -1.34
C CYS C 223 3.99 -8.93 -0.52
N CYS C 224 5.01 -9.44 -1.18
CA CYS C 224 6.28 -9.71 -0.50
C CYS C 224 6.83 -8.46 0.19
N GLU C 225 6.72 -7.33 -0.50
CA GLU C 225 7.13 -6.05 0.06
C GLU C 225 6.22 -5.56 1.18
N GLN C 226 4.93 -5.54 0.91
CA GLN C 226 3.98 -4.99 1.88
C GLN C 226 3.88 -5.81 3.15
N THR C 227 4.02 -7.13 3.07
CA THR C 227 4.00 -7.95 4.28
C THR C 227 5.17 -7.64 5.17
N PHE C 228 6.35 -7.50 4.58
CA PHE C 228 7.48 -7.11 5.40
C PHE C 228 7.35 -5.70 6.00
N LEU C 229 6.84 -4.73 5.22
CA LEU C 229 6.63 -3.39 5.78
C LEU C 229 5.63 -3.41 6.94
N GLU C 230 4.64 -4.27 6.87
CA GLU C 230 3.69 -4.37 7.98
C GLU C 230 4.37 -5.00 9.19
N TYR C 231 5.19 -6.01 8.93
CA TYR C 231 5.94 -6.65 9.96
C TYR C 231 6.82 -5.60 10.65
N GLN C 232 7.57 -4.81 9.89
CA GLN C 232 8.39 -3.72 10.49
C GLN C 232 7.56 -2.79 11.36
N LYS C 233 6.38 -2.44 10.87
CA LYS C 233 5.50 -1.55 11.61
C LYS C 233 5.17 -2.10 12.99
N ARG C 234 5.00 -3.41 13.10
CA ARG C 234 4.70 -4.04 14.38
C ARG C 234 5.95 -4.50 15.13
N VAL C 235 7.06 -4.63 14.43
CA VAL C 235 8.29 -5.07 15.07
C VAL C 235 9.35 -4.01 14.84
N PRO C 236 9.38 -2.98 15.70
CA PRO C 236 10.31 -1.88 15.40
C PRO C 236 11.76 -2.37 15.46
N GLY C 237 12.59 -1.91 14.52
CA GLY C 237 13.98 -2.33 14.45
C GLY C 237 14.21 -3.54 13.56
N ALA C 238 13.14 -4.20 13.15
CA ALA C 238 13.27 -5.31 12.21
C ALA C 238 13.88 -4.84 10.92
N ASN C 239 14.69 -5.71 10.35
CA ASN C 239 15.51 -5.39 9.22
C ASN C 239 15.66 -6.64 8.35
N TYR C 240 15.52 -6.50 7.04
CA TYR C 240 15.38 -7.67 6.14
C TYR C 240 16.67 -8.48 5.95
N GLN C 241 17.78 -7.87 6.32
CA GLN C 241 19.11 -8.42 6.08
C GLN C 241 19.68 -9.06 7.36
N ASP C 242 19.65 -8.32 8.47
CA ASP C 242 20.34 -8.71 9.71
C ASP C 242 19.45 -9.50 10.66
N THR C 243 18.14 -9.24 10.62
CA THR C 243 17.22 -9.86 11.56
C THR C 243 17.02 -11.37 11.30
N PHE C 244 17.12 -11.76 10.03
CA PHE C 244 16.83 -13.14 9.57
C PHE C 244 18.08 -13.83 9.07
N GLN C 245 18.43 -14.94 9.70
CA GLN C 245 19.57 -15.72 9.31
C GLN C 245 19.22 -16.59 8.13
N TYR C 246 17.97 -17.03 8.00
CA TYR C 246 17.48 -17.63 6.74
C TYR C 246 16.12 -17.04 6.40
N LEU C 247 15.74 -17.20 5.15
CA LEU C 247 14.45 -16.73 4.66
C LEU C 247 13.82 -17.84 3.81
N ALA C 248 12.52 -18.05 4.01
CA ALA C 248 11.77 -19.07 3.27
C ALA C 248 10.60 -18.38 2.64
N TYR C 249 10.26 -18.83 1.44
CA TYR C 249 9.23 -18.19 0.66
C TYR C 249 8.31 -19.24 0.09
N HIS C 250 7.08 -18.86 -0.19
CA HIS C 250 6.24 -19.69 -1.05
C HIS C 250 7.08 -19.91 -2.28
N THR C 251 7.40 -21.17 -2.57
CA THR C 251 8.23 -21.46 -3.74
C THR C 251 7.60 -22.50 -4.68
N PRO C 252 6.99 -22.03 -5.77
CA PRO C 252 6.48 -22.88 -6.83
C PRO C 252 7.61 -23.49 -7.60
N PHE C 253 8.62 -22.69 -7.88
CA PHE C 253 9.91 -23.18 -8.38
C PHE C 253 11.04 -22.24 -7.91
N GLY C 254 12.25 -22.79 -7.72
CA GLY C 254 13.39 -22.04 -7.22
C GLY C 254 13.66 -20.73 -7.94
N GLY C 255 13.47 -20.77 -9.26
CA GLY C 255 13.82 -19.64 -10.13
C GLY C 255 13.12 -18.35 -9.77
N MET C 256 11.82 -18.41 -9.52
CA MET C 256 11.12 -17.19 -9.19
C MET C 256 11.40 -16.68 -7.78
N VAL C 257 11.74 -17.58 -6.85
CA VAL C 257 12.15 -17.16 -5.52
C VAL C 257 13.54 -16.50 -5.55
N LYS C 258 14.44 -17.02 -6.39
CA LYS C 258 15.72 -16.36 -6.60
C LYS C 258 15.48 -14.95 -7.13
N GLY C 259 14.61 -14.83 -8.13
CA GLY C 259 14.21 -13.54 -8.65
C GLY C 259 13.57 -12.64 -7.61
N ALA C 260 12.69 -13.19 -6.79
CA ALA C 260 11.98 -12.37 -5.81
C ALA C 260 12.90 -11.91 -4.68
N HIS C 261 13.81 -12.76 -4.26
CA HIS C 261 14.80 -12.36 -3.28
C HIS C 261 15.62 -11.17 -3.80
N ARG C 262 16.06 -11.26 -5.05
CA ARG C 262 16.88 -10.21 -5.66
C ARG C 262 16.12 -8.91 -5.61
N THR C 263 14.87 -8.97 -6.07
CA THR C 263 14.01 -7.80 -6.02
C THR C 263 13.85 -7.26 -4.62
N MET C 264 13.64 -8.13 -3.64
CA MET C 264 13.52 -7.66 -2.26
C MET C 264 14.78 -6.96 -1.76
N MET C 265 15.95 -7.49 -2.10
CA MET C 265 17.19 -6.92 -1.56
C MET C 265 17.44 -5.53 -2.15
N ARG C 266 16.98 -5.32 -3.39
CA ARG C 266 17.02 -3.99 -4.02
C ARG C 266 15.93 -3.07 -3.47
N LYS C 267 14.69 -3.52 -3.58
CA LYS C 267 13.55 -2.73 -3.16
C LYS C 267 13.56 -2.40 -1.68
N VAL C 268 13.70 -3.40 -0.83
CA VAL C 268 13.47 -3.22 0.61
C VAL C 268 14.74 -3.08 1.42
N ALA C 269 15.68 -3.98 1.23
CA ALA C 269 16.90 -3.93 2.03
C ALA C 269 17.82 -2.85 1.48
N LYS C 270 17.68 -2.59 0.19
CA LYS C 270 18.40 -1.52 -0.50
C LYS C 270 19.90 -1.70 -0.30
N VAL C 271 20.42 -2.83 -0.76
CA VAL C 271 21.83 -3.13 -0.69
C VAL C 271 22.37 -3.11 -2.10
N LYS C 272 23.69 -3.14 -2.21
CA LYS C 272 24.31 -3.09 -3.53
C LYS C 272 24.15 -4.42 -4.24
N THR C 273 23.94 -4.31 -5.54
CA THR C 273 23.77 -5.48 -6.41
C THR C 273 24.82 -6.57 -6.23
N SER C 274 26.08 -6.19 -6.00
CA SER C 274 27.18 -7.15 -6.04
C SER C 274 27.09 -8.21 -4.92
N GLY C 275 26.49 -7.87 -3.79
CA GLY C 275 26.42 -8.80 -2.61
C GLY C 275 25.19 -9.72 -2.54
N ILE C 276 24.25 -9.52 -3.47
CA ILE C 276 22.98 -10.21 -3.46
C ILE C 276 23.14 -11.74 -3.68
N GLU C 277 23.92 -12.13 -4.69
CA GLU C 277 24.12 -13.55 -4.96
C GLU C 277 24.65 -14.29 -3.74
N THR C 278 25.54 -13.65 -3.00
CA THR C 278 26.07 -14.24 -1.78
C THR C 278 24.97 -14.40 -0.75
N ASP C 279 24.21 -13.34 -0.50
CA ASP C 279 23.06 -13.41 0.41
C ASP C 279 22.07 -14.54 0.01
N PHE C 280 21.77 -14.68 -1.27
CA PHE C 280 20.88 -15.74 -1.74
C PHE C 280 21.41 -17.12 -1.41
N LEU C 281 22.69 -17.34 -1.70
CA LEU C 281 23.29 -18.62 -1.42
C LEU C 281 23.34 -18.94 0.06
N THR C 282 23.57 -17.95 0.91
CA THR C 282 23.71 -18.29 2.32
C THR C 282 22.36 -18.35 3.05
N ARG C 283 21.36 -17.58 2.58
CA ARG C 283 20.11 -17.43 3.33
C ARG C 283 18.88 -18.08 2.69
N VAL C 284 18.92 -18.31 1.40
CA VAL C 284 17.74 -18.74 0.66
C VAL C 284 17.90 -20.12 -0.01
N LYS C 285 19.09 -20.41 -0.54
CA LYS C 285 19.38 -21.65 -1.29
C LYS C 285 19.12 -22.92 -0.48
N PRO C 286 19.37 -22.89 0.84
CA PRO C 286 19.05 -24.06 1.64
C PRO C 286 17.58 -24.39 1.60
N GLY C 287 16.74 -23.37 1.68
CA GLY C 287 15.30 -23.56 1.66
C GLY C 287 14.76 -24.09 0.34
N LEU C 288 15.57 -24.01 -0.72
CA LEU C 288 15.12 -24.41 -2.03
C LEU C 288 15.46 -25.86 -2.39
N ASN C 289 16.20 -26.55 -1.55
CA ASN C 289 16.61 -27.89 -1.91
C ASN C 289 15.44 -28.85 -2.15
N TYR C 290 14.49 -28.93 -1.23
CA TYR C 290 13.42 -29.90 -1.38
C TYR C 290 12.44 -29.58 -2.50
N CYS C 291 12.27 -28.30 -2.81
CA CYS C 291 11.36 -27.94 -3.89
C CYS C 291 11.78 -28.54 -5.22
N GLN C 292 13.08 -28.66 -5.43
CA GLN C 292 13.59 -29.24 -6.68
C GLN C 292 13.28 -30.72 -6.83
N ARG C 293 13.02 -31.36 -5.71
CA ARG C 293 12.77 -32.81 -5.65
C ARG C 293 11.28 -33.12 -5.81
N VAL C 294 10.44 -32.11 -5.72
CA VAL C 294 9.03 -32.36 -5.58
C VAL C 294 8.15 -31.53 -6.51
N GLY C 295 8.57 -30.31 -6.84
CA GLY C 295 7.82 -29.40 -7.70
C GLY C 295 7.01 -28.43 -6.85
N ASN C 296 6.15 -27.67 -7.51
CA ASN C 296 5.22 -26.77 -6.84
C ASN C 296 4.15 -27.54 -6.09
N ILE C 297 4.18 -27.53 -4.75
CA ILE C 297 3.12 -28.18 -3.96
C ILE C 297 2.20 -27.20 -3.25
N MET C 298 2.03 -26.06 -3.89
CA MET C 298 0.96 -25.13 -3.62
C MET C 298 0.91 -24.71 -2.15
N GLY C 299 -0.14 -25.05 -1.44
CA GLY C 299 -0.33 -24.59 -0.07
C GLY C 299 0.70 -25.10 0.89
N ALA C 300 1.44 -26.11 0.46
CA ALA C 300 2.46 -26.73 1.26
C ALA C 300 3.87 -26.22 0.87
N ALA C 301 3.97 -25.45 -0.21
CA ALA C 301 5.25 -25.02 -0.72
C ALA C 301 6.08 -24.25 0.31
N LEU C 302 5.48 -23.33 1.04
CA LEU C 302 6.28 -22.56 2.02
C LEU C 302 6.75 -23.45 3.19
N PHE C 303 5.87 -24.32 3.66
CA PHE C 303 6.28 -25.25 4.70
C PHE C 303 7.40 -26.14 4.20
N LEU C 304 7.34 -26.54 2.94
CA LEU C 304 8.38 -27.40 2.38
C LEU C 304 9.68 -26.68 2.44
N ALA C 305 9.66 -25.41 2.05
CA ALA C 305 10.87 -24.61 2.05
C ALA C 305 11.34 -24.37 3.47
N LEU C 306 10.42 -24.18 4.40
CA LEU C 306 10.83 -24.05 5.79
C LEU C 306 11.51 -25.30 6.24
N ALA C 307 11.00 -26.45 5.82
CA ALA C 307 11.54 -27.70 6.28
C ALA C 307 12.90 -27.96 5.64
N SER C 308 13.00 -27.63 4.36
CA SER C 308 14.28 -27.65 3.64
C SER C 308 15.30 -26.78 4.31
N THR C 309 14.89 -25.60 4.72
CA THR C 309 15.77 -24.67 5.39
C THR C 309 16.33 -25.30 6.65
N ILE C 310 15.47 -25.92 7.44
CA ILE C 310 15.86 -26.43 8.75
C ILE C 310 16.77 -27.67 8.62
N ASP C 311 16.52 -28.52 7.62
CA ASP C 311 17.36 -29.69 7.38
C ASP C 311 18.70 -29.33 6.72
N GLN C 312 18.70 -28.34 5.82
CA GLN C 312 19.89 -28.03 5.02
C GLN C 312 20.74 -26.88 5.55
N GLY C 313 20.21 -26.09 6.47
CA GLY C 313 20.99 -25.01 7.06
C GLY C 313 21.86 -25.38 8.25
N ARG C 314 22.34 -24.35 8.93
CA ARG C 314 23.25 -24.50 10.04
C ARG C 314 22.66 -23.86 11.30
N PHE C 315 22.53 -24.66 12.36
CA PHE C 315 21.90 -24.20 13.58
C PHE C 315 22.71 -24.63 14.77
N ASP C 316 24.01 -24.40 14.68
CA ASP C 316 24.92 -24.59 15.81
C ASP C 316 24.38 -23.79 17.01
N THR C 317 23.86 -22.61 16.72
CA THR C 317 23.17 -21.79 17.70
C THR C 317 21.79 -21.42 17.14
N PRO C 318 20.86 -20.97 17.98
CA PRO C 318 19.52 -20.63 17.48
C PRO C 318 19.55 -19.51 16.43
N LYS C 319 18.84 -19.75 15.33
CA LYS C 319 18.73 -18.79 14.24
C LYS C 319 17.28 -18.39 14.05
N ARG C 320 17.06 -17.15 13.63
CA ARG C 320 15.74 -16.68 13.24
C ARG C 320 15.46 -16.87 11.72
N ILE C 321 14.31 -17.42 11.38
CA ILE C 321 13.95 -17.58 9.99
C ILE C 321 12.71 -16.71 9.73
N GLY C 322 12.71 -16.00 8.61
CA GLY C 322 11.56 -15.21 8.18
C GLY C 322 10.84 -15.93 7.05
N CYS C 323 9.52 -16.02 7.14
CA CYS C 323 8.74 -16.80 6.17
C CYS C 323 7.70 -15.92 5.48
N PHE C 324 7.62 -16.04 4.16
CA PHE C 324 6.67 -15.30 3.37
C PHE C 324 5.74 -16.23 2.65
N SER C 325 4.46 -16.04 2.89
CA SER C 325 3.41 -16.88 2.36
C SER C 325 2.56 -16.07 1.44
N TYR C 326 2.20 -16.62 0.29
CA TYR C 326 1.39 -15.93 -0.68
C TYR C 326 0.40 -16.90 -1.27
N GLY C 327 -0.79 -16.41 -1.56
CA GLY C 327 -1.73 -17.22 -2.30
C GLY C 327 -2.42 -16.33 -3.32
N SER C 328 -2.59 -16.82 -4.52
CA SER C 328 -3.32 -16.07 -5.53
C SER C 328 -4.72 -15.64 -5.10
N GLY C 329 -5.12 -14.43 -5.49
CA GLY C 329 -6.50 -14.02 -5.29
C GLY C 329 -6.88 -12.78 -4.50
N CYS C 330 -6.15 -12.36 -3.49
CA CYS C 330 -4.90 -12.94 -2.98
C CYS C 330 -4.83 -12.67 -1.49
N CYS C 331 -3.95 -13.36 -0.82
CA CYS C 331 -3.63 -13.01 0.55
C CYS C 331 -2.21 -13.45 0.83
N SER C 332 -1.61 -12.88 1.84
CA SER C 332 -0.19 -13.13 2.08
C SER C 332 0.13 -12.80 3.50
N GLU C 333 1.25 -13.31 3.99
CA GLU C 333 1.71 -13.00 5.31
C GLU C 333 3.20 -13.20 5.43
N PHE C 334 3.84 -12.35 6.23
CA PHE C 334 5.24 -12.53 6.57
C PHE C 334 5.36 -12.72 8.07
N TYR C 335 6.07 -13.74 8.48
CA TYR C 335 6.21 -14.03 9.88
C TYR C 335 7.52 -14.70 10.14
N SER C 336 7.86 -14.85 11.42
CA SER C 336 9.19 -15.30 11.80
C SER C 336 9.20 -16.15 13.07
N GLY C 337 10.26 -16.91 13.22
CA GLY C 337 10.44 -17.81 14.35
C GLY C 337 11.89 -18.23 14.52
N ILE C 338 12.16 -18.84 15.66
CA ILE C 338 13.49 -19.32 16.01
C ILE C 338 13.52 -20.82 15.89
N THR C 339 14.58 -21.37 15.31
CA THR C 339 14.81 -22.80 15.42
C THR C 339 16.16 -23.08 16.04
N THR C 340 16.19 -24.08 16.91
CA THR C 340 17.35 -24.38 17.74
C THR C 340 18.08 -25.60 17.23
N PRO C 341 19.33 -25.81 17.69
CA PRO C 341 20.05 -27.06 17.35
C PRO C 341 19.23 -28.28 17.66
N GLN C 342 18.46 -28.25 18.75
CA GLN C 342 17.64 -29.41 19.16
C GLN C 342 16.52 -29.60 18.15
N GLY C 343 15.96 -28.49 17.67
CA GLY C 343 14.90 -28.52 16.67
C GLY C 343 15.36 -29.21 15.41
N GLN C 344 16.50 -28.79 14.88
CA GLN C 344 17.07 -29.40 13.70
C GLN C 344 17.34 -30.89 13.90
N GLU C 345 17.72 -31.30 15.12
CA GLU C 345 17.95 -32.73 15.47
C GLU C 345 16.67 -33.53 15.35
N ARG C 346 15.63 -33.02 16.01
CA ARG C 346 14.28 -33.57 15.94
C ARG C 346 13.86 -33.74 14.48
N GLN C 347 14.04 -32.68 13.71
CA GLN C 347 13.71 -32.74 12.30
C GLN C 347 14.49 -33.79 11.53
N ARG C 348 15.73 -34.07 11.92
CA ARG C 348 16.53 -35.02 11.19
C ARG C 348 16.00 -36.43 11.37
N THR C 349 15.44 -36.74 12.53
CA THR C 349 14.91 -38.09 12.79
C THR C 349 13.85 -38.50 11.77
N PHE C 350 13.22 -37.54 11.08
CA PHE C 350 12.20 -37.86 10.11
C PHE C 350 12.76 -38.32 8.79
N GLY C 351 14.03 -38.01 8.56
CA GLY C 351 14.75 -38.46 7.38
C GLY C 351 14.07 -38.08 6.09
N ILE C 352 13.76 -36.79 5.95
CA ILE C 352 12.99 -36.33 4.78
C ILE C 352 13.74 -36.58 3.49
N GLU C 353 15.03 -36.26 3.49
CA GLU C 353 15.85 -36.43 2.31
C GLU C 353 15.91 -37.90 1.91
N LYS C 354 16.05 -38.76 2.91
CA LYS C 354 16.11 -40.20 2.67
C LYS C 354 14.82 -40.69 1.99
N HIS C 355 13.68 -40.22 2.52
CA HIS C 355 12.40 -40.60 1.94
C HIS C 355 12.27 -40.09 0.50
N LEU C 356 12.77 -38.89 0.21
CA LEU C 356 12.73 -38.42 -1.17
C LEU C 356 13.57 -39.34 -2.07
N ASP C 357 14.72 -39.79 -1.55
CA ASP C 357 15.65 -40.63 -2.34
C ASP C 357 15.00 -41.95 -2.68
N ARG C 358 14.12 -42.43 -1.81
CA ARG C 358 13.55 -43.74 -2.03
C ARG C 358 12.38 -43.82 -3.03
N ARG C 359 11.95 -42.70 -3.60
CA ARG C 359 10.71 -42.71 -4.42
C ARG C 359 10.96 -43.35 -5.76
N TYR C 360 9.88 -43.79 -6.39
CA TYR C 360 9.95 -44.52 -7.65
C TYR C 360 10.00 -43.54 -8.81
N GLN C 361 10.98 -43.68 -9.69
CA GLN C 361 11.06 -42.81 -10.87
C GLN C 361 10.25 -43.36 -12.04
N LEU C 362 9.26 -42.61 -12.49
CA LEU C 362 8.46 -42.99 -13.64
C LEU C 362 9.23 -42.80 -14.94
N SER C 363 9.04 -43.72 -15.88
CA SER C 363 9.44 -43.52 -17.25
C SER C 363 8.29 -42.79 -17.87
N MET C 364 8.51 -42.21 -19.04
CA MET C 364 7.46 -41.56 -19.79
C MET C 364 6.30 -42.49 -20.19
N GLU C 365 6.58 -43.77 -20.40
CA GLU C 365 5.54 -44.75 -20.80
C GLU C 365 4.66 -45.00 -19.59
N GLU C 366 5.31 -45.16 -18.44
CA GLU C 366 4.60 -45.33 -17.19
C GLU C 366 3.80 -44.07 -16.90
N TYR C 367 4.38 -42.91 -17.18
CA TYR C 367 3.70 -41.64 -16.93
C TYR C 367 2.44 -41.52 -17.77
N GLU C 368 2.50 -42.01 -18.99
CA GLU C 368 1.32 -42.01 -19.85
C GLU C 368 0.20 -42.91 -19.31
N LEU C 369 0.54 -44.07 -18.76
CA LEU C 369 -0.46 -44.97 -18.16
C LEU C 369 -1.15 -44.30 -16.98
N LEU C 370 -0.38 -43.51 -16.24
CA LEU C 370 -0.84 -42.79 -15.06
C LEU C 370 -1.79 -41.68 -15.47
N PHE C 371 -1.34 -40.90 -16.44
CA PHE C 371 -2.11 -39.77 -16.96
C PHE C 371 -3.48 -40.22 -17.50
N LYS C 372 -3.50 -41.28 -18.31
CA LYS C 372 -4.76 -41.83 -18.83
C LYS C 372 -5.60 -42.48 -17.73
N GLY C 373 -4.94 -42.93 -16.66
CA GLY C 373 -5.63 -43.50 -15.49
C GLY C 373 -6.17 -42.47 -14.49
N SER C 374 -5.60 -41.26 -14.47
CA SER C 374 -6.02 -40.24 -13.50
C SER C 374 -7.48 -39.84 -13.68
N GLY C 375 -8.06 -40.09 -14.87
CA GLY C 375 -9.45 -39.78 -15.12
C GLY C 375 -10.40 -40.58 -14.26
N MET C 376 -10.09 -41.84 -13.98
CA MET C 376 -11.00 -42.70 -13.23
C MET C 376 -11.26 -42.19 -11.79
N VAL C 377 -10.34 -41.36 -11.30
CA VAL C 377 -10.50 -40.64 -10.04
C VAL C 377 -10.48 -39.16 -10.37
N ARG C 378 -11.63 -38.55 -10.40
CA ARG C 378 -11.78 -37.25 -10.99
C ARG C 378 -12.82 -36.66 -10.10
N PHE C 379 -12.80 -35.35 -9.89
CA PHE C 379 -13.70 -34.79 -8.91
C PHE C 379 -15.09 -35.34 -9.24
N GLY C 380 -15.86 -35.72 -8.23
CA GLY C 380 -17.23 -36.21 -8.42
C GLY C 380 -17.40 -37.65 -8.89
N THR C 381 -16.29 -38.37 -9.05
CA THR C 381 -16.37 -39.80 -9.25
C THR C 381 -17.18 -40.41 -8.14
N ARG C 382 -18.14 -41.24 -8.52
CA ARG C 382 -19.08 -41.87 -7.61
C ARG C 382 -18.66 -43.27 -7.21
N ASN C 383 -18.35 -44.09 -8.22
CA ASN C 383 -17.91 -45.48 -7.98
C ASN C 383 -16.65 -45.84 -8.76
N VAL C 384 -15.61 -46.29 -8.04
CA VAL C 384 -14.43 -46.80 -8.72
C VAL C 384 -13.61 -47.69 -7.82
N LYS C 385 -13.03 -48.73 -8.43
CA LYS C 385 -12.09 -49.66 -7.78
C LYS C 385 -10.73 -49.45 -8.39
N LEU C 386 -9.74 -49.25 -7.53
CA LEU C 386 -8.39 -48.98 -7.98
C LEU C 386 -7.52 -50.23 -8.04
N ASP C 387 -6.65 -50.24 -9.05
CA ASP C 387 -5.66 -51.30 -9.27
C ASP C 387 -4.30 -50.80 -8.82
N PHE C 388 -3.80 -51.34 -7.72
CA PHE C 388 -2.48 -50.96 -7.21
C PHE C 388 -1.32 -51.46 -8.08
N GLU C 389 -1.63 -52.39 -8.98
CA GLU C 389 -0.65 -52.94 -9.89
C GLU C 389 -0.78 -52.34 -11.29
N MET C 390 -1.52 -51.23 -11.42
CA MET C 390 -1.73 -50.64 -12.73
C MET C 390 -0.42 -50.18 -13.38
N ILE C 391 0.54 -49.81 -12.53
CA ILE C 391 1.92 -49.62 -12.94
C ILE C 391 2.73 -50.63 -12.13
N PRO C 392 2.94 -51.83 -12.71
CA PRO C 392 3.33 -53.04 -12.00
C PRO C 392 4.40 -52.90 -10.93
N GLY C 393 5.45 -52.14 -11.20
CA GLY C 393 6.61 -52.13 -10.29
C GLY C 393 6.50 -51.40 -8.95
N ILE C 394 5.51 -50.53 -8.78
CA ILE C 394 5.63 -49.45 -7.80
C ILE C 394 5.43 -49.89 -6.35
N MET C 395 4.39 -50.65 -6.08
CA MET C 395 4.05 -50.98 -4.69
C MET C 395 5.17 -51.76 -4.00
N GLN C 396 5.38 -52.99 -4.45
CA GLN C 396 6.39 -53.90 -3.91
C GLN C 396 7.83 -53.46 -4.25
N SER C 397 7.99 -52.21 -4.70
CA SER C 397 9.30 -51.67 -4.99
C SER C 397 10.11 -51.44 -3.70
N THR C 398 9.78 -50.35 -3.01
CA THR C 398 10.46 -50.01 -1.74
C THR C 398 9.93 -50.90 -0.61
N GLN C 399 10.71 -51.02 0.46
CA GLN C 399 10.33 -51.78 1.65
C GLN C 399 10.46 -50.89 2.90
N GLU C 400 9.36 -50.20 3.28
CA GLU C 400 9.39 -49.23 4.39
C GLU C 400 8.15 -49.33 5.29
N LYS C 401 7.97 -48.35 6.18
CA LYS C 401 6.78 -48.31 7.05
C LYS C 401 5.48 -48.39 6.24
N PRO C 402 4.35 -48.74 6.90
CA PRO C 402 3.08 -48.83 6.17
C PRO C 402 2.65 -47.49 5.57
N ARG C 403 2.02 -47.54 4.41
CA ARG C 403 1.56 -46.35 3.75
C ARG C 403 0.11 -46.45 3.31
N LEU C 404 -0.59 -45.32 3.35
CA LEU C 404 -2.01 -45.30 3.03
C LEU C 404 -2.24 -45.03 1.56
N PHE C 405 -3.19 -45.76 0.97
CA PHE C 405 -3.56 -45.57 -0.42
C PHE C 405 -5.06 -45.62 -0.58
N LEU C 406 -5.56 -45.00 -1.64
CA LEU C 406 -6.98 -45.00 -1.92
C LEU C 406 -7.35 -46.31 -2.61
N GLU C 407 -8.17 -47.11 -1.95
CA GLU C 407 -8.60 -48.42 -2.49
C GLU C 407 -9.82 -48.32 -3.36
N GLU C 408 -10.82 -47.56 -2.90
CA GLU C 408 -12.05 -47.45 -3.69
C GLU C 408 -12.92 -46.24 -3.32
N ILE C 409 -13.74 -45.82 -4.26
CA ILE C 409 -14.83 -44.90 -3.96
C ILE C 409 -16.13 -45.67 -4.20
N SER C 410 -16.96 -45.71 -3.16
CA SER C 410 -18.24 -46.39 -3.20
C SER C 410 -19.34 -45.44 -2.80
N GLU C 411 -20.21 -45.13 -3.76
CA GLU C 411 -21.24 -44.12 -3.54
C GLU C 411 -20.65 -42.83 -2.93
N PHE C 412 -19.57 -42.35 -3.55
CA PHE C 412 -18.87 -41.14 -3.14
C PHE C 412 -18.03 -41.26 -1.89
N HIS C 413 -18.20 -42.32 -1.10
CA HIS C 413 -17.43 -42.46 0.14
C HIS C 413 -16.11 -43.13 -0.18
N ARG C 414 -15.04 -42.63 0.41
CA ARG C 414 -13.70 -43.14 0.08
C ARG C 414 -13.22 -44.16 1.07
N LYS C 415 -12.65 -45.25 0.54
CA LYS C 415 -12.06 -46.30 1.37
C LYS C 415 -10.58 -46.32 1.10
N TYR C 416 -9.82 -46.31 2.20
CA TYR C 416 -8.37 -46.30 2.17
C TYR C 416 -7.78 -47.56 2.82
N ARG C 417 -6.58 -47.94 2.40
CA ARG C 417 -5.95 -49.19 2.88
C ARG C 417 -4.48 -48.94 3.22
N TRP C 418 -4.04 -49.53 4.31
CA TRP C 418 -2.64 -49.57 4.64
C TRP C 418 -1.91 -50.67 3.88
N ILE C 419 -0.75 -50.34 3.34
CA ILE C 419 0.08 -51.26 2.59
C ILE C 419 1.51 -51.29 3.13
N SER C 420 1.90 -52.46 3.63
CA SER C 420 3.21 -52.69 4.21
C SER C 420 4.15 -53.22 3.13
N VAL D 2 -8.61 -10.18 29.43
CA VAL D 2 -9.26 -9.79 28.13
C VAL D 2 -10.50 -10.63 27.75
N SER D 3 -11.61 -9.97 27.39
CA SER D 3 -12.86 -10.65 26.99
C SER D 3 -12.87 -10.86 25.50
N ALA D 4 -13.75 -11.74 25.02
CA ALA D 4 -13.87 -11.98 23.59
C ALA D 4 -15.26 -12.46 23.19
N GLY D 5 -15.69 -12.06 22.00
CA GLY D 5 -16.90 -12.59 21.42
C GLY D 5 -17.58 -11.64 20.48
N ILE D 6 -18.88 -11.73 20.41
CA ILE D 6 -19.61 -11.04 19.37
C ILE D 6 -19.87 -9.64 19.84
N GLU D 7 -19.44 -8.67 19.05
CA GLU D 7 -19.74 -7.25 19.30
C GLU D 7 -20.98 -6.87 18.51
N ALA D 8 -21.22 -7.56 17.39
CA ALA D 8 -22.39 -7.33 16.55
C ALA D 8 -22.59 -8.45 15.60
N MET D 9 -23.82 -8.61 15.17
CA MET D 9 -24.22 -9.76 14.39
C MET D 9 -25.47 -9.42 13.56
N ASN D 10 -25.48 -9.81 12.29
CA ASN D 10 -26.60 -9.47 11.46
C ASN D 10 -26.84 -10.52 10.40
N VAL D 11 -28.09 -10.60 9.98
CA VAL D 11 -28.61 -11.68 9.18
C VAL D 11 -29.05 -11.09 7.85
N PHE D 12 -28.68 -11.75 6.77
CA PHE D 12 -29.29 -11.48 5.48
C PHE D 12 -29.99 -12.74 5.05
N GLY D 13 -31.30 -12.63 4.90
CA GLY D 13 -32.19 -13.74 4.77
C GLY D 13 -32.80 -13.77 3.39
N GLY D 14 -32.09 -13.19 2.42
CA GLY D 14 -32.50 -13.24 1.04
C GLY D 14 -33.21 -11.99 0.59
N THR D 15 -33.35 -11.87 -0.71
CA THR D 15 -34.11 -10.86 -1.35
C THR D 15 -35.51 -11.41 -1.53
N ALA D 16 -35.61 -12.71 -1.77
CA ALA D 16 -36.84 -13.35 -2.10
C ALA D 16 -37.00 -14.64 -1.33
N TYR D 17 -38.24 -15.01 -1.12
CA TYR D 17 -38.62 -16.20 -0.39
C TYR D 17 -39.92 -16.77 -0.92
N LEU D 18 -40.20 -18.03 -0.61
CA LEU D 18 -41.51 -18.58 -0.93
C LEU D 18 -42.09 -19.30 0.25
N ASP D 19 -43.38 -19.60 0.12
CA ASP D 19 -44.13 -20.27 1.17
C ASP D 19 -43.94 -21.77 1.06
N VAL D 20 -43.42 -22.40 2.11
CA VAL D 20 -42.95 -23.78 1.98
C VAL D 20 -44.09 -24.71 1.60
N MET D 21 -45.26 -24.50 2.20
CA MET D 21 -46.39 -25.43 2.04
C MET D 21 -46.94 -25.35 0.64
N GLU D 22 -47.01 -24.12 0.13
CA GLU D 22 -47.39 -23.85 -1.24
C GLU D 22 -46.49 -24.62 -2.21
N LEU D 23 -45.17 -24.64 -1.94
CA LEU D 23 -44.24 -25.29 -2.85
C LEU D 23 -44.38 -26.81 -2.80
N ALA D 24 -44.72 -27.34 -1.63
CA ALA D 24 -45.01 -28.77 -1.50
C ALA D 24 -46.23 -29.19 -2.35
N LYS D 25 -47.31 -28.41 -2.28
CA LYS D 25 -48.52 -28.68 -3.06
C LYS D 25 -48.22 -28.63 -4.53
N TYR D 26 -47.67 -27.50 -4.98
CA TYR D 26 -47.33 -27.31 -6.40
C TYR D 26 -46.39 -28.43 -6.96
N ARG D 27 -45.59 -29.04 -6.08
CA ARG D 27 -44.74 -30.17 -6.47
C ARG D 27 -45.46 -31.52 -6.25
N HIS D 28 -46.70 -31.48 -5.77
CA HIS D 28 -47.53 -32.68 -5.55
C HIS D 28 -46.87 -33.67 -4.57
N LEU D 29 -46.60 -33.20 -3.34
CA LEU D 29 -46.05 -34.04 -2.26
C LEU D 29 -47.07 -34.28 -1.12
N ASP D 30 -46.72 -35.15 -0.18
CA ASP D 30 -47.66 -35.56 0.89
C ASP D 30 -47.89 -34.45 1.92
N GLU D 35 -45.61 -30.41 7.86
CA GLU D 35 -46.42 -29.91 8.94
C GLU D 35 -45.75 -30.03 10.33
N ASN D 36 -45.46 -31.24 10.74
CA ASN D 36 -44.68 -31.51 11.93
C ASN D 36 -43.56 -30.53 12.11
N LEU D 37 -43.03 -30.11 11.00
CA LEU D 37 -41.69 -29.64 10.91
C LEU D 37 -41.38 -28.20 11.25
N LEU D 38 -42.36 -27.46 11.66
CA LEU D 38 -42.14 -26.03 11.95
C LEU D 38 -41.53 -25.16 10.87
N MET D 39 -41.81 -25.54 9.63
CA MET D 39 -41.38 -24.76 8.46
C MET D 39 -42.52 -23.84 8.02
N LYS D 40 -42.19 -22.64 7.57
CA LYS D 40 -43.19 -21.74 6.98
C LYS D 40 -42.68 -21.11 5.68
N GLU D 41 -41.48 -20.54 5.71
CA GLU D 41 -40.92 -19.86 4.55
C GLU D 41 -39.53 -20.37 4.25
N LYS D 42 -39.14 -20.36 3.00
CA LYS D 42 -37.76 -20.59 2.67
C LYS D 42 -37.26 -19.48 1.76
N ALA D 43 -36.07 -18.98 2.07
CA ALA D 43 -35.40 -18.01 1.24
C ALA D 43 -34.80 -18.70 0.05
N VAL D 44 -34.69 -17.97 -1.06
CA VAL D 44 -34.24 -18.54 -2.35
C VAL D 44 -33.29 -17.58 -3.04
N ALA D 45 -32.07 -18.03 -3.30
CA ALA D 45 -31.12 -17.19 -3.98
C ALA D 45 -31.53 -17.00 -5.42
N LEU D 46 -31.59 -15.75 -5.84
CA LEU D 46 -31.83 -15.43 -7.25
C LEU D 46 -30.55 -15.71 -8.03
N PRO D 47 -30.64 -15.83 -9.34
CA PRO D 47 -29.42 -16.09 -10.11
C PRO D 47 -28.40 -14.94 -10.07
N TYR D 48 -28.88 -13.74 -9.84
CA TYR D 48 -27.99 -12.62 -9.64
C TYR D 48 -27.55 -12.47 -8.19
N GLU D 49 -27.56 -13.58 -7.44
CA GLU D 49 -27.12 -13.59 -6.08
C GLU D 49 -26.20 -14.79 -5.89
N ASP D 50 -25.23 -14.69 -4.99
CA ASP D 50 -24.33 -15.80 -4.69
C ASP D 50 -23.82 -15.67 -3.25
N PRO D 51 -22.93 -16.56 -2.81
CA PRO D 51 -22.53 -16.45 -1.42
C PRO D 51 -21.76 -15.17 -1.06
N VAL D 52 -21.20 -14.51 -2.06
CA VAL D 52 -20.58 -13.23 -1.84
C VAL D 52 -21.65 -12.19 -1.56
N THR D 53 -22.65 -12.17 -2.43
CA THR D 53 -23.82 -11.29 -2.30
C THR D 53 -24.44 -11.38 -0.93
N PHE D 54 -24.73 -12.60 -0.54
CA PHE D 54 -25.36 -12.84 0.74
C PHE D 54 -24.43 -12.41 1.87
N GLY D 55 -23.13 -12.74 1.76
CA GLY D 55 -22.20 -12.41 2.82
C GLY D 55 -21.99 -10.92 2.98
N VAL D 56 -21.78 -10.25 1.87
CA VAL D 56 -21.68 -8.81 1.85
C VAL D 56 -22.95 -8.15 2.41
N ASN D 57 -24.12 -8.56 1.91
CA ASN D 57 -25.36 -7.94 2.39
C ASN D 57 -25.61 -8.22 3.87
N ALA D 58 -25.21 -9.37 4.38
CA ALA D 58 -25.25 -9.57 5.82
C ALA D 58 -24.36 -8.61 6.61
N ALA D 59 -23.12 -8.44 6.14
CA ALA D 59 -22.11 -7.70 6.88
C ALA D 59 -22.15 -6.19 6.71
N LYS D 60 -22.75 -5.71 5.62
CA LYS D 60 -22.75 -4.27 5.34
C LYS D 60 -23.30 -3.42 6.51
N PRO D 61 -24.46 -3.79 7.05
CA PRO D 61 -24.95 -2.92 8.12
C PRO D 61 -24.03 -2.84 9.31
N ILE D 62 -23.25 -3.89 9.54
CA ILE D 62 -22.32 -3.87 10.67
C ILE D 62 -21.22 -2.86 10.41
N ILE D 63 -20.65 -2.96 9.21
CA ILE D 63 -19.56 -2.10 8.80
C ILE D 63 -20.01 -0.61 8.74
N ASP D 64 -21.18 -0.35 8.15
CA ASP D 64 -21.80 0.99 8.18
C ASP D 64 -21.84 1.62 9.56
N ALA D 65 -22.08 0.82 10.58
CA ALA D 65 -22.20 1.36 11.93
C ALA D 65 -20.87 1.57 12.63
N LEU D 66 -19.77 1.16 12.00
CA LEU D 66 -18.45 1.34 12.61
C LEU D 66 -17.81 2.62 12.16
N SER D 67 -16.97 3.19 13.03
CA SER D 67 -16.15 4.34 12.67
C SER D 67 -15.09 3.89 11.71
N GLU D 68 -14.38 4.82 11.09
CA GLU D 68 -13.32 4.43 10.18
C GLU D 68 -12.24 3.68 10.92
N ALA D 69 -11.97 4.11 12.14
CA ALA D 69 -10.90 3.54 12.93
C ALA D 69 -11.24 2.10 13.39
N GLU D 70 -12.50 1.89 13.80
CA GLU D 70 -12.94 0.57 14.25
C GLU D 70 -12.89 -0.44 13.12
N LYS D 71 -13.24 -0.01 11.92
CA LYS D 71 -13.26 -0.86 10.72
C LYS D 71 -11.87 -1.29 10.33
N ASP D 72 -10.92 -0.35 10.39
CA ASP D 72 -9.52 -0.65 10.09
C ASP D 72 -8.92 -1.62 11.06
N ARG D 73 -9.57 -1.87 12.20
CA ARG D 73 -9.09 -2.91 13.14
C ARG D 73 -9.57 -4.31 12.77
N ILE D 74 -10.47 -4.42 11.79
CA ILE D 74 -10.83 -5.72 11.23
C ILE D 74 -9.65 -6.31 10.46
N GLU D 75 -9.05 -7.36 11.04
CA GLU D 75 -7.77 -7.91 10.59
C GLU D 75 -7.86 -9.41 10.29
N LEU D 76 -9.06 -9.96 10.35
CA LEU D 76 -9.30 -11.34 10.08
C LEU D 76 -10.70 -11.42 9.49
N LEU D 77 -10.81 -11.96 8.28
CA LEU D 77 -12.07 -12.19 7.64
C LEU D 77 -12.12 -13.64 7.19
N ILE D 78 -12.92 -14.41 7.89
CA ILE D 78 -13.13 -15.78 7.56
C ILE D 78 -14.55 -15.92 7.01
N THR D 79 -14.72 -16.51 5.83
CA THR D 79 -16.06 -16.88 5.38
C THR D 79 -16.25 -18.39 5.39
N CYS D 80 -17.43 -18.79 5.87
CA CYS D 80 -17.71 -20.19 6.24
C CYS D 80 -18.83 -20.66 5.33
N SER D 81 -18.56 -21.71 4.57
CA SER D 81 -19.47 -22.10 3.51
C SER D 81 -19.25 -23.52 3.07
N GLU D 82 -20.26 -24.05 2.39
CA GLU D 82 -20.15 -25.26 1.62
C GLU D 82 -20.68 -24.99 0.23
N SER D 83 -20.71 -23.71 -0.12
CA SER D 83 -21.23 -23.26 -1.42
C SER D 83 -20.13 -22.54 -2.18
N GLY D 84 -18.89 -23.03 -2.04
CA GLY D 84 -17.72 -22.45 -2.65
C GLY D 84 -17.82 -22.28 -4.15
N ILE D 85 -17.17 -21.23 -4.66
CA ILE D 85 -17.24 -20.88 -6.08
C ILE D 85 -15.96 -21.21 -6.85
N ASP D 86 -14.97 -21.72 -6.14
CA ASP D 86 -13.67 -21.94 -6.73
C ASP D 86 -12.98 -22.88 -5.76
N PHE D 87 -12.01 -23.61 -6.27
CA PHE D 87 -11.20 -24.49 -5.48
C PHE D 87 -10.06 -23.83 -4.71
N GLY D 88 -9.64 -22.65 -5.14
CA GLY D 88 -8.54 -21.97 -4.46
C GLY D 88 -8.89 -20.59 -3.92
N LYS D 89 -9.68 -19.87 -4.71
CA LYS D 89 -10.09 -18.54 -4.45
C LYS D 89 -11.15 -18.50 -3.40
N SER D 90 -10.89 -17.85 -2.28
CA SER D 90 -11.85 -17.79 -1.22
C SER D 90 -12.92 -16.76 -1.53
N LEU D 91 -14.15 -17.04 -1.07
CA LEU D 91 -15.20 -16.03 -1.06
C LEU D 91 -14.71 -14.79 -0.32
N SER D 92 -13.83 -14.94 0.66
CA SER D 92 -13.36 -13.78 1.42
C SER D 92 -12.70 -12.68 0.55
N THR D 93 -12.06 -13.05 -0.55
CA THR D 93 -11.40 -12.05 -1.41
C THR D 93 -12.41 -11.04 -1.94
N TYR D 94 -13.50 -11.54 -2.52
CA TYR D 94 -14.54 -10.65 -3.03
C TYR D 94 -15.22 -9.89 -1.92
N ILE D 95 -15.50 -10.55 -0.83
CA ILE D 95 -16.20 -9.92 0.27
C ILE D 95 -15.36 -8.78 0.85
N HIS D 96 -14.06 -9.02 0.98
CA HIS D 96 -13.10 -7.99 1.46
C HIS D 96 -13.15 -6.73 0.60
N GLU D 97 -13.25 -6.91 -0.70
CA GLU D 97 -13.29 -5.80 -1.69
C GLU D 97 -14.54 -4.95 -1.53
N TYR D 98 -15.71 -5.61 -1.56
CA TYR D 98 -16.97 -4.85 -1.56
C TYR D 98 -17.39 -4.29 -0.20
N LEU D 99 -16.83 -4.80 0.87
CA LEU D 99 -17.00 -4.18 2.19
C LEU D 99 -15.99 -3.07 2.45
N GLY D 100 -14.97 -2.96 1.60
CA GLY D 100 -13.97 -1.93 1.71
C GLY D 100 -13.06 -2.06 2.91
N LEU D 101 -12.75 -3.29 3.32
CA LEU D 101 -11.85 -3.51 4.45
C LEU D 101 -10.40 -3.09 4.16
N ASN D 102 -9.64 -2.83 5.22
CA ASN D 102 -8.23 -2.59 5.11
C ASN D 102 -7.47 -3.83 4.61
N ARG D 103 -6.48 -3.59 3.76
CA ARG D 103 -5.60 -4.63 3.24
C ARG D 103 -4.74 -5.36 4.27
N ASN D 104 -4.52 -4.76 5.42
CA ASN D 104 -3.82 -5.44 6.55
C ASN D 104 -4.77 -6.41 7.25
N CYS D 105 -5.06 -7.54 6.60
CA CYS D 105 -6.13 -8.46 7.02
C CYS D 105 -5.87 -9.84 6.49
N ARG D 106 -5.86 -10.86 7.33
CA ARG D 106 -5.90 -12.23 6.87
C ARG D 106 -7.26 -12.51 6.30
N LEU D 107 -7.31 -13.23 5.21
CA LEU D 107 -8.58 -13.66 4.67
C LEU D 107 -8.53 -15.09 4.10
N PHE D 108 -9.57 -15.85 4.39
CA PHE D 108 -9.70 -17.20 3.87
C PHE D 108 -11.10 -17.76 4.11
N GLU D 109 -11.31 -19.01 3.68
CA GLU D 109 -12.57 -19.69 3.76
C GLU D 109 -12.40 -20.95 4.57
N VAL D 110 -13.35 -21.25 5.47
CA VAL D 110 -13.32 -22.55 6.17
C VAL D 110 -14.47 -23.45 5.78
N LYS D 111 -14.22 -24.75 5.82
CA LYS D 111 -15.19 -25.74 5.35
C LYS D 111 -15.18 -27.03 6.17
N GLN D 112 -16.35 -27.34 6.72
CA GLN D 112 -16.69 -28.58 7.37
C GLN D 112 -18.19 -28.74 7.45
N ALA D 113 -18.86 -28.78 6.33
CA ALA D 113 -20.32 -28.86 6.34
C ALA D 113 -20.89 -27.71 7.17
N CYS D 114 -21.90 -27.99 8.00
CA CYS D 114 -22.54 -26.94 8.78
C CYS D 114 -21.79 -26.51 10.07
N TYR D 115 -20.67 -27.20 10.37
CA TYR D 115 -19.75 -26.78 11.44
C TYR D 115 -18.87 -25.58 11.03
N SER D 116 -18.88 -25.24 9.73
CA SER D 116 -17.99 -24.20 9.21
C SER D 116 -18.04 -22.89 10.00
N GLY D 117 -19.25 -22.43 10.29
CA GLY D 117 -19.44 -21.14 10.99
C GLY D 117 -18.81 -21.12 12.36
N THR D 118 -19.13 -22.12 13.18
CA THR D 118 -18.58 -22.28 14.51
C THR D 118 -17.07 -22.41 14.46
N ALA D 119 -16.57 -23.15 13.49
CA ALA D 119 -15.12 -23.31 13.35
C ALA D 119 -14.48 -21.97 13.12
N GLY D 120 -15.03 -21.24 12.18
CA GLY D 120 -14.57 -19.86 11.92
C GLY D 120 -14.64 -18.95 13.15
N PHE D 121 -15.74 -19.03 13.85
CA PHE D 121 -15.97 -18.18 15.01
C PHE D 121 -14.97 -18.50 16.09
N GLN D 122 -14.71 -19.77 16.30
CA GLN D 122 -13.78 -20.17 17.37
C GLN D 122 -12.35 -19.78 17.05
N MET D 123 -11.96 -19.87 15.78
CA MET D 123 -10.64 -19.39 15.40
C MET D 123 -10.59 -17.88 15.62
N ALA D 124 -11.65 -17.17 15.25
CA ALA D 124 -11.67 -15.71 15.49
C ALA D 124 -11.54 -15.31 16.97
N VAL D 125 -12.30 -16.00 17.82
CA VAL D 125 -12.18 -15.84 19.28
C VAL D 125 -10.73 -15.99 19.77
N ASN D 126 -10.06 -17.03 19.29
CA ASN D 126 -8.69 -17.29 19.69
C ASN D 126 -7.70 -16.23 19.18
N PHE D 127 -7.97 -15.65 18.02
CA PHE D 127 -7.21 -14.49 17.55
C PHE D 127 -7.31 -13.36 18.58
N ILE D 128 -8.52 -13.02 19.01
CA ILE D 128 -8.69 -12.04 20.06
C ILE D 128 -7.99 -12.45 21.36
N LEU D 129 -8.27 -13.64 21.89
CA LEU D 129 -7.67 -14.05 23.15
C LEU D 129 -6.15 -14.19 23.08
N SER D 130 -5.63 -14.55 21.92
CA SER D 130 -4.18 -14.59 21.74
C SER D 130 -3.48 -13.25 21.94
N GLN D 131 -4.20 -12.14 21.77
CA GLN D 131 -3.58 -10.81 21.82
C GLN D 131 -2.33 -10.71 20.95
N THR D 132 -2.29 -11.43 19.86
CA THR D 132 -1.23 -11.23 18.91
C THR D 132 -1.41 -9.88 18.18
N SER D 133 -2.61 -9.30 18.27
CA SER D 133 -2.85 -7.97 17.73
C SER D 133 -3.85 -7.25 18.58
N PRO D 134 -3.40 -6.71 19.73
CA PRO D 134 -4.31 -6.09 20.70
C PRO D 134 -5.20 -5.06 20.06
N GLY D 135 -6.49 -5.10 20.38
CA GLY D 135 -7.48 -4.17 19.82
C GLY D 135 -8.03 -4.61 18.46
N ALA D 136 -7.48 -5.67 17.88
CA ALA D 136 -7.96 -6.12 16.59
C ALA D 136 -9.34 -6.75 16.73
N LYS D 137 -10.05 -6.77 15.61
CA LYS D 137 -11.37 -7.40 15.50
C LYS D 137 -11.27 -8.42 14.39
N ALA D 138 -12.26 -9.30 14.32
CA ALA D 138 -12.40 -10.22 13.24
C ALA D 138 -13.84 -10.22 12.80
N LEU D 139 -14.08 -10.68 11.58
CA LEU D 139 -15.39 -10.74 10.98
C LEU D 139 -15.54 -12.13 10.41
N VAL D 140 -16.53 -12.85 10.88
CA VAL D 140 -16.73 -14.19 10.44
C VAL D 140 -18.08 -14.17 9.78
N ILE D 141 -18.12 -14.65 8.55
CA ILE D 141 -19.33 -14.64 7.76
C ILE D 141 -19.67 -16.02 7.27
N ALA D 142 -20.78 -16.57 7.78
CA ALA D 142 -21.26 -17.84 7.29
C ALA D 142 -22.26 -17.59 6.20
N SER D 143 -22.04 -18.20 5.04
CA SER D 143 -22.88 -17.91 3.88
C SER D 143 -23.09 -19.15 3.03
N ASP D 144 -24.35 -19.54 2.88
CA ASP D 144 -24.68 -20.73 2.09
C ASP D 144 -25.96 -20.54 1.30
N ILE D 145 -26.04 -21.18 0.14
CA ILE D 145 -27.23 -21.12 -0.70
C ILE D 145 -27.50 -22.53 -1.22
N SER D 146 -28.74 -22.80 -1.59
CA SER D 146 -29.14 -24.06 -2.17
C SER D 146 -29.60 -23.78 -3.61
N ARG D 147 -28.83 -24.22 -4.59
CA ARG D 147 -29.28 -24.22 -5.98
C ARG D 147 -29.65 -25.66 -6.40
N PHE D 148 -30.33 -25.79 -7.54
CA PHE D 148 -30.76 -27.12 -8.05
C PHE D 148 -30.66 -27.19 -9.56
N SER D 162 -35.98 -34.41 -3.73
CA SER D 162 -37.38 -33.91 -3.77
C SER D 162 -37.88 -33.30 -2.46
N TYR D 163 -37.77 -34.04 -1.34
CA TYR D 163 -38.26 -33.57 -0.04
C TYR D 163 -37.31 -32.53 0.63
N ALA D 164 -36.13 -32.33 0.02
CA ALA D 164 -35.16 -31.30 0.45
C ALA D 164 -35.47 -29.91 -0.12
N GLU D 165 -36.09 -29.86 -1.30
CA GLU D 165 -36.37 -28.59 -1.99
C GLU D 165 -37.18 -27.57 -1.18
N PRO D 166 -38.30 -27.99 -0.56
CA PRO D 166 -39.07 -27.00 0.24
C PRO D 166 -38.36 -26.56 1.54
N SER D 167 -37.45 -27.40 2.03
CA SER D 167 -36.72 -27.16 3.28
C SER D 167 -35.42 -26.35 3.14
N ALA D 168 -34.77 -26.46 1.99
CA ALA D 168 -33.40 -25.97 1.80
C ALA D 168 -33.33 -24.49 1.40
N GLY D 169 -32.66 -23.72 2.25
CA GLY D 169 -32.75 -22.30 2.20
C GLY D 169 -31.50 -21.63 1.70
N ALA D 170 -31.42 -20.33 1.96
CA ALA D 170 -30.29 -19.53 1.55
C ALA D 170 -30.25 -18.37 2.46
N GLY D 171 -29.07 -18.03 2.94
CA GLY D 171 -28.93 -17.01 3.96
C GLY D 171 -27.49 -16.84 4.39
N ALA D 172 -27.21 -15.73 5.06
CA ALA D 172 -25.90 -15.50 5.63
C ALA D 172 -25.99 -14.75 6.93
N VAL D 173 -25.05 -15.04 7.81
CA VAL D 173 -24.96 -14.32 9.06
C VAL D 173 -23.54 -13.88 9.22
N ALA D 174 -23.37 -12.59 9.45
CA ALA D 174 -22.09 -11.97 9.66
C ALA D 174 -21.92 -11.66 11.12
N VAL D 175 -20.72 -11.91 11.64
CA VAL D 175 -20.49 -11.87 13.06
C VAL D 175 -19.22 -11.10 13.30
N LEU D 176 -19.31 -9.94 13.94
CA LEU D 176 -18.14 -9.16 14.24
C LEU D 176 -17.69 -9.57 15.61
N VAL D 177 -16.43 -9.98 15.72
CA VAL D 177 -15.86 -10.51 16.93
C VAL D 177 -14.78 -9.56 17.44
N GLY D 178 -14.73 -9.36 18.75
CA GLY D 178 -13.79 -8.42 19.34
C GLY D 178 -13.76 -8.42 20.86
N GLU D 179 -13.12 -7.39 21.41
CA GLU D 179 -12.75 -7.33 22.84
C GLU D 179 -13.83 -6.78 23.78
N ASN D 180 -14.94 -6.24 23.23
CA ASN D 180 -16.08 -5.71 24.03
C ASN D 180 -17.39 -6.35 23.62
N PRO D 181 -17.52 -7.64 23.88
CA PRO D 181 -18.62 -8.34 23.22
C PRO D 181 -19.88 -8.26 24.03
N GLU D 182 -20.61 -7.15 23.90
CA GLU D 182 -21.87 -7.02 24.63
C GLU D 182 -22.93 -7.99 24.12
N VAL D 183 -22.87 -8.45 22.87
CA VAL D 183 -24.00 -9.27 22.38
C VAL D 183 -23.81 -10.77 22.68
N PHE D 184 -22.57 -11.23 22.77
CA PHE D 184 -22.32 -12.60 23.16
C PHE D 184 -20.85 -12.69 23.61
N GLN D 185 -20.62 -12.56 24.90
CA GLN D 185 -19.27 -12.70 25.48
C GLN D 185 -19.03 -14.17 25.77
N ILE D 186 -18.06 -14.78 25.11
CA ILE D 186 -17.89 -16.21 25.29
C ILE D 186 -17.22 -16.51 26.63
N ASP D 187 -17.52 -17.71 27.14
CA ASP D 187 -16.91 -18.26 28.32
C ASP D 187 -15.65 -18.98 27.87
N PRO D 188 -14.50 -18.38 28.14
CA PRO D 188 -13.29 -18.95 27.56
C PRO D 188 -13.02 -20.33 28.06
N GLY D 189 -12.75 -21.24 27.15
CA GLY D 189 -12.35 -22.59 27.50
C GLY D 189 -13.55 -23.48 27.78
N ALA D 190 -14.74 -22.90 27.78
CA ALA D 190 -15.95 -23.65 28.05
C ALA D 190 -16.40 -24.20 26.72
N ASN D 191 -15.72 -25.27 26.28
CA ASN D 191 -15.90 -25.82 24.94
C ASN D 191 -15.88 -27.34 24.94
N GLY D 192 -16.92 -27.96 24.40
CA GLY D 192 -16.91 -29.39 24.22
C GLY D 192 -16.94 -29.64 22.74
N TYR D 193 -15.81 -29.97 22.12
CA TYR D 193 -15.79 -30.31 20.67
C TYR D 193 -15.59 -31.79 20.49
N TYR D 194 -16.24 -32.31 19.46
CA TYR D 194 -16.28 -33.75 19.20
C TYR D 194 -16.46 -34.00 17.74
N GLY D 195 -15.66 -34.91 17.20
CA GLY D 195 -15.67 -35.17 15.78
C GLY D 195 -15.13 -36.56 15.51
N TYR D 196 -15.56 -37.11 14.38
CA TYR D 196 -15.08 -38.37 13.88
C TYR D 196 -15.67 -38.54 12.50
N GLU D 197 -15.05 -39.41 11.73
CA GLU D 197 -15.45 -39.64 10.35
C GLU D 197 -16.69 -40.45 10.34
N VAL D 198 -17.69 -40.00 9.60
CA VAL D 198 -18.91 -40.77 9.40
C VAL D 198 -19.37 -40.67 7.96
N MET D 199 -19.84 -41.79 7.44
CA MET D 199 -20.44 -41.88 6.09
C MET D 199 -21.84 -41.26 6.10
N ASP D 200 -21.99 -40.08 5.51
CA ASP D 200 -23.15 -39.20 5.73
C ASP D 200 -23.46 -38.41 4.44
N THR D 201 -24.60 -37.71 4.43
CA THR D 201 -24.93 -36.76 3.34
C THR D 201 -23.80 -35.75 3.20
N CYS D 202 -23.21 -35.68 2.02
CA CYS D 202 -22.12 -34.73 1.73
C CYS D 202 -22.42 -33.94 0.43
N ARG D 203 -21.43 -33.24 -0.12
CA ARG D 203 -21.68 -32.47 -1.34
C ARG D 203 -20.59 -32.72 -2.42
N PRO D 204 -20.53 -33.96 -2.94
CA PRO D 204 -19.41 -34.40 -3.78
C PRO D 204 -19.53 -33.99 -5.24
N ILE D 205 -20.65 -33.38 -5.61
CA ILE D 205 -20.96 -32.99 -6.98
C ILE D 205 -21.14 -31.48 -6.97
N PRO D 206 -20.70 -30.78 -8.04
CA PRO D 206 -20.82 -29.32 -8.09
C PRO D 206 -22.11 -28.70 -7.50
N ASP D 207 -23.27 -28.96 -8.11
CA ASP D 207 -24.46 -28.15 -7.78
C ASP D 207 -25.56 -28.90 -7.04
N SER D 208 -25.18 -29.90 -6.25
CA SER D 208 -26.15 -30.81 -5.63
C SER D 208 -25.54 -31.55 -4.45
N GLU D 209 -26.37 -32.38 -3.81
CA GLU D 209 -25.95 -33.25 -2.71
C GLU D 209 -26.02 -34.72 -3.08
N ALA D 210 -25.50 -35.56 -2.18
CA ALA D 210 -25.60 -37.01 -2.28
C ALA D 210 -25.23 -37.63 -0.93
N GLY D 211 -25.33 -38.95 -0.82
CA GLY D 211 -25.09 -39.64 0.45
C GLY D 211 -26.40 -40.01 1.10
N ASP D 212 -26.43 -40.05 2.43
CA ASP D 212 -27.55 -40.65 3.14
C ASP D 212 -27.82 -39.98 4.48
N SER D 213 -29.00 -39.37 4.63
CA SER D 213 -29.41 -38.78 5.91
C SER D 213 -29.98 -39.85 6.86
N ASP D 214 -29.50 -41.07 6.67
CA ASP D 214 -29.99 -42.22 7.38
C ASP D 214 -29.36 -42.26 8.77
N LEU D 215 -28.08 -41.91 8.81
CA LEU D 215 -27.31 -41.83 10.06
C LEU D 215 -27.27 -40.40 10.61
N SER D 216 -27.66 -39.43 9.78
CA SER D 216 -27.53 -38.02 10.12
C SER D 216 -28.04 -37.71 11.51
N LEU D 217 -29.28 -38.11 11.81
CA LEU D 217 -29.93 -37.78 13.08
C LEU D 217 -29.24 -38.42 14.25
N MET D 218 -28.96 -39.70 14.10
CA MET D 218 -28.23 -40.47 15.10
C MET D 218 -26.90 -39.77 15.48
N SER D 219 -26.18 -39.31 14.46
CA SER D 219 -24.90 -38.66 14.69
C SER D 219 -25.08 -37.29 15.34
N TYR D 220 -26.10 -36.56 14.89
CA TYR D 220 -26.42 -35.25 15.46
C TYR D 220 -26.70 -35.43 16.95
N LEU D 221 -27.48 -36.44 17.29
CA LEU D 221 -27.82 -36.68 18.68
C LEU D 221 -26.66 -37.23 19.48
N ASP D 222 -25.89 -38.14 18.91
CA ASP D 222 -24.64 -38.57 19.53
C ASP D 222 -23.78 -37.36 19.85
N CYS D 223 -23.55 -36.52 18.84
CA CYS D 223 -22.68 -35.36 19.02
C CYS D 223 -23.25 -34.42 20.05
N CYS D 224 -24.55 -34.18 19.94
CA CYS D 224 -25.20 -33.27 20.91
C CYS D 224 -24.94 -33.67 22.38
N GLU D 225 -25.03 -34.96 22.67
CA GLU D 225 -24.74 -35.48 23.99
C GLU D 225 -23.26 -35.38 24.35
N GLN D 226 -22.41 -35.89 23.46
CA GLN D 226 -20.98 -35.95 23.76
C GLN D 226 -20.33 -34.57 23.89
N THR D 227 -20.80 -33.58 23.12
CA THR D 227 -20.25 -32.22 23.24
C THR D 227 -20.57 -31.68 24.59
N PHE D 228 -21.79 -31.90 25.07
CA PHE D 228 -22.10 -31.40 26.40
C PHE D 228 -21.32 -32.10 27.51
N LEU D 229 -21.16 -33.42 27.40
CA LEU D 229 -20.37 -34.15 28.40
C LEU D 229 -18.91 -33.69 28.40
N GLU D 230 -18.39 -33.34 27.24
CA GLU D 230 -17.03 -32.79 27.21
C GLU D 230 -17.01 -31.39 27.86
N TYR D 231 -18.05 -30.61 27.60
CA TYR D 231 -18.18 -29.30 28.20
C TYR D 231 -18.20 -29.45 29.73
N GLN D 232 -19.02 -30.37 30.26
CA GLN D 232 -19.05 -30.61 31.72
C GLN D 232 -17.70 -30.98 32.27
N LYS D 233 -16.98 -31.82 31.53
CA LYS D 233 -15.68 -32.26 31.97
C LYS D 233 -14.75 -31.07 32.17
N ARG D 234 -14.83 -30.06 31.32
CA ARG D 234 -13.96 -28.87 31.42
C ARG D 234 -14.58 -27.77 32.24
N VAL D 235 -15.90 -27.84 32.46
CA VAL D 235 -16.60 -26.83 33.26
C VAL D 235 -17.32 -27.52 34.42
N PRO D 236 -16.61 -27.75 35.52
CA PRO D 236 -17.24 -28.54 36.59
C PRO D 236 -18.47 -27.79 37.17
N GLY D 237 -19.55 -28.53 37.43
CA GLY D 237 -20.78 -27.95 37.93
C GLY D 237 -21.77 -27.58 36.85
N ALA D 238 -21.32 -27.56 35.61
CA ALA D 238 -22.23 -27.23 34.52
C ALA D 238 -23.37 -28.20 34.50
N ASN D 239 -24.53 -27.71 34.09
CA ASN D 239 -25.77 -28.44 34.17
C ASN D 239 -26.65 -27.99 33.02
N TYR D 240 -27.26 -28.91 32.31
CA TYR D 240 -27.97 -28.60 31.05
C TYR D 240 -29.27 -27.81 31.21
N GLN D 241 -29.80 -27.79 32.42
CA GLN D 241 -31.11 -27.21 32.71
C GLN D 241 -30.96 -25.83 33.35
N ASP D 242 -30.14 -25.71 34.38
CA ASP D 242 -30.01 -24.50 35.16
C ASP D 242 -28.94 -23.55 34.64
N THR D 243 -27.89 -24.07 34.02
CA THR D 243 -26.74 -23.24 33.63
C THR D 243 -27.08 -22.31 32.47
N PHE D 244 -27.98 -22.77 31.60
CA PHE D 244 -28.36 -22.09 30.36
C PHE D 244 -29.79 -21.58 30.38
N GLN D 245 -29.94 -20.27 30.25
CA GLN D 245 -31.24 -19.65 30.25
C GLN D 245 -31.85 -19.80 28.88
N TYR D 246 -31.05 -19.82 27.82
CA TYR D 246 -31.56 -20.25 26.50
C TYR D 246 -30.56 -21.20 25.88
N LEU D 247 -31.01 -21.95 24.87
CA LEU D 247 -30.18 -22.88 24.13
C LEU D 247 -30.42 -22.70 22.65
N ALA D 248 -29.34 -22.72 21.88
CA ALA D 248 -29.40 -22.61 20.42
C ALA D 248 -28.69 -23.77 19.80
N TYR D 249 -29.22 -24.24 18.69
CA TYR D 249 -28.77 -25.48 18.05
C TYR D 249 -28.64 -25.27 16.56
N HIS D 250 -27.76 -26.04 15.91
CA HIS D 250 -27.78 -26.09 14.46
C HIS D 250 -29.18 -26.51 14.11
N THR D 251 -29.89 -25.65 13.38
CA THR D 251 -31.28 -25.92 13.09
C THR D 251 -31.60 -25.84 11.60
N PRO D 252 -31.65 -27.00 10.95
CA PRO D 252 -32.04 -27.11 9.56
C PRO D 252 -33.52 -26.83 9.44
N PHE D 253 -34.28 -27.39 10.37
CA PHE D 253 -35.69 -27.04 10.53
C PHE D 253 -36.08 -27.22 12.02
N GLY D 254 -37.04 -26.40 12.47
CA GLY D 254 -37.46 -26.42 13.88
C GLY D 254 -37.80 -27.78 14.44
N GLY D 255 -38.44 -28.61 13.62
CA GLY D 255 -38.97 -29.90 14.03
C GLY D 255 -37.92 -30.83 14.60
N MET D 256 -36.77 -30.91 13.96
CA MET D 256 -35.75 -31.79 14.48
C MET D 256 -35.03 -31.24 15.71
N VAL D 257 -34.98 -29.93 15.86
CA VAL D 257 -34.42 -29.36 17.08
C VAL D 257 -35.36 -29.56 18.27
N LYS D 258 -36.67 -29.50 18.00
CA LYS D 258 -37.62 -29.79 19.04
C LYS D 258 -37.40 -31.22 19.48
N GLY D 259 -37.27 -32.12 18.53
CA GLY D 259 -36.97 -33.51 18.81
C GLY D 259 -35.67 -33.69 19.56
N ALA D 260 -34.63 -32.97 19.14
CA ALA D 260 -33.34 -33.15 19.76
C ALA D 260 -33.27 -32.58 21.16
N HIS D 261 -33.94 -31.45 21.40
CA HIS D 261 -34.09 -30.94 22.75
C HIS D 261 -34.78 -31.97 23.67
N ARG D 262 -35.86 -32.57 23.17
CA ARG D 262 -36.61 -33.53 23.97
C ARG D 262 -35.68 -34.65 24.36
N THR D 263 -34.99 -35.19 23.36
CA THR D 263 -34.03 -36.26 23.62
C THR D 263 -32.97 -35.84 24.63
N MET D 264 -32.43 -34.63 24.50
CA MET D 264 -31.43 -34.17 25.48
C MET D 264 -31.96 -34.07 26.90
N MET D 265 -33.20 -33.61 27.05
CA MET D 265 -33.76 -33.46 28.39
C MET D 265 -34.02 -34.81 29.08
N ARG D 266 -34.35 -35.83 28.30
CA ARG D 266 -34.42 -37.21 28.78
C ARG D 266 -33.05 -37.85 28.99
N LYS D 267 -32.23 -37.85 27.96
CA LYS D 267 -30.89 -38.44 28.02
C LYS D 267 -29.96 -37.78 29.03
N VAL D 268 -29.79 -36.47 28.94
CA VAL D 268 -28.74 -35.79 29.70
C VAL D 268 -29.25 -35.13 30.96
N ALA D 269 -30.32 -34.35 30.85
CA ALA D 269 -30.82 -33.60 32.02
C ALA D 269 -31.64 -34.50 32.90
N LYS D 270 -32.22 -35.50 32.27
CA LYS D 270 -32.91 -36.55 32.99
C LYS D 270 -34.00 -35.94 33.84
N VAL D 271 -34.93 -35.27 33.18
CA VAL D 271 -36.07 -34.66 33.85
C VAL D 271 -37.33 -35.37 33.38
N LYS D 272 -38.42 -35.12 34.08
CA LYS D 272 -39.66 -35.83 33.77
C LYS D 272 -40.26 -35.31 32.50
N THR D 273 -40.82 -36.24 31.75
CA THR D 273 -41.42 -35.95 30.45
C THR D 273 -42.38 -34.75 30.47
N SER D 274 -43.13 -34.59 31.55
CA SER D 274 -44.21 -33.61 31.56
C SER D 274 -43.73 -32.15 31.47
N GLY D 275 -42.52 -31.85 31.96
CA GLY D 275 -42.01 -30.46 32.00
C GLY D 275 -41.21 -30.04 30.75
N ILE D 276 -40.99 -30.97 29.84
CA ILE D 276 -40.13 -30.76 28.68
C ILE D 276 -40.72 -29.71 27.70
N GLU D 277 -41.99 -29.86 27.35
CA GLU D 277 -42.65 -28.90 26.45
C GLU D 277 -42.53 -27.45 26.94
N THR D 278 -42.68 -27.26 28.25
CA THR D 278 -42.49 -25.97 28.84
C THR D 278 -41.02 -25.50 28.64
N ASP D 279 -40.05 -26.34 29.02
CA ASP D 279 -38.62 -26.01 28.84
C ASP D 279 -38.31 -25.64 27.36
N PHE D 280 -38.87 -26.39 26.42
CA PHE D 280 -38.72 -26.06 24.99
C PHE D 280 -39.26 -24.67 24.61
N LEU D 281 -40.48 -24.37 25.07
CA LEU D 281 -41.08 -23.08 24.80
C LEU D 281 -40.33 -21.93 25.44
N THR D 282 -39.77 -22.12 26.62
CA THR D 282 -39.14 -20.96 27.24
C THR D 282 -37.68 -20.80 26.85
N ARG D 283 -37.00 -21.90 26.49
CA ARG D 283 -35.54 -21.86 26.29
C ARG D 283 -35.09 -22.06 24.82
N VAL D 284 -35.93 -22.64 23.99
CA VAL D 284 -35.53 -23.05 22.64
C VAL D 284 -36.35 -22.41 21.53
N LYS D 285 -37.65 -22.22 21.77
CA LYS D 285 -38.58 -21.67 20.78
C LYS D 285 -38.16 -20.29 20.28
N PRO D 286 -37.61 -19.44 21.17
CA PRO D 286 -37.19 -18.12 20.72
C PRO D 286 -36.11 -18.21 19.65
N GLY D 287 -35.16 -19.14 19.83
CA GLY D 287 -34.12 -19.37 18.87
C GLY D 287 -34.61 -19.87 17.52
N LEU D 288 -35.82 -20.41 17.47
CA LEU D 288 -36.34 -21.03 16.26
C LEU D 288 -37.14 -20.07 15.40
N ASN D 289 -37.39 -18.85 15.88
CA ASN D 289 -38.25 -17.97 15.13
C ASN D 289 -37.70 -17.68 13.72
N TYR D 290 -36.43 -17.29 13.61
CA TYR D 290 -35.92 -16.88 12.30
C TYR D 290 -35.72 -18.02 11.32
N CYS D 291 -35.47 -19.22 11.83
CA CYS D 291 -35.31 -20.34 10.95
C CYS D 291 -36.57 -20.62 10.12
N GLN D 292 -37.74 -20.37 10.68
CA GLN D 292 -38.99 -20.57 9.96
C GLN D 292 -39.18 -19.59 8.81
N ARG D 293 -38.48 -18.47 8.89
CA ARG D 293 -38.59 -17.41 7.90
C ARG D 293 -37.65 -17.64 6.74
N VAL D 294 -36.71 -18.57 6.88
CA VAL D 294 -35.57 -18.60 5.98
C VAL D 294 -35.24 -19.99 5.47
N GLY D 295 -35.43 -21.01 6.29
CA GLY D 295 -35.14 -22.39 5.92
C GLY D 295 -33.79 -22.78 6.48
N ASN D 296 -33.34 -23.95 6.09
CA ASN D 296 -32.00 -24.46 6.43
C ASN D 296 -30.92 -23.64 5.73
N ILE D 297 -30.13 -22.85 6.48
CA ILE D 297 -29.02 -22.11 5.90
C ILE D 297 -27.67 -22.64 6.34
N MET D 298 -27.66 -23.92 6.59
CA MET D 298 -26.45 -24.70 6.69
C MET D 298 -25.47 -24.13 7.71
N GLY D 299 -24.30 -23.70 7.26
CA GLY D 299 -23.22 -23.26 8.18
C GLY D 299 -23.55 -22.02 8.95
N ALA D 300 -24.63 -21.35 8.55
CA ALA D 300 -25.14 -20.16 9.22
C ALA D 300 -26.32 -20.46 10.16
N ALA D 301 -26.83 -21.68 10.12
CA ALA D 301 -28.04 -22.02 10.85
C ALA D 301 -27.91 -21.78 12.33
N LEU D 302 -26.83 -22.19 12.94
CA LEU D 302 -26.72 -21.98 14.39
C LEU D 302 -26.63 -20.48 14.73
N PHE D 303 -25.84 -19.73 13.97
CA PHE D 303 -25.75 -18.30 14.20
C PHE D 303 -27.12 -17.66 14.04
N LEU D 304 -27.90 -18.14 13.05
CA LEU D 304 -29.23 -17.60 12.86
C LEU D 304 -30.04 -17.83 14.10
N ALA D 305 -29.97 -19.05 14.62
CA ALA D 305 -30.72 -19.38 15.84
C ALA D 305 -30.21 -18.59 17.04
N LEU D 306 -28.91 -18.37 17.12
CA LEU D 306 -28.41 -17.54 18.19
C LEU D 306 -29.01 -16.14 18.07
N ALA D 307 -29.09 -15.62 16.84
CA ALA D 307 -29.51 -14.24 16.63
C ALA D 307 -30.99 -14.12 16.92
N SER D 308 -31.74 -15.13 16.51
CA SER D 308 -33.15 -15.26 16.84
C SER D 308 -33.34 -15.26 18.33
N THR D 309 -32.49 -16.02 19.01
CA THR D 309 -32.59 -16.12 20.45
C THR D 309 -32.44 -14.75 21.11
N ILE D 310 -31.46 -13.98 20.65
CA ILE D 310 -31.13 -12.69 21.27
C ILE D 310 -32.21 -11.64 20.97
N ASP D 311 -32.78 -11.65 19.75
CA ASP D 311 -33.84 -10.71 19.42
C ASP D 311 -35.18 -11.09 20.10
N GLN D 312 -35.49 -12.39 20.23
CA GLN D 312 -36.82 -12.83 20.66
C GLN D 312 -36.90 -13.18 22.13
N GLY D 313 -35.78 -13.34 22.80
CA GLY D 313 -35.80 -13.64 24.24
C GLY D 313 -35.83 -12.43 25.15
N ARG D 314 -35.59 -12.68 26.43
CA ARG D 314 -35.67 -11.67 27.45
C ARG D 314 -34.33 -11.50 28.18
N PHE D 315 -33.80 -10.29 28.16
CA PHE D 315 -32.47 -10.04 28.73
C PHE D 315 -32.51 -8.80 29.59
N ASP D 316 -33.51 -8.73 30.48
CA ASP D 316 -33.54 -7.63 31.48
C ASP D 316 -32.24 -7.70 32.27
N THR D 317 -31.74 -8.90 32.52
CA THR D 317 -30.43 -9.09 33.17
C THR D 317 -29.61 -10.02 32.26
N PRO D 318 -28.29 -10.07 32.44
CA PRO D 318 -27.46 -10.96 31.61
C PRO D 318 -27.81 -12.44 31.72
N LYS D 319 -28.02 -13.09 30.57
CA LYS D 319 -28.40 -14.51 30.50
C LYS D 319 -27.30 -15.28 29.79
N ARG D 320 -27.08 -16.53 30.21
CA ARG D 320 -26.14 -17.43 29.54
C ARG D 320 -26.85 -18.29 28.49
N ILE D 321 -26.30 -18.35 27.28
CA ILE D 321 -26.86 -19.14 26.23
C ILE D 321 -25.86 -20.24 25.91
N GLY D 322 -26.34 -21.46 25.70
CA GLY D 322 -25.52 -22.58 25.27
C GLY D 322 -25.78 -22.86 23.80
N CYS D 323 -24.72 -23.07 23.01
CA CYS D 323 -24.83 -23.26 21.58
C CYS D 323 -24.23 -24.57 21.12
N PHE D 324 -24.97 -25.31 20.30
CA PHE D 324 -24.52 -26.56 19.78
C PHE D 324 -24.43 -26.49 18.28
N SER D 325 -23.26 -26.84 17.78
CA SER D 325 -22.97 -26.79 16.40
C SER D 325 -22.71 -28.18 15.93
N TYR D 326 -23.27 -28.53 14.77
CA TYR D 326 -22.97 -29.83 14.15
C TYR D 326 -22.74 -29.66 12.67
N GLY D 327 -21.85 -30.46 12.12
CA GLY D 327 -21.73 -30.52 10.68
C GLY D 327 -21.57 -31.97 10.27
N SER D 328 -22.28 -32.39 9.23
CA SER D 328 -22.11 -33.75 8.73
C SER D 328 -20.66 -34.10 8.44
N GLY D 329 -20.29 -35.34 8.71
CA GLY D 329 -19.01 -35.85 8.22
C GLY D 329 -17.99 -36.42 9.18
N CYS D 330 -17.88 -35.96 10.43
CA CYS D 330 -18.70 -34.92 11.06
C CYS D 330 -17.82 -34.16 12.08
N CYS D 331 -18.28 -33.04 12.53
CA CYS D 331 -17.67 -32.42 13.67
C CYS D 331 -18.71 -31.59 14.37
N SER D 332 -18.45 -31.28 15.62
CA SER D 332 -19.46 -30.63 16.43
C SER D 332 -18.81 -29.96 17.58
N GLU D 333 -19.53 -29.00 18.17
CA GLU D 333 -19.02 -28.30 19.34
C GLU D 333 -20.15 -27.73 20.16
N PHE D 334 -19.98 -27.73 21.47
CA PHE D 334 -20.92 -27.05 22.35
C PHE D 334 -20.16 -25.99 23.08
N TYR D 335 -20.72 -24.79 23.09
CA TYR D 335 -20.07 -23.67 23.76
C TYR D 335 -21.10 -22.68 24.26
N SER D 336 -20.65 -21.74 25.09
CA SER D 336 -21.57 -20.86 25.77
C SER D 336 -21.04 -19.44 25.92
N GLY D 337 -21.98 -18.53 26.17
CA GLY D 337 -21.65 -17.13 26.35
C GLY D 337 -22.73 -16.38 27.08
N ILE D 338 -22.41 -15.16 27.49
CA ILE D 338 -23.37 -14.25 28.13
C ILE D 338 -23.83 -13.19 27.15
N THR D 339 -25.12 -12.89 27.11
CA THR D 339 -25.57 -11.67 26.41
C THR D 339 -26.30 -10.76 27.36
N THR D 340 -26.03 -9.46 27.25
CA THR D 340 -26.52 -8.46 28.20
C THR D 340 -27.68 -7.67 27.60
N PRO D 341 -28.46 -6.96 28.44
CA PRO D 341 -29.47 -6.03 27.94
C PRO D 341 -28.94 -5.07 26.88
N GLN D 342 -27.69 -4.61 27.03
CA GLN D 342 -27.08 -3.69 26.05
C GLN D 342 -26.87 -4.42 24.72
N GLY D 343 -26.44 -5.68 24.82
CA GLY D 343 -26.24 -6.53 23.66
C GLY D 343 -27.49 -6.67 22.83
N GLN D 344 -28.75 -7.22 23.58
CA GLN D 344 -29.98 -7.21 22.88
C GLN D 344 -30.24 -5.91 22.14
N GLU D 345 -29.93 -4.79 22.73
CA GLU D 345 -30.32 -3.54 22.16
C GLU D 345 -29.52 -3.13 20.96
N ARG D 346 -28.22 -3.32 21.02
CA ARG D 346 -27.35 -3.26 19.85
C ARG D 346 -27.93 -4.12 18.73
N GLN D 347 -28.26 -5.35 19.05
CA GLN D 347 -28.86 -6.24 18.06
C GLN D 347 -30.18 -5.75 17.46
N ARG D 348 -30.96 -5.04 18.26
CA ARG D 348 -32.23 -4.57 17.75
C ARG D 348 -32.04 -3.52 16.69
N THR D 349 -30.99 -2.72 16.80
CA THR D 349 -30.74 -1.67 15.80
C THR D 349 -30.63 -2.20 14.38
N PHE D 350 -30.31 -3.49 14.22
CA PHE D 350 -30.12 -4.05 12.89
C PHE D 350 -31.43 -4.37 12.21
N GLY D 351 -32.47 -4.46 13.03
CA GLY D 351 -33.81 -4.67 12.51
C GLY D 351 -33.91 -5.91 11.66
N ILE D 352 -33.49 -7.06 12.19
CA ILE D 352 -33.50 -8.29 11.43
C ILE D 352 -34.89 -8.72 11.04
N GLU D 353 -35.81 -8.66 12.00
CA GLU D 353 -37.17 -9.05 11.74
C GLU D 353 -37.79 -8.18 10.64
N LYS D 354 -37.54 -6.88 10.73
CA LYS D 354 -38.08 -5.93 9.78
C LYS D 354 -37.59 -6.25 8.37
N HIS D 355 -36.29 -6.53 8.26
CA HIS D 355 -35.73 -6.93 7.00
C HIS D 355 -36.35 -8.23 6.48
N LEU D 356 -36.60 -9.20 7.36
CA LEU D 356 -37.28 -10.43 6.89
C LEU D 356 -38.70 -10.15 6.39
N ASP D 357 -39.41 -9.24 7.05
CA ASP D 357 -40.77 -8.86 6.64
C ASP D 357 -40.78 -8.22 5.26
N ARG D 358 -39.71 -7.49 4.91
CA ARG D 358 -39.70 -6.74 3.65
C ARG D 358 -39.37 -7.55 2.38
N ARG D 359 -39.05 -8.84 2.50
CA ARG D 359 -38.57 -9.57 1.34
C ARG D 359 -39.71 -9.82 0.36
N TYR D 360 -39.34 -10.12 -0.88
CA TYR D 360 -40.30 -10.30 -1.96
C TYR D 360 -40.78 -11.75 -1.95
N GLN D 361 -42.09 -11.94 -1.96
CA GLN D 361 -42.67 -13.29 -1.99
C GLN D 361 -42.87 -13.77 -3.41
N LEU D 362 -42.21 -14.86 -3.77
CA LEU D 362 -42.31 -15.44 -5.09
C LEU D 362 -43.63 -16.17 -5.21
N SER D 363 -44.24 -16.08 -6.38
CA SER D 363 -45.29 -16.98 -6.76
C SER D 363 -44.60 -18.20 -7.32
N MET D 364 -45.34 -19.29 -7.46
CA MET D 364 -44.83 -20.50 -8.08
C MET D 364 -44.36 -20.32 -9.53
N GLU D 365 -44.99 -19.40 -10.26
CA GLU D 365 -44.64 -19.15 -11.67
C GLU D 365 -43.31 -18.43 -11.69
N GLU D 366 -43.17 -17.45 -10.79
CA GLU D 366 -41.91 -16.72 -10.64
C GLU D 366 -40.83 -17.68 -10.18
N TYR D 367 -41.18 -18.58 -9.26
CA TYR D 367 -40.24 -19.58 -8.76
C TYR D 367 -39.73 -20.47 -9.90
N GLU D 368 -40.60 -20.83 -10.83
CA GLU D 368 -40.17 -21.62 -11.97
C GLU D 368 -39.19 -20.88 -12.90
N LEU D 369 -39.40 -19.58 -13.09
CA LEU D 369 -38.48 -18.74 -13.91
C LEU D 369 -37.10 -18.69 -13.29
N LEU D 370 -37.07 -18.69 -11.96
CA LEU D 370 -35.86 -18.63 -11.16
C LEU D 370 -35.11 -19.95 -11.24
N PHE D 371 -35.83 -21.03 -11.01
CA PHE D 371 -35.28 -22.38 -11.08
C PHE D 371 -34.63 -22.65 -12.45
N LYS D 372 -35.34 -22.33 -13.53
CA LYS D 372 -34.81 -22.52 -14.90
C LYS D 372 -33.64 -21.58 -15.19
N GLY D 373 -33.60 -20.43 -14.52
CA GLY D 373 -32.52 -19.46 -14.66
C GLY D 373 -31.28 -19.74 -13.82
N SER D 374 -31.45 -20.49 -12.73
CA SER D 374 -30.32 -20.80 -11.85
C SER D 374 -29.20 -21.56 -12.56
N GLY D 375 -29.50 -22.21 -13.67
CA GLY D 375 -28.51 -22.93 -14.45
C GLY D 375 -27.43 -22.02 -15.03
N MET D 376 -27.80 -20.82 -15.46
CA MET D 376 -26.83 -19.93 -16.11
C MET D 376 -25.67 -19.52 -15.19
N VAL D 377 -25.90 -19.64 -13.88
CA VAL D 377 -24.87 -19.47 -12.86
C VAL D 377 -24.73 -20.79 -12.14
N ARG D 378 -23.72 -21.55 -12.47
CA ARG D 378 -23.66 -22.94 -12.10
C ARG D 378 -22.18 -23.13 -11.94
N PHE D 379 -21.75 -24.00 -11.05
CA PHE D 379 -20.34 -23.99 -10.63
C PHE D 379 -19.24 -23.77 -11.67
N GLY D 380 -19.36 -24.36 -12.84
CA GLY D 380 -18.27 -24.11 -13.80
C GLY D 380 -18.29 -22.80 -14.61
N THR D 381 -19.28 -21.96 -14.39
CA THR D 381 -19.62 -20.95 -15.37
C THR D 381 -18.50 -19.98 -15.61
N ARG D 382 -18.17 -19.78 -16.88
CA ARG D 382 -17.02 -18.97 -17.33
C ARG D 382 -17.43 -17.58 -17.76
N ASN D 383 -18.45 -17.48 -18.60
CA ASN D 383 -19.00 -16.19 -19.04
C ASN D 383 -20.53 -16.11 -18.94
N VAL D 384 -21.03 -15.10 -18.24
CA VAL D 384 -22.46 -14.86 -18.21
C VAL D 384 -22.77 -13.45 -17.79
N LYS D 385 -23.83 -12.91 -18.38
CA LYS D 385 -24.39 -11.59 -18.05
C LYS D 385 -25.76 -11.81 -17.44
N LEU D 386 -25.98 -11.22 -16.28
CA LEU D 386 -27.24 -11.38 -15.58
C LEU D 386 -28.24 -10.27 -15.85
N ASP D 387 -29.51 -10.65 -15.89
CA ASP D 387 -30.64 -9.73 -16.07
C ASP D 387 -31.32 -9.54 -14.71
N PHE D 388 -31.21 -8.35 -14.15
CA PHE D 388 -31.84 -8.03 -12.89
C PHE D 388 -33.36 -7.90 -12.97
N GLU D 389 -33.87 -7.80 -14.20
CA GLU D 389 -35.30 -7.73 -14.47
C GLU D 389 -35.87 -9.07 -14.94
N MET D 390 -35.13 -10.15 -14.78
CA MET D 390 -35.58 -11.46 -15.24
C MET D 390 -36.87 -11.88 -14.52
N ILE D 391 -37.04 -11.46 -13.27
CA ILE D 391 -38.31 -11.53 -12.56
C ILE D 391 -38.69 -10.08 -12.27
N PRO D 392 -39.44 -9.47 -13.20
CA PRO D 392 -39.62 -8.02 -13.31
C PRO D 392 -39.79 -7.24 -12.01
N GLY D 393 -40.60 -7.74 -11.09
CA GLY D 393 -40.96 -6.92 -9.93
C GLY D 393 -39.93 -6.68 -8.82
N ILE D 394 -38.87 -7.47 -8.78
CA ILE D 394 -38.13 -7.69 -7.53
C ILE D 394 -37.23 -6.54 -7.13
N MET D 395 -36.42 -6.04 -8.06
CA MET D 395 -35.43 -5.00 -7.71
C MET D 395 -36.08 -3.72 -7.15
N GLN D 396 -36.78 -3.00 -8.04
CA GLN D 396 -37.48 -1.76 -7.70
C GLN D 396 -38.70 -1.97 -6.79
N SER D 397 -38.84 -3.17 -6.21
CA SER D 397 -39.88 -3.45 -5.23
C SER D 397 -39.82 -2.84 -3.83
N THR D 398 -38.77 -3.17 -3.07
CA THR D 398 -38.48 -2.50 -1.80
C THR D 398 -37.60 -1.25 -2.02
N GLN D 399 -37.63 -0.33 -1.07
CA GLN D 399 -36.81 0.88 -1.12
C GLN D 399 -35.98 1.01 0.18
N GLU D 400 -34.76 0.45 0.17
CA GLU D 400 -33.92 0.37 1.37
C GLU D 400 -32.45 0.71 1.06
N LYS D 401 -31.57 0.47 2.03
CA LYS D 401 -30.14 0.71 1.83
C LYS D 401 -29.63 -0.02 0.58
N PRO D 402 -28.45 0.39 0.05
CA PRO D 402 -27.90 -0.27 -1.15
C PRO D 402 -27.58 -1.74 -0.92
N ARG D 403 -27.80 -2.54 -1.95
CA ARG D 403 -27.54 -3.97 -1.86
C ARG D 403 -26.70 -4.50 -3.01
N LEU D 404 -25.89 -5.50 -2.73
CA LEU D 404 -24.97 -6.03 -3.71
C LEU D 404 -25.60 -7.16 -4.48
N PHE D 405 -25.38 -7.16 -5.80
CA PHE D 405 -25.83 -8.25 -6.65
C PHE D 405 -24.76 -8.66 -7.66
N LEU D 406 -24.81 -9.90 -8.12
CA LEU D 406 -23.87 -10.39 -9.10
C LEU D 406 -24.29 -9.92 -10.48
N GLU D 407 -23.46 -9.11 -11.12
CA GLU D 407 -23.74 -8.52 -12.44
C GLU D 407 -23.27 -9.40 -13.56
N GLU D 408 -22.06 -9.92 -13.45
CA GLU D 408 -21.54 -10.77 -14.52
C GLU D 408 -20.36 -11.64 -14.11
N ILE D 409 -20.17 -12.72 -14.84
CA ILE D 409 -18.94 -13.50 -14.75
C ILE D 409 -18.24 -13.37 -16.08
N SER D 410 -16.99 -12.92 -16.03
CA SER D 410 -16.18 -12.69 -17.22
C SER D 410 -14.86 -13.44 -17.07
N GLU D 411 -14.65 -14.45 -17.90
CA GLU D 411 -13.50 -15.35 -17.77
C GLU D 411 -13.31 -15.79 -16.32
N PHE D 412 -14.41 -16.28 -15.73
CA PHE D 412 -14.46 -16.77 -14.35
C PHE D 412 -14.37 -15.73 -13.26
N HIS D 413 -14.05 -14.47 -13.59
CA HIS D 413 -13.93 -13.41 -12.57
C HIS D 413 -15.30 -12.76 -12.38
N ARG D 414 -15.71 -12.56 -11.12
CA ARG D 414 -17.05 -12.10 -10.83
C ARG D 414 -17.10 -10.61 -10.62
N LYS D 415 -18.12 -9.97 -11.22
CA LYS D 415 -18.33 -8.54 -11.09
C LYS D 415 -19.64 -8.32 -10.41
N TYR D 416 -19.61 -7.48 -9.38
CA TYR D 416 -20.74 -7.22 -8.54
C TYR D 416 -21.12 -5.75 -8.65
N ARG D 417 -22.38 -5.43 -8.40
CA ARG D 417 -22.87 -4.06 -8.48
C ARG D 417 -23.75 -3.70 -7.29
N TRP D 418 -23.59 -2.49 -6.80
CA TRP D 418 -24.50 -1.94 -5.81
C TRP D 418 -25.78 -1.42 -6.45
N ILE D 419 -26.93 -1.74 -5.84
CA ILE D 419 -28.21 -1.27 -6.32
C ILE D 419 -29.04 -0.61 -5.21
N SER D 420 -29.34 0.67 -5.42
CA SER D 420 -30.08 1.50 -4.48
C SER D 420 -31.55 1.50 -4.87
C1 PEG E . -3.37 43.52 18.89
O1 PEG E . -2.38 44.43 18.37
C2 PEG E . -3.02 42.08 18.50
O2 PEG E . -4.21 41.32 18.34
C3 PEG E . -4.29 40.46 17.20
C4 PEG E . -5.69 39.84 17.08
O4 PEG E . -6.57 40.67 16.30
C1 PEG F . -19.95 -20.00 33.47
O1 PEG F . -18.77 -19.34 33.96
C2 PEG F . -19.77 -21.45 33.07
O2 PEG F . -20.74 -22.19 33.79
C3 PEG F . -20.27 -22.97 34.91
C4 PEG F . -20.87 -22.54 36.26
O4 PEG F . -20.66 -23.53 37.28
C1 PEG G . -21.93 -15.11 35.63
O1 PEG G . -20.94 -16.19 35.52
C2 PEG G . -22.75 -14.88 34.34
O2 PEG G . -24.17 -14.65 34.58
C3 PEG G . -25.20 -15.53 34.06
C4 PEG G . -25.81 -16.41 35.19
O4 PEG G . -27.19 -16.74 34.98
#